data_7Y6V
#
_entry.id   7Y6V
#
_cell.length_a   1.00
_cell.length_b   1.00
_cell.length_c   1.00
_cell.angle_alpha   90.00
_cell.angle_beta   90.00
_cell.angle_gamma   90.00
#
_symmetry.space_group_name_H-M   'P 1'
#
loop_
_entity.id
_entity.type
_entity.pdbx_description
1 polymer 'Spike glycoprotein'
2 branched beta-D-mannopyranose-(1-4)-2-acetamido-2-deoxy-beta-D-glucopyranose-(1-4)-[alpha-L-fucopyranose-(1-6)]2-acetamido-2-deoxy-beta-D-glucopyranose
3 branched alpha-D-mannopyranose-(1-3)-[alpha-D-mannopyranose-(1-6)]beta-D-mannopyranose-(1-4)-2-acetamido-2-deoxy-beta-D-glucopyranose-(1-4)-2-acetamido-2-deoxy-beta-D-glucopyranose
4 branched alpha-L-fucopyranose-(1-6)-2-acetamido-2-deoxy-beta-D-glucopyranose
5 branched beta-D-mannopyranose-(1-4)-2-acetamido-2-deoxy-beta-D-glucopyranose-(1-4)-2-acetamido-2-deoxy-beta-D-glucopyranose
6 branched 2-acetamido-2-deoxy-beta-D-glucopyranose-(1-4)-2-acetamido-2-deoxy-beta-D-glucopyranose
7 branched 2-acetamido-2-deoxy-beta-D-glucopyranose-(1-4)-[alpha-L-fucopyranose-(1-6)]2-acetamido-2-deoxy-beta-D-glucopyranose
8 non-polymer 2-acetamido-2-deoxy-beta-D-glucopyranose
#
_entity_poly.entity_id   1
_entity_poly.type   'polypeptide(L)'
_entity_poly.pdbx_seq_one_letter_code
;MKSLTYFWLFLPVLSTLSLPQDVTRCSAKTNFRRFFSKFNVQAPAVVVLGGYLPIGENQGVNSTWYCAGQHPTASGVHGI
FVSHIRGGHGFEIGISQEPFDPSGYQLYLHKATNGNTNATARLRICQFPSIKTLGPTANNDVTIGRNCLFNKAIPAHMSE
HSVVGITWDNDRVTVFSDKIYYFYFKNDWSRVATKCYNSGGCAMQYVYEPTYYMLNVTSAGEDGISYQPCTANCIGYAAN
VFATEPNGHIPEGFSFNNWFLLSNDSTLVHGKVVSNQPLLVNCLLAIPKIYGLGQFFSFNQTIDGVCNGAAVQRAPEALR
FNINDTSVILAEGSIVLHTALGTNFSFVCSNSSNPHLATFAIPLGATQVPYYCFFKVDTYNSTVYKFLAVLPPTVREIVI
TKYGDVYVNGFGYLHLGLLDAVTINFTGHGTDDDVSGFWTIASTNFVDALIEVQGTAIQRILYCDDPVSQLKCSQVAFDL
DDGFYPFSSRNLLSHEQPISFVTLPSFNAHSFVNITVSASFGGHSGANLIASDTTINGFSSFCVDTRQFTISLSYNVTNS
YGYVSNSQDSNCPFTLQSVNDYLSFSKFCVSTSLLASACTIDLFGYPEFGSGVKFTSLYFQFTKGELITGTPKPLEGVTD
VSFMTLDVCTKYTIYGFKGEGIITLTNSSFLAGVYYTSDSGQLLAFKNVTSGAVYSVTPCSFSEQAAYVDDDIVGVISSL
SSSTFNSTRELPGFFYHSNDGSNCTEPVLVYSNIGVCKSGSIGYVPSQSGQVKIAPTVTGNISIPTNFSMSIRTEYLQLY
NTPVSVDCATYVCNGNSRCKQLLTQYTAACKTIESALQLSARLESVEVNSMLTISEEALQLATISSFNGDGYNFTNVLGV
SVYDPARGRVVQKRSFIEDLLFNKVVTNGLGTVDEDYKRCSNGRSVADLVCAQYYSGVMVLPGVVDAEKLHMYSASLIGG
MVLGGFTAAAALPFSYAVQARLNYLALQTDVLQRNQQLLAESFNSAIGNITSAFESVKEASSQTSRGLNTVAHALTKVQE
VVNSQGAALTQLTVQLQHNFQAISSSIDDIYSRLDPPSADVQVDRLITGRLSALNAFVAQTLTKYTEVQASRKLAQQKVN
ECVKSQSQRYGFCGGDGEHIFSLVQAAPQGLLFLHTVLVPSDFVDVIAIAGLCVNDEIALTLREPGLVLFTHELQNHTAT
EYFVSSRRMFEPRKPTVSDFVQIESCVVTYVNLTRDQLPDVIPDYIDVNKTRDEILASLPNRTGPSLPLDVFNATYLNLT
GEIADLEQRSESLRNTTEELQSLIYNINNTLVDLEWLNRVETYIKWPEFGSGGYIPEAPRDGQAYVRKDGEWVLLSTFLK
GQDNSADIQHSGRPLESRGPFEQKLISEEDLNMHTGHHHHHH
;
_entity_poly.pdbx_strand_id   A
#
loop_
_chem_comp.id
_chem_comp.type
_chem_comp.name
_chem_comp.formula
BMA D-saccharide, beta linking beta-D-mannopyranose 'C6 H12 O6'
FUC L-saccharide, alpha linking alpha-L-fucopyranose 'C6 H12 O5'
MAN D-saccharide, alpha linking alpha-D-mannopyranose 'C6 H12 O6'
NAG D-saccharide, beta linking 2-acetamido-2-deoxy-beta-D-glucopyranose 'C8 H15 N O6'
#
# COMPACT_ATOMS: atom_id res chain seq x y z
N ASN A 31 -9.69 -18.74 48.51
CA ASN A 31 -9.89 -17.30 48.49
C ASN A 31 -9.15 -16.66 47.32
N PHE A 32 -7.83 -16.55 47.46
CA PHE A 32 -6.90 -16.07 46.44
C PHE A 32 -7.11 -14.62 46.04
N ARG A 33 -8.03 -13.89 46.67
CA ARG A 33 -8.22 -12.49 46.32
C ARG A 33 -6.98 -11.67 46.65
N ARG A 34 -6.43 -11.87 47.85
CA ARG A 34 -5.26 -11.11 48.26
C ARG A 34 -4.06 -11.42 47.38
N PHE A 35 -3.87 -12.69 47.03
CA PHE A 35 -2.72 -13.08 46.22
C PHE A 35 -2.74 -12.37 44.87
N PHE A 36 -3.89 -12.37 44.20
CA PHE A 36 -4.00 -11.72 42.91
C PHE A 36 -4.10 -10.21 43.02
N SER A 37 -4.40 -9.68 44.20
CA SER A 37 -4.33 -8.24 44.40
C SER A 37 -2.90 -7.72 44.27
N LYS A 38 -1.90 -8.58 44.42
CA LYS A 38 -0.51 -8.15 44.33
C LYS A 38 -0.15 -7.73 42.92
N PHE A 39 -0.74 -8.38 41.91
CA PHE A 39 -0.56 -7.94 40.53
C PHE A 39 -1.37 -6.66 40.34
N ASN A 40 -0.78 -5.55 40.76
CA ASN A 40 -1.48 -4.28 40.80
C ASN A 40 -1.98 -3.90 39.42
N VAL A 41 -3.31 -3.89 39.26
CA VAL A 41 -3.95 -3.60 37.98
C VAL A 41 -5.09 -2.62 38.23
N GLN A 42 -5.42 -1.85 37.20
CA GLN A 42 -6.51 -0.89 37.31
C GLN A 42 -7.85 -1.60 37.50
N ALA A 43 -8.75 -0.95 38.23
CA ALA A 43 -10.01 -1.57 38.58
C ALA A 43 -10.87 -1.95 37.38
N PRO A 44 -11.12 -1.08 36.40
CA PRO A 44 -12.05 -1.43 35.32
C PRO A 44 -11.46 -2.28 34.21
N ALA A 45 -10.29 -2.89 34.41
CA ALA A 45 -9.59 -3.60 33.35
C ALA A 45 -9.70 -5.10 33.56
N VAL A 46 -10.04 -5.82 32.49
CA VAL A 46 -9.99 -7.28 32.47
C VAL A 46 -8.66 -7.70 31.86
N VAL A 47 -7.96 -8.61 32.54
CA VAL A 47 -6.59 -8.93 32.19
C VAL A 47 -6.35 -10.43 32.21
N VAL A 48 -5.16 -10.81 31.71
CA VAL A 48 -4.74 -12.20 31.59
C VAL A 48 -3.48 -12.41 32.41
N LEU A 49 -3.41 -13.52 33.13
CA LEU A 49 -2.30 -13.89 33.99
C LEU A 49 -1.62 -15.12 33.43
N GLY A 50 -0.29 -15.17 33.51
CA GLY A 50 0.46 -16.31 33.03
C GLY A 50 1.62 -16.62 33.95
N GLY A 51 1.97 -17.90 33.98
CA GLY A 51 3.13 -18.37 34.72
C GLY A 51 2.76 -19.42 35.75
N TYR A 52 3.73 -19.74 36.59
CA TYR A 52 3.57 -20.76 37.62
C TYR A 52 2.72 -20.20 38.76
N LEU A 53 1.41 -20.16 38.52
CA LEU A 53 0.45 -19.65 39.47
C LEU A 53 -0.25 -20.80 40.19
N PRO A 54 -0.93 -20.52 41.29
CA PRO A 54 -1.72 -21.57 41.95
C PRO A 54 -2.75 -22.16 40.99
N ILE A 55 -2.91 -23.47 41.08
CA ILE A 55 -3.65 -24.23 40.08
C ILE A 55 -5.10 -24.43 40.50
N GLY A 56 -5.52 -23.70 41.52
CA GLY A 56 -6.87 -23.86 42.04
C GLY A 56 -6.99 -25.06 42.95
N GLU A 57 -8.24 -25.45 43.18
CA GLU A 57 -8.55 -26.55 44.08
C GLU A 57 -9.43 -27.64 43.48
N ASN A 58 -10.24 -27.31 42.48
CA ASN A 58 -11.24 -28.26 42.00
C ASN A 58 -11.17 -28.49 40.50
N GLN A 59 -10.91 -27.43 39.74
CA GLN A 59 -10.97 -27.48 38.29
C GLN A 59 -9.67 -28.02 37.71
N GLY A 60 -9.79 -28.78 36.63
CA GLY A 60 -8.65 -29.38 35.97
C GLY A 60 -8.07 -30.52 36.80
N VAL A 61 -6.99 -31.10 36.29
CA VAL A 61 -6.26 -32.10 37.06
C VAL A 61 -5.73 -31.47 38.35
N ASN A 62 -4.80 -30.51 38.20
CA ASN A 62 -4.45 -29.50 39.19
C ASN A 62 -4.59 -29.97 40.63
N SER A 63 -5.32 -29.19 41.43
CA SER A 63 -5.66 -29.53 42.81
C SER A 63 -4.46 -30.06 43.59
N THR A 64 -4.55 -31.31 44.04
CA THR A 64 -3.48 -31.98 44.80
C THR A 64 -3.07 -31.16 46.01
N TRP A 65 -4.05 -30.56 46.68
CA TRP A 65 -3.80 -29.89 47.94
C TRP A 65 -3.56 -30.93 49.02
N TYR A 66 -2.38 -30.87 49.65
CA TYR A 66 -1.98 -31.91 50.59
C TYR A 66 -2.55 -31.67 51.98
N CYS A 67 -2.21 -30.52 52.58
CA CYS A 67 -2.77 -30.09 53.86
C CYS A 67 -2.57 -31.13 54.96
N ALA A 68 -1.43 -31.84 54.92
CA ALA A 68 -1.15 -32.85 55.92
C ALA A 68 0.35 -33.05 56.03
N GLY A 69 0.77 -33.61 57.15
CA GLY A 69 2.18 -33.90 57.36
C GLY A 69 2.61 -35.22 56.75
N GLN A 70 2.11 -35.51 55.55
CA GLN A 70 2.48 -36.74 54.85
C GLN A 70 3.82 -36.64 54.15
N HIS A 71 4.35 -35.43 53.96
CA HIS A 71 5.65 -35.21 53.36
C HIS A 71 5.82 -35.87 52.00
N PRO A 72 5.10 -35.41 50.98
CA PRO A 72 5.28 -35.98 49.64
C PRO A 72 6.52 -35.38 48.97
N THR A 73 7.52 -36.24 48.73
CA THR A 73 8.75 -35.84 48.08
C THR A 73 8.55 -35.89 46.57
N ALA A 74 8.91 -34.80 45.89
CA ALA A 74 8.63 -34.68 44.47
C ALA A 74 9.88 -34.21 43.72
N SER A 75 9.90 -34.49 42.42
CA SER A 75 11.01 -34.13 41.55
C SER A 75 10.48 -33.42 40.31
N GLY A 76 11.30 -32.55 39.75
CA GLY A 76 10.91 -31.82 38.57
C GLY A 76 9.95 -30.67 38.81
N VAL A 77 9.71 -30.31 40.06
CA VAL A 77 8.76 -29.25 40.38
C VAL A 77 9.41 -27.90 40.12
N HIS A 78 8.60 -26.93 39.66
CA HIS A 78 9.09 -25.59 39.40
C HIS A 78 8.60 -24.55 40.39
N GLY A 79 7.46 -24.77 41.04
CA GLY A 79 7.00 -23.82 42.03
C GLY A 79 6.22 -24.52 43.13
N ILE A 80 6.15 -23.86 44.29
CA ILE A 80 5.33 -24.33 45.39
C ILE A 80 4.54 -23.16 45.96
N PHE A 81 3.41 -23.50 46.58
CA PHE A 81 2.50 -22.50 47.11
C PHE A 81 1.88 -23.01 48.40
N VAL A 82 1.62 -22.08 49.31
CA VAL A 82 0.80 -22.31 50.50
C VAL A 82 -0.30 -21.27 50.50
N SER A 83 -1.55 -21.72 50.68
CA SER A 83 -2.71 -20.86 50.45
C SER A 83 -3.42 -20.41 51.71
N HIS A 84 -3.55 -21.26 52.72
CA HIS A 84 -4.28 -20.90 53.92
C HIS A 84 -3.37 -21.05 55.12
N ILE A 85 -3.33 -20.03 55.96
CA ILE A 85 -2.62 -20.06 57.23
C ILE A 85 -3.69 -20.02 58.32
N ARG A 86 -3.98 -21.18 58.90
CA ARG A 86 -4.99 -21.26 59.95
C ARG A 86 -4.42 -20.68 61.24
N GLY A 87 -4.25 -19.37 61.26
CA GLY A 87 -3.69 -18.68 62.42
C GLY A 87 -2.17 -18.71 62.46
N GLY A 88 -1.59 -19.85 62.85
CA GLY A 88 -0.15 -19.92 62.97
C GLY A 88 0.48 -21.28 62.73
N HIS A 89 -0.23 -22.19 62.07
CA HIS A 89 0.27 -23.56 61.92
C HIS A 89 1.62 -23.63 61.23
N GLY A 90 2.36 -24.70 61.49
CA GLY A 90 3.73 -24.82 61.05
C GLY A 90 3.88 -24.95 59.54
N PHE A 91 5.12 -25.00 59.11
CA PHE A 91 5.44 -24.90 57.69
C PHE A 91 6.90 -25.30 57.45
N GLU A 92 7.16 -26.36 56.68
CA GLU A 92 8.54 -26.78 56.44
C GLU A 92 8.74 -27.07 54.96
N ILE A 93 9.78 -26.47 54.39
CA ILE A 93 10.10 -26.62 52.97
C ILE A 93 11.60 -26.90 52.84
N GLY A 94 11.94 -27.89 52.02
CA GLY A 94 13.33 -28.14 51.67
C GLY A 94 13.47 -28.37 50.18
N ILE A 95 14.23 -27.50 49.52
CA ILE A 95 14.37 -27.52 48.07
C ILE A 95 15.82 -27.81 47.73
N SER A 96 16.04 -28.80 46.87
CA SER A 96 17.38 -29.29 46.57
C SER A 96 17.42 -29.82 45.14
N GLN A 97 18.65 -29.92 44.62
CA GLN A 97 18.86 -30.48 43.30
C GLN A 97 18.54 -31.97 43.29
N GLU A 98 17.91 -32.43 42.21
CA GLU A 98 17.70 -33.87 42.07
C GLU A 98 18.99 -34.67 42.02
N PRO A 99 20.04 -34.24 41.31
CA PRO A 99 21.34 -34.94 41.44
C PRO A 99 21.91 -34.89 42.85
N PHE A 100 21.28 -34.18 43.78
CA PHE A 100 21.72 -34.13 45.18
C PHE A 100 23.14 -33.61 45.30
N ASP A 101 23.47 -32.62 44.48
CA ASP A 101 24.83 -32.10 44.44
C ASP A 101 25.17 -31.39 45.76
N PRO A 102 26.21 -31.82 46.46
CA PRO A 102 26.62 -31.07 47.66
C PRO A 102 27.19 -29.71 47.33
N SER A 103 27.86 -29.56 46.18
CA SER A 103 28.41 -28.27 45.81
C SER A 103 27.33 -27.25 45.50
N GLY A 104 26.18 -27.70 44.98
CA GLY A 104 25.10 -26.79 44.68
C GLY A 104 24.46 -26.22 45.92
N TYR A 105 23.65 -25.18 45.72
CA TYR A 105 23.00 -24.49 46.82
C TYR A 105 21.63 -25.09 47.09
N GLN A 106 21.34 -25.34 48.36
CA GLN A 106 20.04 -25.81 48.81
C GLN A 106 19.30 -24.71 49.54
N LEU A 107 17.99 -24.93 49.71
CA LEU A 107 17.13 -24.01 50.44
C LEU A 107 16.36 -24.78 51.49
N TYR A 108 16.26 -24.22 52.69
CA TYR A 108 15.40 -24.80 53.72
C TYR A 108 14.74 -23.68 54.50
N LEU A 109 13.40 -23.71 54.55
CA LEU A 109 12.61 -22.76 55.31
C LEU A 109 11.78 -23.52 56.33
N HIS A 110 11.74 -23.02 57.54
CA HIS A 110 11.10 -23.75 58.64
C HIS A 110 10.48 -22.77 59.62
N LYS A 111 9.17 -22.91 59.87
CA LYS A 111 8.52 -22.25 60.99
C LYS A 111 7.52 -23.24 61.58
N ALA A 112 7.99 -24.01 62.56
CA ALA A 112 7.10 -24.86 63.36
C ALA A 112 6.65 -24.14 64.61
N THR A 113 6.16 -22.91 64.42
CA THR A 113 5.76 -22.04 65.51
C THR A 113 4.44 -21.37 65.16
N ASN A 114 3.66 -21.03 66.18
CA ASN A 114 2.34 -20.45 65.98
C ASN A 114 2.22 -19.06 66.60
N GLY A 115 3.34 -18.36 66.75
CA GLY A 115 3.32 -17.02 67.31
C GLY A 115 2.92 -15.93 66.34
N ASN A 116 2.67 -16.28 65.09
CA ASN A 116 2.26 -15.33 64.06
C ASN A 116 3.32 -14.25 63.85
N THR A 117 3.04 -13.03 64.34
CA THR A 117 3.92 -11.90 64.04
C THR A 117 5.30 -12.09 64.63
N ASN A 118 5.39 -12.52 65.89
CA ASN A 118 6.68 -12.63 66.56
C ASN A 118 7.46 -13.87 66.16
N ALA A 119 6.82 -14.83 65.48
CA ALA A 119 7.46 -16.09 65.11
C ALA A 119 7.97 -16.00 63.67
N THR A 120 9.14 -15.38 63.54
CA THR A 120 9.78 -15.29 62.23
C THR A 120 10.24 -16.66 61.76
N ALA A 121 10.02 -16.94 60.48
CA ALA A 121 10.41 -18.23 59.91
C ALA A 121 11.90 -18.24 59.64
N ARG A 122 12.54 -19.35 60.03
CA ARG A 122 13.97 -19.50 59.77
C ARG A 122 14.19 -19.93 58.32
N LEU A 123 14.85 -19.07 57.56
CA LEU A 123 15.12 -19.34 56.14
C LEU A 123 16.62 -19.45 55.94
N ARG A 124 17.04 -20.43 55.15
CA ARG A 124 18.46 -20.60 54.83
C ARG A 124 18.59 -20.99 53.37
N ILE A 125 19.07 -20.04 52.56
CA ILE A 125 19.59 -20.33 51.22
C ILE A 125 21.09 -20.48 51.39
N CYS A 126 21.59 -21.71 51.36
CA CYS A 126 22.97 -21.95 51.72
C CYS A 126 23.51 -23.15 50.97
N GLN A 127 24.83 -23.28 50.95
CA GLN A 127 25.41 -24.59 50.72
C GLN A 127 25.12 -25.39 51.98
N PHE A 128 23.92 -25.94 52.06
CA PHE A 128 23.23 -26.27 53.28
C PHE A 128 23.01 -27.77 53.36
N PRO A 129 22.85 -28.33 54.57
CA PRO A 129 22.49 -29.75 54.70
C PRO A 129 21.33 -30.15 53.81
N SER A 130 21.62 -31.00 52.82
CA SER A 130 20.62 -31.43 51.85
C SER A 130 19.68 -32.41 52.53
N ILE A 131 18.72 -31.84 53.27
CA ILE A 131 17.82 -32.65 54.10
C ILE A 131 17.00 -33.56 53.20
N LYS A 132 17.17 -34.86 53.40
CA LYS A 132 16.53 -35.83 52.51
C LYS A 132 15.02 -35.88 52.73
N THR A 133 14.58 -35.98 53.99
CA THR A 133 13.15 -36.10 54.27
C THR A 133 12.60 -34.90 55.05
N LEU A 134 13.11 -34.63 56.24
CA LEU A 134 12.49 -33.61 57.09
C LEU A 134 13.35 -33.38 58.32
N GLY A 135 13.43 -32.12 58.76
CA GLY A 135 14.11 -31.78 59.99
C GLY A 135 14.86 -30.47 59.88
N PRO A 136 15.05 -29.78 61.02
CA PRO A 136 15.90 -28.57 60.98
C PRO A 136 17.32 -28.86 60.53
N THR A 137 17.89 -30.00 60.95
CA THR A 137 19.16 -30.48 60.45
C THR A 137 19.03 -31.82 59.74
N ALA A 138 18.46 -32.82 60.42
CA ALA A 138 18.03 -34.07 59.81
C ALA A 138 19.15 -34.88 59.17
N ASN A 139 18.79 -36.02 58.57
CA ASN A 139 19.73 -36.80 57.79
C ASN A 139 19.97 -36.10 56.45
N ASN A 140 21.24 -35.93 56.09
CA ASN A 140 21.60 -35.11 54.94
C ASN A 140 23.08 -35.27 54.67
N ASP A 141 23.54 -34.59 53.61
CA ASP A 141 24.94 -34.31 53.38
C ASP A 141 25.19 -32.86 53.75
N VAL A 142 26.45 -32.43 53.61
CA VAL A 142 26.84 -31.03 53.79
C VAL A 142 26.74 -30.60 55.24
N THR A 143 27.68 -29.76 55.69
CA THR A 143 27.63 -29.22 57.04
C THR A 143 26.70 -28.00 57.10
N ILE A 144 26.36 -27.60 58.33
CA ILE A 144 25.32 -26.59 58.53
C ILE A 144 25.72 -25.25 57.91
N GLY A 145 26.96 -24.82 58.15
CA GLY A 145 27.34 -23.48 57.75
C GLY A 145 28.64 -23.38 56.97
N ARG A 146 28.92 -24.35 56.10
CA ARG A 146 30.15 -24.28 55.32
C ARG A 146 30.10 -23.11 54.33
N ASN A 147 28.91 -22.76 53.86
CA ASN A 147 28.75 -21.62 52.97
C ASN A 147 27.28 -21.23 52.92
N CYS A 148 27.01 -19.94 53.08
CA CYS A 148 25.64 -19.42 53.07
C CYS A 148 25.54 -18.17 52.23
N LEU A 149 24.43 -18.07 51.49
CA LEU A 149 24.03 -16.80 50.89
C LEU A 149 23.04 -16.05 51.76
N PHE A 150 22.25 -16.76 52.56
CA PHE A 150 21.30 -16.14 53.47
C PHE A 150 20.97 -17.13 54.57
N ASN A 151 21.22 -16.77 55.82
CA ASN A 151 20.94 -17.65 56.95
C ASN A 151 20.31 -16.87 58.10
N LYS A 152 19.48 -15.88 57.78
CA LYS A 152 18.80 -15.09 58.78
C LYS A 152 17.39 -15.63 59.01
N ALA A 153 16.59 -14.88 59.76
CA ALA A 153 15.20 -15.21 60.01
C ALA A 153 14.29 -14.22 59.30
N ILE A 154 13.15 -14.70 58.84
CA ILE A 154 12.22 -13.87 58.07
C ILE A 154 10.83 -13.95 58.69
N PRO A 155 10.17 -12.82 58.94
CA PRO A 155 8.80 -12.87 59.45
C PRO A 155 7.85 -13.49 58.43
N ALA A 156 7.06 -14.46 58.88
CA ALA A 156 6.15 -15.20 58.01
C ALA A 156 4.74 -15.15 58.57
N HIS A 157 4.29 -13.97 58.94
CA HIS A 157 2.94 -13.76 59.43
C HIS A 157 2.12 -13.03 58.36
N MET A 158 0.88 -13.47 58.19
CA MET A 158 0.01 -12.92 57.16
C MET A 158 -1.41 -13.35 57.48
N SER A 159 -2.35 -12.83 56.69
CA SER A 159 -3.75 -13.20 56.87
C SER A 159 -3.96 -14.68 56.56
N GLU A 160 -5.09 -15.21 57.01
CA GLU A 160 -5.40 -16.61 56.77
C GLU A 160 -5.50 -16.89 55.28
N HIS A 161 -6.14 -16.01 54.53
CA HIS A 161 -6.38 -16.22 53.10
C HIS A 161 -5.23 -15.75 52.23
N SER A 162 -4.20 -15.16 52.81
CA SER A 162 -3.04 -14.77 52.03
C SER A 162 -2.29 -16.01 51.53
N VAL A 163 -1.77 -15.91 50.32
CA VAL A 163 -1.09 -17.02 49.65
C VAL A 163 0.36 -16.64 49.42
N VAL A 164 1.26 -17.52 49.85
CA VAL A 164 2.70 -17.34 49.67
C VAL A 164 3.20 -18.38 48.70
N GLY A 165 4.06 -17.96 47.78
CA GLY A 165 4.57 -18.90 46.79
C GLY A 165 5.99 -18.58 46.39
N ILE A 166 6.68 -19.61 45.94
CA ILE A 166 8.04 -19.44 45.41
C ILE A 166 8.20 -20.30 44.17
N THR A 167 8.75 -19.68 43.13
CA THR A 167 8.94 -20.32 41.83
C THR A 167 10.40 -20.15 41.39
N TRP A 168 10.95 -21.21 40.80
CA TRP A 168 12.31 -21.19 40.28
C TRP A 168 12.29 -21.60 38.82
N ASP A 169 12.94 -20.80 37.97
CA ASP A 169 13.00 -21.09 36.54
C ASP A 169 14.10 -20.26 35.91
N ASN A 170 14.93 -20.92 35.09
CA ASN A 170 16.00 -20.25 34.34
C ASN A 170 16.91 -19.46 35.28
N ASP A 171 17.26 -20.07 36.41
CA ASP A 171 18.14 -19.45 37.41
C ASP A 171 17.54 -18.16 37.98
N ARG A 172 16.21 -18.05 37.96
CA ARG A 172 15.51 -16.87 38.44
C ARG A 172 14.40 -17.31 39.39
N VAL A 173 14.33 -16.67 40.55
CA VAL A 173 13.40 -17.07 41.61
C VAL A 173 12.44 -15.91 41.85
N THR A 174 11.16 -16.23 41.88
CA THR A 174 10.10 -15.27 42.17
C THR A 174 9.39 -15.68 43.45
N VAL A 175 9.23 -14.71 44.36
CA VAL A 175 8.61 -14.93 45.65
C VAL A 175 7.40 -14.01 45.76
N PHE A 176 6.33 -14.53 46.37
CA PHE A 176 5.05 -13.83 46.43
C PHE A 176 4.70 -13.41 47.86
N SER A 177 5.69 -12.93 48.61
CA SER A 177 5.48 -12.49 49.99
C SER A 177 4.98 -11.05 49.97
N ASP A 178 3.70 -10.90 49.66
CA ASP A 178 2.99 -9.62 49.69
C ASP A 178 3.44 -8.71 48.54
N LYS A 179 4.46 -9.13 47.81
CA LYS A 179 4.95 -8.41 46.65
C LYS A 179 5.67 -9.39 45.75
N ILE A 180 5.85 -9.00 44.49
CA ILE A 180 6.45 -9.90 43.50
C ILE A 180 7.95 -9.66 43.56
N TYR A 181 8.59 -10.33 44.51
CA TYR A 181 10.04 -10.20 44.65
C TYR A 181 10.74 -11.09 43.63
N TYR A 182 11.81 -10.55 43.05
CA TYR A 182 12.56 -11.24 42.01
C TYR A 182 14.02 -11.32 42.42
N PHE A 183 14.64 -12.46 42.16
CA PHE A 183 16.05 -12.66 42.50
C PHE A 183 16.72 -13.52 41.44
N TYR A 184 17.81 -13.01 40.86
CA TYR A 184 18.64 -13.84 40.00
C TYR A 184 19.51 -14.74 40.87
N PHE A 185 19.47 -16.04 40.60
CA PHE A 185 20.22 -16.99 41.41
C PHE A 185 20.41 -18.27 40.61
N LYS A 186 21.65 -18.58 40.25
CA LYS A 186 21.96 -19.82 39.56
C LYS A 186 21.53 -21.00 40.42
N ASN A 187 20.68 -21.86 39.86
CA ASN A 187 20.10 -22.94 40.65
C ASN A 187 19.58 -24.03 39.73
N ASP A 188 19.32 -25.19 40.33
CA ASP A 188 18.63 -26.29 39.66
C ASP A 188 17.80 -26.99 40.73
N TRP A 189 16.53 -26.62 40.83
CA TRP A 189 15.77 -26.88 42.04
C TRP A 189 14.58 -27.80 41.78
N SER A 190 14.81 -28.91 41.10
CA SER A 190 13.73 -29.82 40.77
C SER A 190 13.21 -30.62 41.96
N ARG A 191 14.03 -30.82 42.99
CA ARG A 191 13.68 -31.72 44.09
C ARG A 191 13.09 -30.92 45.25
N VAL A 192 11.97 -31.39 45.79
CA VAL A 192 11.29 -30.71 46.88
C VAL A 192 10.79 -31.74 47.90
N ALA A 193 10.94 -31.40 49.18
CA ALA A 193 10.36 -32.14 50.29
C ALA A 193 9.66 -31.15 51.22
N THR A 194 8.55 -31.59 51.81
CA THR A 194 7.68 -30.66 52.51
C THR A 194 7.14 -31.28 53.80
N LYS A 195 6.71 -30.39 54.70
CA LYS A 195 5.86 -30.74 55.83
C LYS A 195 4.80 -29.67 55.96
N CYS A 196 3.54 -30.07 55.83
CA CYS A 196 2.39 -29.19 55.91
C CYS A 196 1.68 -29.37 57.24
N TYR A 197 0.80 -28.42 57.55
CA TYR A 197 -0.08 -28.51 58.70
C TYR A 197 -1.49 -28.18 58.24
N ASN A 198 -2.49 -28.79 58.88
CA ASN A 198 -3.85 -28.75 58.38
C ASN A 198 -4.37 -27.31 58.34
N SER A 199 -4.86 -26.90 57.16
CA SER A 199 -5.47 -25.59 56.99
C SER A 199 -6.53 -25.70 55.89
N GLY A 200 -7.77 -25.99 56.30
CA GLY A 200 -8.91 -25.96 55.42
C GLY A 200 -8.90 -26.96 54.27
N GLY A 201 -7.99 -27.94 54.31
CA GLY A 201 -7.88 -28.91 53.24
C GLY A 201 -7.15 -28.44 52.01
N CYS A 202 -6.66 -27.19 52.00
CA CYS A 202 -5.97 -26.62 50.86
C CYS A 202 -4.74 -25.84 51.33
N ALA A 203 -3.91 -26.47 52.17
CA ALA A 203 -2.76 -25.77 52.74
C ALA A 203 -1.66 -25.53 51.72
N MET A 204 -1.07 -26.60 51.18
CA MET A 204 0.12 -26.48 50.35
C MET A 204 -0.05 -27.31 49.08
N GLN A 205 0.57 -26.83 47.99
CA GLN A 205 0.54 -27.55 46.73
C GLN A 205 1.79 -27.22 45.92
N TYR A 206 2.03 -28.01 44.90
CA TYR A 206 3.12 -27.82 43.97
C TYR A 206 2.59 -27.39 42.61
N VAL A 207 3.50 -26.91 41.76
CA VAL A 207 3.21 -26.51 40.39
C VAL A 207 4.36 -26.96 39.51
N TYR A 208 4.05 -27.78 38.50
CA TYR A 208 5.03 -28.35 37.60
C TYR A 208 5.19 -27.56 36.31
N GLU A 209 4.10 -27.07 35.75
CA GLU A 209 4.07 -26.41 34.45
C GLU A 209 3.34 -25.09 34.57
N PRO A 210 3.64 -24.13 33.68
CA PRO A 210 2.95 -22.84 33.75
C PRO A 210 1.46 -22.96 33.46
N THR A 211 0.70 -22.07 34.08
CA THR A 211 -0.74 -22.01 33.90
C THR A 211 -1.14 -20.57 33.55
N TYR A 212 -2.45 -20.36 33.38
CA TYR A 212 -2.97 -19.06 32.97
C TYR A 212 -4.29 -18.80 33.67
N TYR A 213 -4.61 -17.52 33.81
CA TYR A 213 -5.78 -17.09 34.56
C TYR A 213 -6.41 -15.88 33.87
N MET A 214 -7.68 -15.67 34.18
CA MET A 214 -8.45 -14.52 33.72
C MET A 214 -8.89 -13.70 34.92
N LEU A 215 -8.62 -12.40 34.90
CA LEU A 215 -9.07 -11.48 35.94
C LEU A 215 -10.16 -10.58 35.36
N ASN A 216 -11.39 -10.80 35.82
CA ASN A 216 -12.47 -9.82 35.70
C ASN A 216 -12.38 -8.83 36.88
N VAL A 217 -11.33 -8.02 36.83
CA VAL A 217 -11.19 -6.98 37.85
C VAL A 217 -12.27 -5.92 37.65
N THR A 218 -12.96 -5.58 38.72
CA THR A 218 -13.97 -4.53 38.70
C THR A 218 -13.84 -3.52 39.82
N SER A 219 -12.94 -3.73 40.78
CA SER A 219 -12.77 -2.81 41.89
C SER A 219 -11.36 -2.92 42.41
N ALA A 220 -10.94 -1.89 43.16
CA ALA A 220 -9.62 -1.88 43.76
C ALA A 220 -9.58 -2.76 45.00
N GLY A 221 -8.38 -3.00 45.50
CA GLY A 221 -8.23 -3.82 46.68
C GLY A 221 -8.49 -5.29 46.40
N GLU A 222 -8.70 -6.04 47.47
CA GLU A 222 -8.96 -7.46 47.37
C GLU A 222 -10.32 -7.78 46.79
N ASP A 223 -11.19 -6.80 46.61
CA ASP A 223 -12.53 -7.02 46.11
C ASP A 223 -12.63 -6.65 44.63
N GLY A 224 -13.67 -7.17 43.99
CA GLY A 224 -13.86 -6.92 42.57
C GLY A 224 -12.76 -7.53 41.71
N ILE A 225 -12.41 -8.79 41.97
CA ILE A 225 -11.33 -9.47 41.27
C ILE A 225 -11.86 -10.55 40.33
N SER A 226 -12.62 -11.51 40.88
CA SER A 226 -13.32 -12.51 40.07
C SER A 226 -12.37 -13.29 39.18
N TYR A 227 -11.30 -13.81 39.78
CA TYR A 227 -10.35 -14.61 39.03
C TYR A 227 -10.95 -15.96 38.63
N GLN A 228 -10.52 -16.45 37.47
CA GLN A 228 -10.95 -17.76 37.00
C GLN A 228 -9.79 -18.41 36.28
N PRO A 229 -9.77 -19.74 36.19
CA PRO A 229 -8.72 -20.41 35.42
C PRO A 229 -8.94 -20.23 33.92
N CYS A 230 -7.92 -20.58 33.15
CA CYS A 230 -7.94 -20.37 31.72
C CYS A 230 -7.41 -21.59 30.96
N THR A 231 -7.75 -21.61 29.68
CA THR A 231 -7.20 -22.51 28.68
C THR A 231 -6.31 -21.66 27.77
N ALA A 232 -5.78 -22.28 26.69
CA ALA A 232 -4.84 -21.58 25.82
C ALA A 232 -5.44 -20.31 25.24
N ASN A 233 -6.77 -20.26 25.06
CA ASN A 233 -7.39 -19.11 24.42
C ASN A 233 -7.08 -17.81 25.14
N CYS A 234 -6.96 -17.84 26.46
CA CYS A 234 -6.67 -16.61 27.21
C CYS A 234 -5.34 -16.00 26.80
N ILE A 235 -4.37 -16.80 26.36
CA ILE A 235 -3.13 -16.23 25.86
C ILE A 235 -3.41 -15.36 24.64
N GLY A 236 -4.29 -15.81 23.76
CA GLY A 236 -4.69 -14.98 22.64
C GLY A 236 -5.49 -13.76 23.02
N TYR A 237 -5.94 -13.68 24.28
CA TYR A 237 -6.77 -12.55 24.69
C TYR A 237 -5.95 -11.27 24.87
N ALA A 238 -4.67 -11.39 25.23
CA ALA A 238 -3.86 -10.22 25.46
C ALA A 238 -3.70 -9.41 24.19
N ALA A 239 -3.77 -8.08 24.33
CA ALA A 239 -3.75 -7.20 23.19
C ALA A 239 -2.37 -7.05 22.55
N ASN A 240 -1.31 -7.36 23.29
CA ASN A 240 0.05 -7.17 22.79
C ASN A 240 0.70 -8.47 22.31
N VAL A 241 -0.08 -9.55 22.19
CA VAL A 241 0.42 -10.80 21.64
C VAL A 241 -0.57 -11.27 20.58
N PHE A 242 -0.11 -12.20 19.74
CA PHE A 242 -0.88 -12.64 18.59
C PHE A 242 -0.49 -14.06 18.23
N ALA A 243 -1.32 -14.70 17.42
CA ALA A 243 -1.06 -16.03 16.90
C ALA A 243 -0.47 -15.89 15.50
N THR A 244 0.79 -16.26 15.35
CA THR A 244 1.46 -16.11 14.06
C THR A 244 0.82 -17.02 13.03
N GLU A 245 0.60 -16.47 11.84
CA GLU A 245 0.05 -17.25 10.74
C GLU A 245 1.07 -18.27 10.26
N PRO A 246 0.61 -19.37 9.65
CA PRO A 246 1.56 -20.36 9.14
C PRO A 246 2.52 -19.80 8.12
N ASN A 247 2.10 -18.80 7.35
CA ASN A 247 3.00 -18.15 6.39
C ASN A 247 3.84 -17.06 7.02
N GLY A 248 3.68 -16.81 8.32
CA GLY A 248 4.45 -15.81 9.03
C GLY A 248 3.86 -14.43 9.04
N HIS A 249 2.73 -14.21 8.38
CA HIS A 249 2.11 -12.90 8.37
C HIS A 249 1.57 -12.54 9.75
N ILE A 250 1.57 -11.25 10.06
CA ILE A 250 0.93 -10.77 11.28
C ILE A 250 -0.59 -10.92 11.14
N PRO A 251 -1.26 -11.55 12.09
CA PRO A 251 -2.72 -11.68 11.98
C PRO A 251 -3.40 -10.32 12.06
N GLU A 252 -4.54 -10.21 11.38
CA GLU A 252 -5.28 -8.96 11.35
C GLU A 252 -5.84 -8.64 12.73
N GLY A 253 -6.07 -7.35 12.97
CA GLY A 253 -6.59 -6.90 14.23
C GLY A 253 -5.58 -6.69 15.32
N PHE A 254 -4.30 -6.91 15.04
CA PHE A 254 -3.27 -6.66 16.05
C PHE A 254 -3.23 -5.18 16.38
N SER A 255 -2.96 -4.87 17.65
CA SER A 255 -3.00 -3.48 18.09
C SER A 255 -1.82 -2.69 17.57
N PHE A 256 -0.64 -3.32 17.48
CA PHE A 256 0.61 -2.61 17.21
C PHE A 256 0.81 -1.45 18.18
N ASN A 257 0.54 -1.73 19.47
CA ASN A 257 0.54 -0.68 20.47
C ASN A 257 1.91 -0.02 20.59
N ASN A 258 2.98 -0.82 20.54
CA ASN A 258 4.33 -0.29 20.63
C ASN A 258 5.19 -0.63 19.42
N TRP A 259 4.64 -1.30 18.42
CA TRP A 259 5.41 -1.74 17.26
C TRP A 259 5.69 -0.54 16.36
N PHE A 260 6.78 0.17 16.67
CA PHE A 260 7.16 1.33 15.87
C PHE A 260 7.79 0.88 14.56
N LEU A 261 7.60 1.69 13.52
CA LEU A 261 8.33 1.47 12.27
C LEU A 261 9.78 1.89 12.47
N LEU A 262 10.67 1.23 11.74
CA LEU A 262 12.10 1.34 11.96
C LEU A 262 12.73 2.26 10.93
N SER A 263 13.43 3.29 11.40
CA SER A 263 14.09 4.25 10.52
C SER A 263 15.48 4.57 11.01
N ASN A 264 16.32 5.11 10.12
CA ASN A 264 17.61 5.64 10.54
C ASN A 264 17.56 7.12 10.89
N ASP A 265 16.70 7.90 10.25
CA ASP A 265 16.82 9.35 10.32
C ASP A 265 15.61 10.03 10.95
N SER A 266 14.40 9.76 10.46
CA SER A 266 13.23 10.46 10.97
C SER A 266 12.01 9.57 10.84
N THR A 267 11.02 9.86 11.66
CA THR A 267 9.81 9.05 11.76
C THR A 267 8.63 9.82 11.19
N LEU A 268 7.86 9.15 10.32
CA LEU A 268 6.69 9.79 9.75
C LEU A 268 5.59 9.90 10.80
N VAL A 269 4.92 11.05 10.83
CA VAL A 269 3.87 11.26 11.82
C VAL A 269 2.54 10.70 11.33
N HIS A 270 2.30 10.74 10.02
CA HIS A 270 1.02 10.30 9.48
C HIS A 270 1.16 10.04 7.99
N GLY A 271 0.54 8.97 7.52
CA GLY A 271 0.52 8.65 6.11
C GLY A 271 0.60 7.15 5.89
N LYS A 272 1.04 6.80 4.67
CA LYS A 272 1.26 5.42 4.28
C LYS A 272 2.66 5.30 3.68
N VAL A 273 3.37 4.24 4.06
CA VAL A 273 4.74 4.04 3.62
C VAL A 273 4.90 2.61 3.12
N VAL A 274 5.50 2.46 1.94
CA VAL A 274 5.93 1.17 1.43
C VAL A 274 7.41 1.05 1.76
N SER A 275 7.73 0.23 2.76
CA SER A 275 9.09 0.18 3.28
C SER A 275 9.49 -1.26 3.56
N ASN A 276 10.80 -1.49 3.56
CA ASN A 276 11.38 -2.78 3.92
C ASN A 276 11.61 -2.80 5.42
N GLN A 277 10.77 -3.52 6.14
CA GLN A 277 10.83 -3.56 7.59
C GLN A 277 10.79 -5.00 8.07
N PRO A 278 11.41 -5.29 9.21
CA PRO A 278 11.40 -6.67 9.73
C PRO A 278 10.08 -7.02 10.40
N LEU A 279 9.07 -7.28 9.58
CA LEU A 279 7.75 -7.63 10.08
C LEU A 279 7.32 -9.06 9.76
N LEU A 280 8.11 -9.80 8.98
CA LEU A 280 7.76 -11.18 8.67
C LEU A 280 8.12 -12.02 9.89
N VAL A 281 7.17 -12.14 10.81
CA VAL A 281 7.44 -12.79 12.09
C VAL A 281 7.43 -14.30 11.92
N ASN A 282 8.38 -14.96 12.56
CA ASN A 282 8.49 -16.42 12.55
C ASN A 282 8.01 -17.07 13.83
N CYS A 283 8.49 -16.59 14.98
CA CYS A 283 8.11 -17.14 16.27
C CYS A 283 7.92 -16.00 17.26
N LEU A 284 6.83 -16.06 18.01
CA LEU A 284 6.53 -15.06 19.03
C LEU A 284 6.56 -15.72 20.40
N LEU A 285 7.34 -15.14 21.32
CA LEU A 285 7.52 -15.70 22.66
C LEU A 285 6.89 -14.75 23.66
N ALA A 286 5.62 -15.02 24.01
CA ALA A 286 4.97 -14.25 25.05
C ALA A 286 5.48 -14.69 26.42
N ILE A 287 5.95 -13.73 27.21
CA ILE A 287 6.52 -14.03 28.53
C ILE A 287 5.83 -13.14 29.56
N PRO A 288 5.33 -13.71 30.66
CA PRO A 288 4.73 -12.88 31.70
C PRO A 288 5.73 -11.90 32.27
N LYS A 289 5.24 -10.72 32.64
CA LYS A 289 6.11 -9.63 33.05
C LYS A 289 6.85 -9.92 34.35
N ILE A 290 6.33 -10.82 35.19
CA ILE A 290 6.95 -11.08 36.48
C ILE A 290 8.22 -11.89 36.39
N TYR A 291 8.54 -12.44 35.22
CA TYR A 291 9.71 -13.29 35.04
C TYR A 291 10.79 -12.55 34.26
N GLY A 292 12.04 -12.71 34.70
CA GLY A 292 13.18 -12.30 33.90
C GLY A 292 13.42 -13.29 32.78
N LEU A 293 14.56 -13.14 32.12
CA LEU A 293 14.86 -14.05 31.02
C LEU A 293 16.36 -14.18 30.81
N GLY A 294 16.87 -15.39 30.92
CA GLY A 294 18.21 -15.71 30.45
C GLY A 294 18.13 -16.56 29.21
N GLN A 295 18.45 -15.99 28.05
CA GLN A 295 18.26 -16.69 26.79
C GLN A 295 19.40 -16.38 25.84
N PHE A 296 19.62 -17.30 24.90
CA PHE A 296 20.62 -17.15 23.86
C PHE A 296 19.94 -17.22 22.51
N PHE A 297 20.19 -16.22 21.67
CA PHE A 297 19.62 -16.13 20.34
C PHE A 297 20.72 -16.17 19.30
N SER A 298 20.51 -16.94 18.23
CA SER A 298 21.45 -17.05 17.14
C SER A 298 20.78 -16.62 15.85
N PHE A 299 21.46 -15.79 15.08
CA PHE A 299 20.97 -15.41 13.77
C PHE A 299 21.15 -16.50 12.74
N ASN A 300 21.65 -17.65 13.17
CA ASN A 300 21.92 -18.77 12.29
C ASN A 300 21.09 -20.01 12.62
N GLN A 301 20.28 -19.97 13.68
CA GLN A 301 19.46 -21.10 14.07
C GLN A 301 18.10 -20.62 14.52
N THR A 302 17.10 -21.47 14.34
CA THR A 302 15.76 -21.16 14.81
C THR A 302 15.76 -21.05 16.33
N ILE A 303 15.12 -19.99 16.85
CA ILE A 303 15.14 -19.75 18.28
C ILE A 303 14.25 -20.77 18.99
N ASP A 304 14.65 -21.14 20.20
CA ASP A 304 13.91 -22.07 21.02
C ASP A 304 12.73 -21.36 21.68
N GLY A 305 12.12 -22.02 22.65
CA GLY A 305 10.97 -21.46 23.34
C GLY A 305 9.65 -21.88 22.71
N VAL A 306 8.58 -21.72 23.48
CA VAL A 306 7.24 -22.11 23.05
C VAL A 306 6.63 -20.94 22.32
N CYS A 307 6.61 -21.02 20.99
CA CYS A 307 5.99 -19.98 20.19
C CYS A 307 4.48 -20.00 20.37
N ASN A 308 3.89 -18.81 20.47
CA ASN A 308 2.45 -18.73 20.71
C ASN A 308 1.66 -19.24 19.51
N GLY A 309 1.99 -18.78 18.31
CA GLY A 309 1.30 -19.16 17.10
C GLY A 309 2.02 -20.24 16.34
N ALA A 310 1.78 -20.28 15.04
CA ALA A 310 2.43 -21.26 14.17
C ALA A 310 3.89 -20.87 13.96
N ALA A 311 4.80 -21.66 14.53
CA ALA A 311 6.21 -21.36 14.40
C ALA A 311 6.71 -21.67 12.99
N VAL A 312 7.76 -20.96 12.58
CA VAL A 312 8.41 -21.17 11.30
C VAL A 312 9.89 -21.43 11.57
N GLN A 313 10.40 -22.54 11.03
CA GLN A 313 11.78 -22.95 11.27
C GLN A 313 12.70 -22.19 10.30
N ARG A 314 12.85 -20.90 10.57
CA ARG A 314 13.69 -20.02 9.77
C ARG A 314 14.59 -19.22 10.70
N ALA A 315 15.87 -19.14 10.35
CA ALA A 315 16.82 -18.42 11.18
C ALA A 315 16.49 -16.93 11.20
N PRO A 316 16.44 -16.31 12.37
CA PRO A 316 16.13 -14.88 12.43
C PRO A 316 17.22 -14.03 11.81
N GLU A 317 16.80 -12.92 11.20
CA GLU A 317 17.72 -11.85 10.85
C GLU A 317 17.46 -10.59 11.66
N ALA A 318 16.32 -10.51 12.34
CA ALA A 318 16.06 -9.46 13.32
C ALA A 318 15.31 -10.06 14.50
N LEU A 319 15.53 -9.49 15.68
CA LEU A 319 14.78 -9.89 16.86
C LEU A 319 14.38 -8.63 17.62
N ARG A 320 13.10 -8.58 17.99
CA ARG A 320 12.48 -7.37 18.52
C ARG A 320 11.89 -7.66 19.89
N PHE A 321 12.29 -6.87 20.88
CA PHE A 321 11.83 -7.01 22.25
C PHE A 321 10.83 -5.90 22.55
N ASN A 322 9.63 -6.30 22.99
CA ASN A 322 8.57 -5.38 23.40
C ASN A 322 8.44 -5.50 24.91
N ILE A 323 8.75 -4.41 25.61
CA ILE A 323 8.82 -4.37 27.06
C ILE A 323 8.03 -3.17 27.53
N ASN A 324 7.52 -3.24 28.77
CA ASN A 324 6.75 -2.14 29.31
C ASN A 324 7.65 -1.01 29.83
N ASP A 325 8.60 -1.36 30.70
CA ASP A 325 9.35 -0.36 31.43
C ASP A 325 10.84 -0.49 31.17
N THR A 326 11.56 0.60 31.47
CA THR A 326 12.99 0.66 31.20
C THR A 326 13.79 -0.15 32.20
N SER A 327 13.25 -0.37 33.40
CA SER A 327 14.03 -0.94 34.50
C SER A 327 14.58 -2.33 34.16
N VAL A 328 14.01 -2.99 33.15
CA VAL A 328 14.53 -4.29 32.74
C VAL A 328 15.95 -4.15 32.22
N ILE A 329 16.23 -3.11 31.46
CA ILE A 329 17.49 -3.01 30.72
C ILE A 329 18.61 -2.33 31.50
N LEU A 330 18.29 -1.61 32.57
CA LEU A 330 19.30 -0.81 33.26
C LEU A 330 20.45 -1.65 33.82
N ALA A 331 20.21 -2.93 34.10
CA ALA A 331 21.28 -3.78 34.59
C ALA A 331 22.37 -3.95 33.53
N GLU A 332 23.62 -3.85 33.96
CA GLU A 332 24.73 -4.00 33.04
C GLU A 332 24.79 -5.42 32.50
N GLY A 333 25.25 -5.55 31.25
CA GLY A 333 25.34 -6.86 30.64
C GLY A 333 24.02 -7.46 30.23
N SER A 334 22.93 -6.69 30.27
CA SER A 334 21.64 -7.21 29.84
C SER A 334 21.65 -7.57 28.36
N ILE A 335 22.31 -6.75 27.55
CA ILE A 335 22.45 -6.99 26.12
C ILE A 335 23.92 -7.27 25.85
N VAL A 336 24.22 -8.42 25.26
CA VAL A 336 25.56 -8.78 24.85
C VAL A 336 25.51 -9.18 23.39
N LEU A 337 26.13 -8.37 22.53
CA LEU A 337 26.15 -8.61 21.10
C LEU A 337 27.44 -9.32 20.72
N HIS A 338 27.32 -10.41 19.96
CA HIS A 338 28.46 -11.17 19.48
C HIS A 338 28.58 -10.96 17.97
N THR A 339 29.75 -10.54 17.53
CA THR A 339 30.01 -10.36 16.11
C THR A 339 30.63 -11.62 15.52
N ALA A 340 30.67 -11.68 14.18
CA ALA A 340 31.33 -12.79 13.52
C ALA A 340 32.82 -12.83 13.84
N LEU A 341 33.41 -11.68 14.15
CA LEU A 341 34.81 -11.62 14.52
C LEU A 341 35.09 -12.09 15.94
N GLY A 342 34.04 -12.35 16.73
CA GLY A 342 34.19 -12.75 18.11
C GLY A 342 34.19 -11.60 19.11
N THR A 343 34.13 -10.36 18.64
CA THR A 343 34.07 -9.21 19.53
C THR A 343 32.74 -9.17 20.26
N ASN A 344 32.78 -8.80 21.53
CA ASN A 344 31.59 -8.72 22.37
C ASN A 344 31.28 -7.27 22.71
N PHE A 345 29.99 -6.93 22.71
CA PHE A 345 29.52 -5.60 23.04
C PHE A 345 28.54 -5.72 24.20
N SER A 346 28.91 -5.16 25.36
CA SER A 346 28.08 -5.23 26.56
C SER A 346 27.34 -3.90 26.76
N PHE A 347 26.05 -3.98 27.05
CA PHE A 347 25.22 -2.79 27.15
C PHE A 347 25.25 -2.26 28.58
N VAL A 348 25.77 -1.04 28.76
CA VAL A 348 25.97 -0.45 30.08
C VAL A 348 25.23 0.88 30.16
N CYS A 349 24.82 1.28 31.36
CA CYS A 349 24.11 2.53 31.55
C CYS A 349 24.47 3.16 32.90
N SER A 350 24.34 4.47 32.98
CA SER A 350 24.56 5.22 34.21
C SER A 350 23.95 6.61 34.02
N ASN A 351 24.33 7.56 34.89
CA ASN A 351 24.01 8.93 34.57
C ASN A 351 25.21 9.67 34.01
N SER A 352 26.30 8.95 33.71
CA SER A 352 27.58 9.57 33.44
C SER A 352 28.01 9.33 32.00
N SER A 353 28.81 10.25 31.49
CA SER A 353 29.25 10.22 30.11
C SER A 353 30.71 9.84 29.95
N ASN A 354 31.41 9.54 31.04
CA ASN A 354 32.85 9.24 31.00
C ASN A 354 33.13 7.93 31.72
N PRO A 355 32.97 6.79 31.06
CA PRO A 355 33.40 5.52 31.68
C PRO A 355 34.88 5.50 32.00
N HIS A 356 35.70 6.10 31.13
CA HIS A 356 37.14 6.15 31.35
C HIS A 356 37.51 7.03 32.53
N LEU A 357 36.65 8.00 32.90
CA LEU A 357 36.97 8.94 33.96
C LEU A 357 35.98 8.89 35.12
N ALA A 358 35.12 7.87 35.16
CA ALA A 358 34.17 7.75 36.26
C ALA A 358 33.70 6.31 36.38
N THR A 359 33.16 5.99 37.54
CA THR A 359 32.59 4.66 37.80
C THR A 359 31.12 4.64 37.40
N PHE A 360 30.66 3.48 36.96
CA PHE A 360 29.29 3.33 36.47
C PHE A 360 28.44 2.43 37.36
N ALA A 361 28.92 2.05 38.53
CA ALA A 361 28.08 1.35 39.50
C ALA A 361 26.94 2.27 39.92
N ILE A 362 25.72 1.89 39.58
CA ILE A 362 24.57 2.79 39.68
C ILE A 362 24.28 3.15 41.13
N PRO A 363 24.38 4.41 41.51
CA PRO A 363 23.96 4.85 42.85
C PRO A 363 22.59 5.53 42.89
N LEU A 364 21.85 5.54 41.79
CA LEU A 364 20.55 6.17 41.72
C LEU A 364 19.59 5.26 40.97
N GLY A 365 18.29 5.42 41.25
CA GLY A 365 17.27 4.63 40.59
C GLY A 365 15.96 5.36 40.45
N ALA A 366 14.86 4.60 40.35
CA ALA A 366 13.51 5.15 40.25
C ALA A 366 13.37 6.10 39.06
N THR A 367 14.00 5.73 37.94
CA THR A 367 13.91 6.44 36.67
C THR A 367 14.43 7.89 36.79
N GLN A 368 15.04 8.22 37.91
CA GLN A 368 15.58 9.56 38.11
C GLN A 368 16.77 9.79 37.18
N VAL A 369 16.83 11.00 36.62
CA VAL A 369 17.82 11.54 35.68
C VAL A 369 17.96 10.67 34.44
N PRO A 370 18.05 11.26 33.25
CA PRO A 370 18.28 10.44 32.05
C PRO A 370 19.59 9.67 32.15
N TYR A 371 19.56 8.45 31.64
CA TYR A 371 20.69 7.53 31.76
C TYR A 371 21.43 7.47 30.43
N TYR A 372 22.70 7.83 30.44
CA TYR A 372 23.54 7.56 29.27
C TYR A 372 23.81 6.06 29.19
N CYS A 373 23.61 5.51 27.99
CA CYS A 373 23.79 4.09 27.74
C CYS A 373 24.76 3.90 26.59
N PHE A 374 25.76 3.05 26.81
CA PHE A 374 26.87 2.82 25.91
C PHE A 374 27.00 1.31 25.65
N PHE A 375 27.85 0.98 24.69
CA PHE A 375 28.36 -0.38 24.54
C PHE A 375 29.83 -0.42 24.90
N LYS A 376 30.17 -1.23 25.89
CA LYS A 376 31.56 -1.52 26.21
C LYS A 376 32.04 -2.65 25.30
N VAL A 377 33.13 -2.41 24.58
CA VAL A 377 33.72 -3.41 23.71
C VAL A 377 34.67 -4.27 24.53
N ASP A 378 34.52 -5.59 24.43
CA ASP A 378 35.31 -6.54 25.21
C ASP A 378 36.21 -7.32 24.27
N THR A 379 37.52 -7.04 24.33
CA THR A 379 38.54 -7.82 23.64
C THR A 379 39.87 -7.56 24.32
N TYR A 380 40.70 -8.59 24.40
CA TYR A 380 41.94 -8.45 25.14
C TYR A 380 43.03 -7.80 24.31
N ASN A 381 42.69 -6.70 23.63
CA ASN A 381 43.66 -5.79 23.03
C ASN A 381 43.49 -4.37 23.55
N SER A 382 42.26 -3.87 23.56
CA SER A 382 41.93 -2.56 24.12
C SER A 382 40.42 -2.47 24.31
N THR A 383 39.98 -2.18 25.52
CA THR A 383 38.56 -2.10 25.84
C THR A 383 38.09 -0.66 25.70
N VAL A 384 37.11 -0.44 24.83
CA VAL A 384 36.58 0.89 24.57
C VAL A 384 35.07 0.85 24.74
N TYR A 385 34.50 2.03 24.93
CA TYR A 385 33.06 2.20 25.11
C TYR A 385 32.48 2.91 23.89
N LYS A 386 31.47 2.30 23.27
CA LYS A 386 30.78 2.89 22.15
C LYS A 386 29.48 3.50 22.63
N PHE A 387 29.31 4.80 22.42
CA PHE A 387 28.18 5.54 22.94
C PHE A 387 26.92 5.23 22.15
N LEU A 388 25.91 4.65 22.81
CA LEU A 388 24.63 4.44 22.14
C LEU A 388 23.81 5.72 22.15
N ALA A 389 23.36 6.16 23.32
CA ALA A 389 22.50 7.35 23.38
C ALA A 389 22.16 7.69 24.82
N VAL A 390 21.56 8.86 24.99
CA VAL A 390 20.81 9.17 26.20
C VAL A 390 19.53 8.36 26.14
N LEU A 391 19.36 7.46 27.09
CA LEU A 391 18.22 6.56 27.07
C LEU A 391 16.92 7.36 27.22
N PRO A 392 15.93 7.14 26.37
CA PRO A 392 14.67 7.88 26.48
C PRO A 392 13.96 7.52 27.79
N PRO A 393 13.11 8.43 28.30
CA PRO A 393 12.46 8.15 29.59
C PRO A 393 11.63 6.89 29.58
N THR A 394 11.11 6.46 28.42
CA THR A 394 10.26 5.29 28.34
C THR A 394 10.71 4.45 27.13
N VAL A 395 11.51 3.43 27.39
CA VAL A 395 11.89 2.46 26.37
C VAL A 395 10.80 1.41 26.28
N ARG A 396 10.22 1.25 25.10
CA ARG A 396 9.13 0.30 24.91
C ARG A 396 9.46 -0.87 24.00
N GLU A 397 10.21 -0.65 22.92
CA GLU A 397 10.71 -1.76 22.12
C GLU A 397 12.14 -1.49 21.70
N ILE A 398 13.00 -2.46 21.95
CA ILE A 398 14.32 -2.50 21.34
C ILE A 398 14.24 -3.47 20.18
N VAL A 399 15.11 -3.31 19.19
CA VAL A 399 15.19 -4.29 18.11
C VAL A 399 16.63 -4.36 17.62
N ILE A 400 17.20 -5.56 17.65
CA ILE A 400 18.55 -5.79 17.15
C ILE A 400 18.42 -6.60 15.88
N THR A 401 19.32 -6.35 14.94
CA THR A 401 19.27 -7.08 13.68
C THR A 401 20.67 -7.24 13.13
N LYS A 402 20.85 -8.34 12.41
CA LYS A 402 22.11 -8.60 11.74
C LYS A 402 22.38 -7.51 10.71
N TYR A 403 23.55 -7.58 10.09
CA TYR A 403 24.22 -6.48 9.41
C TYR A 403 24.68 -5.43 10.40
N GLY A 404 24.60 -5.73 11.70
CA GLY A 404 25.09 -4.85 12.73
C GLY A 404 24.24 -3.62 12.97
N ASP A 405 23.02 -3.80 13.46
CA ASP A 405 22.17 -2.62 13.64
C ASP A 405 21.32 -2.81 14.88
N VAL A 406 21.12 -1.72 15.62
CA VAL A 406 20.32 -1.72 16.83
C VAL A 406 19.46 -0.46 16.87
N TYR A 407 18.18 -0.63 17.21
CA TYR A 407 17.24 0.47 17.31
C TYR A 407 16.59 0.46 18.69
N VAL A 408 16.42 1.65 19.26
CA VAL A 408 15.68 1.83 20.50
C VAL A 408 14.53 2.78 20.21
N ASN A 409 13.31 2.33 20.48
CA ASN A 409 12.10 3.11 20.18
C ASN A 409 12.05 3.49 18.71
N GLY A 410 12.50 2.57 17.85
CA GLY A 410 12.42 2.78 16.41
C GLY A 410 13.31 3.87 15.86
N PHE A 411 14.54 4.00 16.34
CA PHE A 411 15.49 4.97 15.82
C PHE A 411 16.86 4.33 15.63
N GLY A 412 17.56 4.76 14.58
CA GLY A 412 18.87 4.22 14.26
C GLY A 412 19.99 4.84 15.07
N TYR A 413 20.11 4.44 16.34
CA TYR A 413 21.08 5.08 17.22
C TYR A 413 22.51 4.67 16.88
N LEU A 414 22.73 3.40 16.52
CA LEU A 414 24.08 2.91 16.37
C LEU A 414 24.11 1.76 15.37
N HIS A 415 25.28 1.55 14.76
CA HIS A 415 25.49 0.49 13.79
C HIS A 415 26.79 -0.24 14.10
N LEU A 416 26.84 -1.51 13.71
CA LEU A 416 28.00 -2.35 13.97
C LEU A 416 28.24 -3.25 12.76
N GLY A 417 29.17 -4.20 12.91
CA GLY A 417 29.42 -5.20 11.91
C GLY A 417 28.50 -6.39 12.06
N LEU A 418 28.68 -7.38 11.17
CA LEU A 418 27.79 -8.53 11.10
C LEU A 418 27.64 -9.24 12.44
N LEU A 419 26.43 -9.19 13.00
CA LEU A 419 26.10 -9.92 14.21
C LEU A 419 25.93 -11.40 13.90
N ASP A 420 26.15 -12.23 14.92
CA ASP A 420 25.83 -13.65 14.81
C ASP A 420 25.10 -14.23 16.02
N ALA A 421 25.20 -13.60 17.19
CA ALA A 421 24.55 -14.13 18.38
C ALA A 421 24.33 -13.02 19.38
N VAL A 422 23.27 -13.17 20.17
CA VAL A 422 22.91 -12.24 21.23
C VAL A 422 22.58 -13.04 22.47
N THR A 423 22.86 -12.48 23.64
CA THR A 423 22.42 -13.06 24.90
C THR A 423 21.57 -12.04 25.64
N ILE A 424 20.42 -12.49 26.13
CA ILE A 424 19.45 -11.64 26.79
C ILE A 424 19.41 -12.04 28.26
N ASN A 425 19.66 -11.07 29.14
CA ASN A 425 19.71 -11.30 30.58
C ASN A 425 18.85 -10.20 31.22
N PHE A 426 17.55 -10.47 31.28
CA PHE A 426 16.54 -9.48 31.64
C PHE A 426 16.01 -9.75 33.04
N THR A 427 15.60 -8.67 33.72
CA THR A 427 15.42 -8.66 35.16
C THR A 427 13.98 -8.36 35.54
N GLY A 428 13.04 -9.10 34.97
CA GLY A 428 11.66 -9.00 35.43
C GLY A 428 11.00 -7.69 35.03
N HIS A 429 10.39 -7.03 36.01
CA HIS A 429 9.70 -5.77 35.77
C HIS A 429 9.68 -4.97 37.08
N GLY A 430 8.89 -3.90 37.09
CA GLY A 430 8.88 -2.96 38.19
C GLY A 430 8.07 -3.35 39.40
N THR A 431 7.36 -4.48 39.35
CA THR A 431 6.59 -5.03 40.46
C THR A 431 5.53 -4.07 40.98
N ASP A 432 5.15 -3.08 40.17
CA ASP A 432 4.08 -2.17 40.54
C ASP A 432 2.89 -2.22 39.57
N ASP A 433 3.08 -2.72 38.37
CA ASP A 433 1.97 -3.11 37.49
C ASP A 433 2.52 -4.20 36.58
N ASP A 434 2.25 -5.45 36.93
CA ASP A 434 2.83 -6.58 36.24
C ASP A 434 1.75 -7.34 35.47
N VAL A 435 2.22 -8.26 34.64
CA VAL A 435 1.44 -9.31 33.96
C VAL A 435 0.01 -8.88 33.63
N SER A 436 -0.16 -7.62 33.21
CA SER A 436 -1.37 -7.19 32.54
C SER A 436 -1.26 -7.52 31.06
N GLY A 437 -0.93 -8.78 30.81
CA GLY A 437 -0.50 -9.24 29.51
C GLY A 437 0.87 -9.88 29.60
N PHE A 438 1.67 -9.78 28.54
CA PHE A 438 3.00 -10.35 28.52
C PHE A 438 3.93 -9.46 27.72
N TRP A 439 5.15 -9.28 28.22
CA TRP A 439 6.21 -8.67 27.44
C TRP A 439 6.76 -9.72 26.49
N THR A 440 6.97 -9.33 25.24
CA THR A 440 7.08 -10.32 24.17
C THR A 440 8.31 -10.10 23.30
N ILE A 441 8.95 -11.20 22.91
CA ILE A 441 10.08 -11.17 22.01
C ILE A 441 9.68 -11.86 20.72
N ALA A 442 10.04 -11.24 19.60
CA ALA A 442 9.61 -11.71 18.28
C ALA A 442 10.82 -11.87 17.37
N SER A 443 10.94 -13.06 16.80
CA SER A 443 11.88 -13.30 15.71
C SER A 443 11.25 -12.85 14.41
N THR A 444 11.93 -11.95 13.69
CA THR A 444 11.36 -11.38 12.48
C THR A 444 12.39 -11.38 11.36
N ASN A 445 11.90 -11.47 10.14
CA ASN A 445 12.69 -11.30 8.93
C ASN A 445 12.15 -10.09 8.16
N PHE A 446 13.07 -9.41 7.47
CA PHE A 446 12.72 -8.23 6.71
C PHE A 446 11.80 -8.58 5.55
N VAL A 447 10.88 -7.67 5.25
CA VAL A 447 9.95 -7.84 4.15
C VAL A 447 9.47 -6.45 3.74
N ASP A 448 9.17 -6.30 2.45
CA ASP A 448 8.58 -5.06 1.95
C ASP A 448 7.09 -5.05 2.28
N ALA A 449 6.65 -4.05 3.02
CA ALA A 449 5.27 -3.99 3.47
C ALA A 449 4.75 -2.56 3.35
N LEU A 450 3.44 -2.45 3.18
CA LEU A 450 2.74 -1.18 3.22
C LEU A 450 2.20 -0.96 4.62
N ILE A 451 2.49 0.20 5.19
CA ILE A 451 2.18 0.51 6.58
C ILE A 451 1.39 1.79 6.63
N GLU A 452 0.24 1.75 7.29
CA GLU A 452 -0.55 2.96 7.56
C GLU A 452 -0.25 3.41 8.99
N VAL A 453 0.25 4.63 9.13
CA VAL A 453 0.67 5.15 10.42
C VAL A 453 -0.06 6.47 10.67
N GLN A 454 -0.62 6.61 11.87
CA GLN A 454 -1.17 7.88 12.32
C GLN A 454 -0.71 8.13 13.75
N GLY A 455 -0.41 9.38 14.05
CA GLY A 455 0.16 9.70 15.36
C GLY A 455 1.44 8.92 15.62
N THR A 456 2.33 8.87 14.63
CA THR A 456 3.61 8.14 14.67
C THR A 456 3.45 6.74 15.27
N ALA A 457 2.29 6.14 15.10
CA ALA A 457 2.02 4.79 15.59
C ALA A 457 1.39 3.97 14.47
N ILE A 458 1.91 2.76 14.27
CA ILE A 458 1.38 1.88 13.24
C ILE A 458 0.03 1.35 13.67
N GLN A 459 -0.93 1.34 12.74
CA GLN A 459 -2.24 0.76 13.01
C GLN A 459 -2.64 -0.37 12.08
N ARG A 460 -2.12 -0.42 10.85
CA ARG A 460 -2.40 -1.56 9.99
C ARG A 460 -1.29 -1.71 8.96
N ILE A 461 -1.14 -2.94 8.48
CA ILE A 461 -0.03 -3.32 7.62
C ILE A 461 -0.55 -4.29 6.56
N LEU A 462 0.19 -4.37 5.46
CA LEU A 462 -0.14 -5.26 4.35
C LEU A 462 1.15 -5.77 3.74
N TYR A 463 1.32 -7.09 3.69
CA TYR A 463 2.54 -7.68 3.16
C TYR A 463 2.52 -7.68 1.65
N CYS A 464 3.65 -7.33 1.05
CA CYS A 464 3.77 -7.24 -0.41
C CYS A 464 4.38 -8.52 -0.99
N ASP A 465 3.62 -9.60 -0.91
CA ASP A 465 4.01 -10.88 -1.51
C ASP A 465 2.95 -11.45 -2.45
N ASP A 466 1.68 -11.34 -2.08
CA ASP A 466 0.62 -11.74 -2.97
C ASP A 466 0.62 -10.86 -4.22
N PRO A 467 0.43 -11.43 -5.42
CA PRO A 467 0.30 -10.57 -6.60
C PRO A 467 -0.78 -9.50 -6.47
N VAL A 468 -1.90 -9.81 -5.83
CA VAL A 468 -2.88 -8.78 -5.50
C VAL A 468 -2.26 -7.76 -4.56
N SER A 469 -1.58 -8.24 -3.51
CA SER A 469 -0.87 -7.35 -2.61
C SER A 469 0.30 -6.67 -3.32
N GLN A 470 0.91 -7.34 -4.29
CA GLN A 470 1.96 -6.70 -5.07
C GLN A 470 1.43 -5.50 -5.83
N LEU A 471 0.25 -5.66 -6.44
CA LEU A 471 -0.38 -4.53 -7.13
C LEU A 471 -0.75 -3.43 -6.14
N LYS A 472 -1.27 -3.81 -4.97
CA LYS A 472 -1.61 -2.81 -3.96
C LYS A 472 -0.38 -2.01 -3.53
N CYS A 473 0.74 -2.70 -3.31
CA CYS A 473 1.97 -2.01 -2.92
C CYS A 473 2.59 -1.24 -4.08
N SER A 474 2.28 -1.60 -5.33
CA SER A 474 2.71 -0.79 -6.46
C SER A 474 2.09 0.60 -6.38
N GLN A 475 0.80 0.67 -6.07
CA GLN A 475 0.16 1.91 -5.69
C GLN A 475 0.45 2.16 -4.21
N VAL A 476 -0.19 3.18 -3.63
CA VAL A 476 -0.12 3.42 -2.18
C VAL A 476 -1.56 3.50 -1.70
N ALA A 477 -2.13 2.36 -1.33
CA ALA A 477 -3.50 2.25 -0.87
C ALA A 477 -3.74 0.84 -0.38
N PHE A 478 -4.69 0.70 0.55
CA PHE A 478 -5.12 -0.61 1.03
C PHE A 478 -6.33 -1.13 0.26
N ASP A 479 -7.27 -0.25 -0.08
CA ASP A 479 -8.37 -0.59 -0.95
C ASP A 479 -8.17 0.06 -2.32
N LEU A 480 -8.56 -0.66 -3.36
CA LEU A 480 -8.40 -0.18 -4.73
C LEU A 480 -9.75 -0.26 -5.45
N ASP A 481 -10.10 0.82 -6.13
CA ASP A 481 -11.32 0.84 -6.92
C ASP A 481 -11.20 -0.12 -8.09
N ASP A 482 -12.35 -0.66 -8.51
CA ASP A 482 -12.38 -1.59 -9.64
C ASP A 482 -11.86 -0.90 -10.90
N GLY A 483 -10.99 -1.59 -11.61
CA GLY A 483 -10.45 -1.03 -12.83
C GLY A 483 -9.28 -1.85 -13.34
N PHE A 484 -8.76 -1.43 -14.48
CA PHE A 484 -7.59 -2.08 -15.08
C PHE A 484 -6.35 -1.35 -14.61
N TYR A 485 -5.43 -2.08 -14.00
CA TYR A 485 -4.21 -1.51 -13.46
C TYR A 485 -2.99 -2.05 -14.19
N PRO A 486 -2.02 -1.20 -14.49
CA PRO A 486 -0.78 -1.69 -15.10
C PRO A 486 -0.05 -2.66 -14.19
N PHE A 487 0.64 -3.62 -14.80
CA PHE A 487 1.29 -4.68 -14.07
C PHE A 487 2.51 -5.14 -14.86
N SER A 488 3.51 -5.62 -14.14
CA SER A 488 4.76 -6.07 -14.76
C SER A 488 4.78 -7.59 -14.82
N SER A 489 5.19 -8.11 -15.98
CA SER A 489 5.29 -9.56 -16.16
C SER A 489 6.29 -10.13 -15.17
N ARG A 490 5.93 -11.23 -14.53
CA ARG A 490 6.79 -11.86 -13.53
C ARG A 490 8.05 -12.39 -14.20
N ASN A 491 9.19 -11.80 -13.86
CA ASN A 491 10.47 -12.21 -14.41
C ASN A 491 10.94 -13.50 -13.73
N LEU A 492 12.15 -13.93 -14.08
CA LEU A 492 12.72 -15.12 -13.47
C LEU A 492 12.96 -14.89 -11.98
N LEU A 493 12.59 -15.88 -11.16
CA LEU A 493 12.80 -15.76 -9.73
C LEU A 493 14.28 -15.69 -9.38
N SER A 494 15.10 -16.51 -10.02
CA SER A 494 16.55 -16.46 -9.88
C SER A 494 17.11 -15.66 -11.04
N HIS A 495 17.84 -14.59 -10.72
CA HIS A 495 18.34 -13.70 -11.78
C HIS A 495 19.35 -14.40 -12.65
N GLU A 496 20.51 -14.78 -12.08
CA GLU A 496 21.55 -15.59 -12.72
C GLU A 496 21.77 -15.22 -14.19
N GLN A 497 21.69 -13.94 -14.50
CA GLN A 497 21.70 -13.51 -15.90
C GLN A 497 23.09 -13.74 -16.50
N PRO A 498 23.18 -14.45 -17.61
CA PRO A 498 24.47 -14.56 -18.31
C PRO A 498 24.86 -13.21 -18.89
N ILE A 499 26.14 -13.09 -19.24
CA ILE A 499 26.69 -11.87 -19.81
C ILE A 499 26.91 -12.10 -21.30
N SER A 500 26.38 -11.19 -22.12
CA SER A 500 26.54 -11.26 -23.56
C SER A 500 27.31 -10.05 -24.05
N PHE A 501 28.13 -10.26 -25.09
CA PHE A 501 29.00 -9.21 -25.61
C PHE A 501 29.29 -9.51 -27.06
N VAL A 502 28.89 -8.59 -27.95
CA VAL A 502 29.06 -8.77 -29.39
C VAL A 502 29.70 -7.51 -29.96
N THR A 503 30.84 -7.69 -30.64
CA THR A 503 31.51 -6.60 -31.35
C THR A 503 32.58 -7.16 -32.26
N LEU A 504 32.58 -6.79 -33.53
CA LEU A 504 33.61 -7.25 -34.45
C LEU A 504 34.91 -6.51 -34.16
N PRO A 505 36.00 -7.21 -33.85
CA PRO A 505 37.24 -6.51 -33.48
C PRO A 505 38.13 -6.18 -34.68
N SER A 506 39.26 -5.56 -34.41
CA SER A 506 40.20 -5.18 -35.44
C SER A 506 41.02 -6.39 -35.89
N PHE A 507 41.66 -6.24 -37.05
CA PHE A 507 42.55 -7.27 -37.54
C PHE A 507 43.77 -7.36 -36.65
N ASN A 508 44.13 -8.58 -36.25
CA ASN A 508 45.24 -8.76 -35.32
C ASN A 508 46.57 -8.55 -36.05
N ALA A 509 46.98 -7.29 -36.18
CA ALA A 509 48.17 -6.96 -36.94
C ALA A 509 49.41 -7.62 -36.35
N HIS A 510 50.20 -8.23 -37.21
CA HIS A 510 51.47 -8.84 -36.84
C HIS A 510 52.62 -7.98 -37.35
N SER A 511 53.79 -8.22 -36.77
CA SER A 511 55.00 -7.54 -37.22
C SER A 511 56.20 -8.45 -37.07
N PHE A 512 57.14 -8.33 -38.00
CA PHE A 512 58.45 -8.96 -37.90
C PHE A 512 59.48 -7.90 -37.56
N VAL A 513 60.13 -8.07 -36.42
CA VAL A 513 61.23 -7.20 -36.01
C VAL A 513 62.50 -7.90 -36.47
N ASN A 514 63.00 -7.46 -37.62
CA ASN A 514 64.29 -7.95 -38.09
C ASN A 514 65.40 -7.40 -37.20
N ILE A 515 66.50 -8.14 -37.14
CA ILE A 515 67.79 -7.64 -36.69
C ILE A 515 68.84 -8.28 -37.60
N THR A 516 69.78 -7.48 -38.10
CA THR A 516 70.80 -7.98 -39.00
C THR A 516 72.14 -7.41 -38.60
N VAL A 517 73.11 -8.27 -38.31
CA VAL A 517 74.46 -7.85 -37.96
C VAL A 517 75.41 -8.29 -39.06
N SER A 518 76.15 -7.33 -39.61
CA SER A 518 77.07 -7.54 -40.72
C SER A 518 78.49 -7.31 -40.22
N ALA A 519 79.31 -8.36 -40.24
CA ALA A 519 80.68 -8.28 -39.75
C ALA A 519 81.60 -9.04 -40.69
N SER A 520 82.51 -8.31 -41.33
CA SER A 520 83.60 -8.90 -42.08
C SER A 520 84.82 -8.94 -41.16
N PHE A 521 85.25 -10.14 -40.82
CA PHE A 521 86.31 -10.36 -39.84
C PHE A 521 87.47 -11.11 -40.52
N GLY A 522 88.42 -11.56 -39.69
CA GLY A 522 89.52 -12.34 -40.19
C GLY A 522 90.73 -11.52 -40.58
N GLY A 523 90.62 -10.76 -41.67
CA GLY A 523 91.75 -10.00 -42.16
C GLY A 523 92.88 -10.94 -42.53
N HIS A 524 94.04 -10.72 -41.91
CA HIS A 524 95.20 -11.59 -42.08
C HIS A 524 95.26 -12.56 -40.92
N SER A 525 95.46 -13.85 -41.23
CA SER A 525 95.57 -14.96 -40.29
C SER A 525 94.28 -15.24 -39.54
N GLY A 526 93.20 -14.51 -39.81
CA GLY A 526 91.91 -14.77 -39.18
C GLY A 526 91.72 -14.16 -37.81
N ALA A 527 92.74 -13.50 -37.26
CA ALA A 527 92.63 -12.87 -35.95
C ALA A 527 92.38 -11.38 -36.02
N ASN A 528 92.20 -10.82 -37.22
CA ASN A 528 92.00 -9.40 -37.42
C ASN A 528 90.54 -9.14 -37.78
N LEU A 529 90.21 -7.86 -37.93
CA LEU A 529 88.85 -7.43 -38.26
C LEU A 529 88.90 -6.50 -39.47
N ILE A 530 87.79 -6.44 -40.19
CA ILE A 530 87.66 -5.55 -41.34
C ILE A 530 86.59 -4.52 -41.05
N ALA A 531 85.37 -4.96 -40.76
CA ALA A 531 84.28 -4.03 -40.48
C ALA A 531 83.19 -4.75 -39.69
N SER A 532 82.38 -3.96 -39.00
CA SER A 532 81.25 -4.48 -38.25
C SER A 532 80.18 -3.41 -38.12
N ASP A 533 78.92 -3.82 -38.23
CA ASP A 533 77.76 -2.95 -38.20
C ASP A 533 76.54 -3.80 -37.90
N THR A 534 75.44 -3.15 -37.52
CA THR A 534 74.18 -3.85 -37.34
C THR A 534 73.02 -2.87 -37.47
N THR A 535 71.88 -3.39 -37.92
CA THR A 535 70.66 -2.62 -38.08
C THR A 535 69.49 -3.46 -37.59
N ILE A 536 68.36 -2.80 -37.35
CA ILE A 536 67.15 -3.51 -36.95
C ILE A 536 66.30 -3.80 -38.18
N ASN A 537 65.78 -2.75 -38.81
CA ASN A 537 64.91 -2.90 -39.98
C ASN A 537 65.43 -2.01 -41.11
N GLY A 538 66.74 -2.06 -41.30
CA GLY A 538 67.40 -1.10 -42.14
C GLY A 538 67.58 0.24 -41.49
N PHE A 539 67.23 0.36 -40.20
CA PHE A 539 67.32 1.60 -39.46
C PHE A 539 68.18 1.38 -38.21
N SER A 540 68.78 2.46 -37.73
CA SER A 540 69.56 2.40 -36.49
C SER A 540 68.69 2.23 -35.26
N SER A 541 67.38 2.47 -35.36
CA SER A 541 66.48 2.30 -34.23
C SER A 541 65.11 1.90 -34.75
N PHE A 542 64.34 1.23 -33.88
CA PHE A 542 63.00 0.80 -34.23
C PHE A 542 62.17 0.70 -32.96
N CYS A 543 60.85 0.75 -33.13
CA CYS A 543 59.93 0.60 -32.00
C CYS A 543 58.75 -0.24 -32.45
N VAL A 544 58.34 -1.18 -31.60
CA VAL A 544 57.27 -2.10 -31.93
C VAL A 544 55.93 -1.38 -31.81
N ASP A 545 55.05 -1.59 -32.79
CA ASP A 545 53.73 -0.97 -32.81
C ASP A 545 52.60 -1.97 -32.73
N THR A 546 52.65 -3.04 -33.51
CA THR A 546 51.56 -4.01 -33.53
C THR A 546 51.51 -4.80 -32.23
N ARG A 547 50.33 -5.35 -31.92
CA ARG A 547 50.16 -6.13 -30.70
C ARG A 547 51.04 -7.38 -30.73
N GLN A 548 51.14 -8.03 -31.88
CA GLN A 548 51.92 -9.24 -32.03
C GLN A 548 53.18 -8.95 -32.84
N PHE A 549 54.34 -9.27 -32.28
CA PHE A 549 55.61 -9.07 -32.95
C PHE A 549 56.48 -10.31 -32.75
N THR A 550 57.30 -10.59 -33.76
CA THR A 550 58.22 -11.73 -33.73
C THR A 550 59.60 -11.24 -34.13
N ILE A 551 60.60 -11.51 -33.28
CA ILE A 551 61.96 -11.07 -33.56
C ILE A 551 62.68 -12.12 -34.40
N SER A 552 63.53 -11.67 -35.31
CA SER A 552 64.28 -12.56 -36.19
C SER A 552 65.68 -12.00 -36.40
N LEU A 553 66.70 -12.76 -36.01
CA LEU A 553 68.09 -12.30 -35.98
C LEU A 553 68.89 -12.96 -37.09
N SER A 554 69.74 -12.16 -37.75
CA SER A 554 70.46 -12.61 -38.93
C SER A 554 71.94 -12.21 -38.86
N TYR A 555 72.76 -13.06 -39.49
CA TYR A 555 74.17 -13.26 -39.13
C TYR A 555 75.11 -13.14 -40.34
N ASN A 556 75.17 -11.96 -40.95
CA ASN A 556 76.40 -11.72 -41.71
C ASN A 556 77.61 -11.80 -40.81
N VAL A 557 78.34 -12.91 -40.84
CA VAL A 557 79.74 -12.88 -40.41
C VAL A 557 80.55 -13.60 -41.48
N THR A 558 81.35 -12.83 -42.20
CA THR A 558 82.19 -13.35 -43.27
C THR A 558 83.64 -13.31 -42.81
N ASN A 559 84.26 -14.48 -42.71
CA ASN A 559 85.64 -14.59 -42.22
C ASN A 559 86.54 -14.92 -43.40
N SER A 560 87.59 -14.12 -43.58
CA SER A 560 88.54 -14.39 -44.65
C SER A 560 89.32 -15.69 -44.41
N TYR A 561 89.30 -16.21 -43.18
CA TYR A 561 90.02 -17.43 -42.85
C TYR A 561 89.12 -18.65 -42.78
N GLY A 562 87.82 -18.48 -42.55
CA GLY A 562 86.93 -19.60 -42.40
C GLY A 562 85.55 -19.23 -41.88
N TYR A 563 85.10 -19.92 -40.84
CA TYR A 563 83.81 -19.67 -40.22
C TYR A 563 83.99 -18.91 -38.91
N VAL A 564 82.87 -18.46 -38.36
CA VAL A 564 82.83 -17.72 -37.10
C VAL A 564 81.66 -18.21 -36.27
N SER A 565 81.91 -18.49 -34.99
CA SER A 565 80.86 -18.84 -34.05
C SER A 565 80.25 -17.58 -33.45
N ASN A 566 78.93 -17.47 -33.50
CA ASN A 566 78.23 -16.31 -32.97
C ASN A 566 77.43 -16.70 -31.74
N SER A 567 77.59 -15.92 -30.67
CA SER A 567 76.92 -16.16 -29.41
C SER A 567 76.19 -14.90 -28.98
N GLN A 568 75.13 -15.09 -28.20
CA GLN A 568 74.26 -14.00 -27.75
C GLN A 568 74.38 -13.84 -26.25
N ASP A 569 74.63 -12.62 -25.81
CA ASP A 569 74.64 -12.26 -24.40
C ASP A 569 73.28 -11.67 -24.02
N SER A 570 73.06 -11.54 -22.71
CA SER A 570 71.80 -10.99 -22.22
C SER A 570 72.02 -10.39 -20.84
N ASN A 571 71.70 -9.10 -20.71
CA ASN A 571 71.72 -8.40 -19.44
C ASN A 571 70.35 -7.76 -19.19
N CYS A 572 69.30 -8.46 -19.54
CA CYS A 572 67.93 -8.00 -19.46
C CYS A 572 67.09 -9.08 -18.79
N PRO A 573 65.92 -8.71 -18.23
CA PRO A 573 65.03 -9.73 -17.66
C PRO A 573 64.44 -10.66 -18.70
N PHE A 574 64.80 -10.46 -19.96
CA PHE A 574 64.34 -11.28 -21.07
C PHE A 574 65.45 -11.37 -22.11
N THR A 575 65.37 -12.40 -22.95
CA THR A 575 66.35 -12.64 -23.99
C THR A 575 65.67 -12.55 -25.36
N LEU A 576 66.50 -12.49 -26.41
CA LEU A 576 65.97 -12.48 -27.77
C LEU A 576 65.18 -13.75 -28.05
N GLN A 577 65.57 -14.87 -27.46
CA GLN A 577 64.82 -16.11 -27.62
C GLN A 577 63.55 -16.11 -26.77
N SER A 578 63.60 -15.46 -25.60
CA SER A 578 62.47 -15.49 -24.68
C SER A 578 61.33 -14.57 -25.14
N VAL A 579 61.67 -13.42 -25.71
CA VAL A 579 60.65 -12.40 -25.97
C VAL A 579 59.58 -12.92 -26.92
N ASN A 580 59.97 -13.77 -27.87
CA ASN A 580 59.01 -14.27 -28.85
C ASN A 580 57.91 -15.11 -28.22
N ASP A 581 58.14 -15.71 -27.05
CA ASP A 581 57.16 -16.64 -26.51
C ASP A 581 55.84 -15.95 -26.18
N TYR A 582 55.81 -15.15 -25.10
CA TYR A 582 54.61 -14.36 -24.81
C TYR A 582 54.93 -13.03 -24.12
N LEU A 583 56.15 -12.52 -24.27
CA LEU A 583 56.54 -11.31 -23.56
C LEU A 583 55.68 -10.13 -24.01
N SER A 584 55.18 -9.37 -23.04
CA SER A 584 54.30 -8.24 -23.30
C SER A 584 54.90 -6.97 -22.73
N PHE A 585 54.68 -5.85 -23.43
CA PHE A 585 55.21 -4.56 -23.04
C PHE A 585 54.19 -3.48 -23.39
N SER A 586 54.33 -2.32 -22.74
CA SER A 586 53.62 -1.14 -23.19
C SER A 586 54.42 -0.33 -24.19
N LYS A 587 55.74 -0.31 -24.03
CA LYS A 587 56.63 0.28 -25.02
C LYS A 587 57.83 -0.64 -25.19
N PHE A 588 58.28 -0.80 -26.43
CA PHE A 588 59.45 -1.62 -26.70
C PHE A 588 60.18 -1.03 -27.90
N CYS A 589 61.41 -0.59 -27.67
CA CYS A 589 62.24 0.01 -28.71
C CYS A 589 63.62 -0.62 -28.70
N VAL A 590 64.12 -0.93 -29.90
CA VAL A 590 65.42 -1.54 -30.10
C VAL A 590 66.34 -0.50 -30.72
N SER A 591 67.53 -0.34 -30.15
CA SER A 591 68.49 0.64 -30.64
C SER A 591 69.86 0.00 -30.79
N THR A 592 70.58 0.37 -31.86
CA THR A 592 71.97 0.00 -32.01
C THR A 592 72.91 0.97 -31.31
N SER A 593 72.39 2.10 -30.83
CA SER A 593 73.18 3.08 -30.11
C SER A 593 72.54 3.36 -28.76
N LEU A 594 73.00 4.41 -28.07
CA LEU A 594 72.47 4.72 -26.74
C LEU A 594 70.96 4.95 -26.79
N LEU A 595 70.26 4.40 -25.81
CA LEU A 595 68.81 4.50 -25.74
C LEU A 595 68.41 4.72 -24.27
N ALA A 596 67.39 5.55 -24.07
CA ALA A 596 67.01 5.95 -22.73
C ALA A 596 66.41 4.78 -21.95
N SER A 597 66.90 4.58 -20.73
CA SER A 597 66.41 3.53 -19.83
C SER A 597 66.43 2.16 -20.50
N ALA A 598 67.50 1.88 -21.26
CA ALA A 598 67.57 0.67 -22.05
C ALA A 598 68.56 -0.32 -21.47
N CYS A 599 68.12 -1.57 -21.32
CA CYS A 599 68.99 -2.66 -20.91
C CYS A 599 69.85 -3.10 -22.09
N THR A 600 71.02 -3.65 -21.75
CA THR A 600 72.08 -3.92 -22.72
C THR A 600 72.10 -5.40 -23.08
N ILE A 601 72.27 -5.68 -24.38
CA ILE A 601 72.47 -7.02 -24.91
C ILE A 601 73.61 -6.96 -25.91
N ASP A 602 74.56 -7.88 -25.77
CA ASP A 602 75.75 -7.92 -26.59
C ASP A 602 75.79 -9.22 -27.40
N LEU A 603 76.55 -9.18 -28.49
CA LEU A 603 76.74 -10.35 -29.35
C LEU A 603 78.23 -10.55 -29.56
N PHE A 604 78.68 -11.80 -29.51
CA PHE A 604 80.09 -12.15 -29.64
C PHE A 604 80.32 -12.92 -30.92
N GLY A 605 81.39 -12.57 -31.62
CA GLY A 605 81.79 -13.28 -32.82
C GLY A 605 83.21 -13.81 -32.73
N TYR A 606 83.36 -15.12 -32.73
CA TYR A 606 84.66 -15.77 -32.59
C TYR A 606 85.09 -16.34 -33.93
N PRO A 607 86.08 -15.77 -34.61
CA PRO A 607 86.56 -16.38 -35.86
C PRO A 607 87.30 -17.69 -35.62
N GLU A 608 87.84 -18.28 -36.69
CA GLU A 608 88.49 -19.58 -36.57
C GLU A 608 89.66 -19.56 -35.59
N PHE A 609 90.29 -18.42 -35.36
CA PHE A 609 91.39 -18.32 -34.42
C PHE A 609 91.09 -17.41 -33.23
N GLY A 610 89.85 -16.96 -33.08
CA GLY A 610 89.42 -16.31 -31.85
C GLY A 610 89.86 -14.88 -31.65
N SER A 611 89.39 -13.97 -32.50
CA SER A 611 89.59 -12.55 -32.25
C SER A 611 88.86 -12.11 -30.98
N GLY A 612 87.65 -12.63 -30.77
CA GLY A 612 86.93 -12.40 -29.54
C GLY A 612 86.37 -11.01 -29.36
N VAL A 613 85.99 -10.34 -30.45
CA VAL A 613 85.42 -9.00 -30.36
C VAL A 613 83.90 -9.08 -30.40
N LYS A 614 83.26 -8.12 -29.73
CA LYS A 614 81.82 -8.00 -29.78
C LYS A 614 81.39 -7.25 -31.04
N PHE A 615 80.11 -7.41 -31.39
CA PHE A 615 79.50 -6.55 -32.39
C PHE A 615 79.00 -5.28 -31.70
N THR A 616 78.26 -4.46 -32.42
CA THR A 616 77.74 -3.23 -31.84
C THR A 616 76.74 -3.54 -30.73
N SER A 617 76.87 -2.85 -29.61
CA SER A 617 76.00 -3.09 -28.46
C SER A 617 74.56 -2.74 -28.82
N LEU A 618 73.64 -3.56 -28.31
CA LEU A 618 72.22 -3.41 -28.61
C LEU A 618 71.45 -3.10 -27.34
N TYR A 619 70.43 -2.25 -27.45
CA TYR A 619 69.70 -1.74 -26.28
C TYR A 619 68.21 -1.93 -26.47
N PHE A 620 67.54 -2.34 -25.40
CA PHE A 620 66.08 -2.38 -25.32
C PHE A 620 65.56 -1.36 -24.32
N GLN A 621 64.71 -0.44 -24.79
CA GLN A 621 63.88 0.37 -23.92
C GLN A 621 62.52 -0.30 -23.83
N PHE A 622 62.19 -0.81 -22.64
CA PHE A 622 60.96 -1.57 -22.48
C PHE A 622 60.21 -1.09 -21.25
N THR A 623 58.90 -0.89 -21.42
CA THR A 623 57.98 -0.58 -20.34
C THR A 623 56.83 -1.58 -20.41
N LYS A 624 56.55 -2.21 -19.28
CA LYS A 624 55.57 -3.29 -19.23
C LYS A 624 54.17 -2.78 -19.59
N GLY A 625 53.42 -3.63 -20.27
CA GLY A 625 52.06 -3.30 -20.66
C GLY A 625 51.48 -4.38 -21.54
N GLU A 626 50.18 -4.24 -21.79
CA GLU A 626 49.44 -5.19 -22.63
C GLU A 626 49.26 -4.68 -24.06
N LEU A 627 49.83 -3.52 -24.38
CA LEU A 627 49.64 -2.96 -25.71
C LEU A 627 50.24 -3.86 -26.79
N ILE A 628 51.41 -4.43 -26.53
CA ILE A 628 52.08 -5.31 -27.49
C ILE A 628 52.47 -6.60 -26.77
N THR A 629 52.69 -7.64 -27.57
CA THR A 629 53.05 -8.95 -27.04
C THR A 629 53.90 -9.68 -28.07
N GLY A 630 54.93 -10.39 -27.58
CA GLY A 630 55.78 -11.17 -28.46
C GLY A 630 55.12 -12.50 -28.79
N THR A 631 55.06 -12.82 -30.08
CA THR A 631 54.44 -14.05 -30.55
C THR A 631 55.45 -14.83 -31.39
N PRO A 632 55.47 -16.16 -31.24
CA PRO A 632 56.42 -16.97 -32.01
C PRO A 632 56.01 -17.17 -33.45
N LYS A 633 54.73 -17.01 -33.78
CA LYS A 633 54.25 -17.18 -35.13
C LYS A 633 53.11 -16.20 -35.36
N PRO A 634 53.12 -15.47 -36.48
CA PRO A 634 52.04 -14.52 -36.74
C PRO A 634 50.70 -15.23 -36.89
N LEU A 635 49.64 -14.52 -36.53
CA LEU A 635 48.28 -15.04 -36.57
C LEU A 635 47.37 -14.13 -37.37
N GLU A 636 47.85 -13.64 -38.52
CA GLU A 636 47.05 -12.76 -39.34
C GLU A 636 45.83 -13.49 -39.88
N GLY A 637 44.67 -12.86 -39.78
CA GLY A 637 43.39 -13.47 -40.11
C GLY A 637 42.59 -13.88 -38.89
N VAL A 638 43.19 -13.89 -37.71
CA VAL A 638 42.47 -14.24 -36.49
C VAL A 638 41.59 -13.08 -36.07
N THR A 639 40.31 -13.35 -35.82
CA THR A 639 39.35 -12.30 -35.53
C THR A 639 38.24 -12.87 -34.66
N ASP A 640 37.47 -11.96 -34.06
CA ASP A 640 36.21 -12.24 -33.36
C ASP A 640 36.42 -12.82 -31.97
N VAL A 641 35.85 -12.16 -30.97
CA VAL A 641 35.85 -12.64 -29.59
C VAL A 641 34.47 -12.58 -28.95
N SER A 642 33.43 -12.31 -29.71
CA SER A 642 32.09 -12.15 -29.15
C SER A 642 31.54 -13.47 -28.65
N PHE A 643 30.64 -13.38 -27.68
CA PHE A 643 29.98 -14.54 -27.11
C PHE A 643 28.61 -14.10 -26.59
N MET A 644 27.63 -14.99 -26.71
CA MET A 644 26.27 -14.63 -26.31
C MET A 644 25.48 -15.90 -25.99
N THR A 645 24.40 -15.71 -25.25
CA THR A 645 23.48 -16.78 -24.89
C THR A 645 22.13 -16.50 -25.55
N LEU A 646 21.58 -17.51 -26.22
CA LEU A 646 20.37 -17.34 -26.99
C LEU A 646 19.14 -17.70 -26.17
N ASP A 647 18.07 -16.93 -26.35
CA ASP A 647 16.75 -17.22 -25.79
C ASP A 647 16.76 -17.28 -24.26
N VAL A 648 17.63 -16.49 -23.64
CA VAL A 648 17.73 -16.43 -22.19
C VAL A 648 17.77 -14.97 -21.77
N CYS A 649 16.99 -14.62 -20.74
CA CYS A 649 17.01 -13.28 -20.19
C CYS A 649 18.40 -12.97 -19.67
N THR A 650 19.11 -12.05 -20.33
CA THR A 650 20.53 -11.85 -20.13
C THR A 650 20.88 -10.38 -20.29
N LYS A 651 22.01 -10.00 -19.69
CA LYS A 651 22.57 -8.68 -19.89
C LYS A 651 23.50 -8.69 -21.09
N TYR A 652 23.36 -7.70 -21.97
CA TYR A 652 24.07 -7.67 -23.23
C TYR A 652 24.76 -6.33 -23.44
N THR A 653 25.88 -6.39 -24.15
CA THR A 653 26.61 -5.21 -24.61
C THR A 653 26.85 -5.44 -26.10
N ILE A 654 25.91 -5.01 -26.91
CA ILE A 654 25.90 -5.29 -28.34
C ILE A 654 26.27 -4.02 -29.09
N TYR A 655 27.50 -4.01 -29.63
CA TYR A 655 27.98 -2.90 -30.45
C TYR A 655 27.83 -1.56 -29.73
N GLY A 656 28.17 -1.55 -28.44
CA GLY A 656 28.10 -0.35 -27.65
C GLY A 656 26.76 -0.09 -27.00
N PHE A 657 25.74 -0.90 -27.31
CA PHE A 657 24.44 -0.78 -26.67
C PHE A 657 24.41 -1.68 -25.44
N LYS A 658 24.37 -1.08 -24.26
CA LYS A 658 24.28 -1.84 -23.03
C LYS A 658 22.81 -1.96 -22.63
N GLY A 659 22.40 -3.17 -22.28
CA GLY A 659 21.01 -3.38 -21.95
C GLY A 659 20.77 -4.74 -21.36
N GLU A 660 19.50 -5.05 -21.15
CA GLU A 660 19.10 -6.31 -20.52
C GLU A 660 17.84 -6.81 -21.21
N GLY A 661 17.92 -7.99 -21.81
CA GLY A 661 16.79 -8.49 -22.58
C GLY A 661 17.03 -9.92 -23.02
N ILE A 662 16.23 -10.35 -24.00
CA ILE A 662 16.30 -11.70 -24.53
C ILE A 662 16.72 -11.62 -25.99
N ILE A 663 17.76 -12.35 -26.34
CA ILE A 663 18.30 -12.39 -27.70
C ILE A 663 17.79 -13.67 -28.37
N THR A 664 17.12 -13.52 -29.49
CA THR A 664 16.53 -14.65 -30.20
C THR A 664 16.93 -14.59 -31.66
N LEU A 665 17.47 -15.69 -32.19
CA LEU A 665 17.76 -15.75 -33.61
C LEU A 665 16.47 -15.60 -34.41
N THR A 666 16.45 -14.61 -35.30
CA THR A 666 15.27 -14.32 -36.09
C THR A 666 15.55 -14.66 -37.55
N ASN A 667 14.49 -15.02 -38.27
CA ASN A 667 14.61 -15.54 -39.62
C ASN A 667 14.29 -14.47 -40.66
N SER A 668 14.70 -13.23 -40.41
CA SER A 668 14.63 -12.18 -41.40
C SER A 668 15.84 -12.27 -42.33
N SER A 669 15.84 -11.42 -43.37
CA SER A 669 16.88 -11.46 -44.39
C SER A 669 17.40 -10.06 -44.67
N PHE A 670 17.69 -9.29 -43.63
CA PHE A 670 18.31 -7.99 -43.83
C PHE A 670 19.73 -8.18 -44.36
N LEU A 671 20.13 -7.32 -45.31
CA LEU A 671 21.44 -7.40 -45.91
C LEU A 671 22.35 -6.27 -45.46
N ALA A 672 21.89 -5.02 -45.55
CA ALA A 672 22.71 -3.89 -45.18
C ALA A 672 22.78 -3.76 -43.66
N GLY A 673 23.76 -3.00 -43.20
CA GLY A 673 23.90 -2.71 -41.78
C GLY A 673 24.49 -3.85 -40.98
N VAL A 674 24.93 -3.55 -39.75
CA VAL A 674 25.48 -4.57 -38.86
C VAL A 674 24.63 -4.62 -37.59
N TYR A 675 24.07 -3.47 -37.22
CA TYR A 675 23.12 -3.39 -36.12
C TYR A 675 21.93 -2.54 -36.57
N TYR A 676 20.75 -2.92 -36.10
CA TYR A 676 19.51 -2.31 -36.55
C TYR A 676 18.80 -1.65 -35.38
N THR A 677 18.32 -0.44 -35.62
CA THR A 677 17.61 0.31 -34.59
C THR A 677 16.36 0.94 -35.20
N SER A 678 15.36 1.16 -34.34
CA SER A 678 14.12 1.78 -34.79
C SER A 678 14.35 3.24 -35.11
N ASP A 679 13.30 3.90 -35.59
CA ASP A 679 13.38 5.32 -35.89
C ASP A 679 13.53 6.17 -34.65
N SER A 680 13.24 5.63 -33.47
CA SER A 680 13.40 6.33 -32.20
C SER A 680 14.75 6.10 -31.57
N GLY A 681 15.66 5.38 -32.23
CA GLY A 681 16.97 5.11 -31.69
C GLY A 681 17.04 3.94 -30.73
N GLN A 682 16.12 2.99 -30.82
CA GLN A 682 16.09 1.82 -29.95
C GLN A 682 16.55 0.60 -30.72
N LEU A 683 17.55 -0.10 -30.18
CA LEU A 683 18.09 -1.28 -30.84
C LEU A 683 17.04 -2.36 -30.95
N LEU A 684 16.92 -2.96 -32.13
CA LEU A 684 15.95 -4.02 -32.38
C LEU A 684 16.60 -5.33 -32.78
N ALA A 685 17.57 -5.31 -33.70
CA ALA A 685 18.22 -6.53 -34.14
C ALA A 685 19.66 -6.22 -34.51
N PHE A 686 20.52 -7.24 -34.42
CA PHE A 686 21.91 -7.11 -34.79
C PHE A 686 22.33 -8.33 -35.58
N LYS A 687 23.27 -8.12 -36.50
CA LYS A 687 23.69 -9.16 -37.44
C LYS A 687 25.04 -9.73 -37.03
N ASN A 688 25.09 -11.06 -36.90
CA ASN A 688 26.35 -11.78 -36.80
C ASN A 688 27.06 -11.68 -38.16
N VAL A 689 28.11 -10.87 -38.24
CA VAL A 689 28.76 -10.61 -39.52
C VAL A 689 29.41 -11.86 -40.06
N THR A 690 30.00 -12.69 -39.19
CA THR A 690 30.77 -13.83 -39.66
C THR A 690 29.88 -14.90 -40.28
N SER A 691 28.66 -15.07 -39.76
CA SER A 691 27.76 -16.09 -40.27
C SER A 691 26.57 -15.54 -41.04
N GLY A 692 26.31 -14.23 -40.95
CA GLY A 692 25.19 -13.64 -41.66
C GLY A 692 23.86 -13.74 -40.95
N ALA A 693 23.80 -14.43 -39.81
CA ALA A 693 22.56 -14.53 -39.07
C ALA A 693 22.19 -13.20 -38.42
N VAL A 694 20.92 -13.05 -38.08
CA VAL A 694 20.41 -11.86 -37.42
C VAL A 694 19.65 -12.27 -36.17
N TYR A 695 19.85 -11.51 -35.09
CA TYR A 695 19.27 -11.82 -33.81
C TYR A 695 18.54 -10.60 -33.29
N SER A 696 17.28 -10.79 -32.90
CA SER A 696 16.46 -9.72 -32.36
C SER A 696 16.57 -9.68 -30.84
N VAL A 697 16.41 -8.48 -30.29
CA VAL A 697 16.53 -8.23 -28.86
C VAL A 697 15.15 -7.78 -28.38
N THR A 698 14.53 -8.56 -27.52
CA THR A 698 13.22 -8.26 -26.98
C THR A 698 13.31 -7.99 -25.48
N PRO A 699 12.37 -7.24 -24.92
CA PRO A 699 12.35 -7.06 -23.46
C PRO A 699 12.10 -8.38 -22.75
N CYS A 700 12.71 -8.52 -21.57
CA CYS A 700 12.50 -9.72 -20.78
C CYS A 700 11.08 -9.82 -20.26
N SER A 701 10.47 -8.70 -19.88
CA SER A 701 9.11 -8.68 -19.36
C SER A 701 8.28 -7.69 -20.17
N PHE A 702 6.99 -7.97 -20.25
CA PHE A 702 6.05 -7.15 -21.01
C PHE A 702 4.97 -6.60 -20.09
N SER A 703 4.49 -5.42 -20.44
CA SER A 703 3.42 -4.80 -19.66
C SER A 703 2.14 -5.62 -19.78
N GLU A 704 1.37 -5.64 -18.68
CA GLU A 704 0.12 -6.37 -18.64
C GLU A 704 -0.91 -5.52 -17.91
N GLN A 705 -2.17 -5.91 -18.02
CA GLN A 705 -3.26 -5.25 -17.34
C GLN A 705 -3.92 -6.23 -16.38
N ALA A 706 -4.17 -5.80 -15.15
CA ALA A 706 -4.87 -6.60 -14.17
C ALA A 706 -6.24 -6.00 -13.94
N ALA A 707 -7.29 -6.81 -14.11
CA ALA A 707 -8.66 -6.33 -13.92
C ALA A 707 -9.03 -6.51 -12.45
N TYR A 708 -8.67 -5.52 -11.64
CA TYR A 708 -8.90 -5.58 -10.20
C TYR A 708 -10.34 -5.15 -9.94
N VAL A 709 -11.21 -6.13 -9.71
CA VAL A 709 -12.59 -5.87 -9.33
C VAL A 709 -12.94 -6.75 -8.14
N ASP A 710 -13.90 -6.27 -7.34
CA ASP A 710 -14.36 -7.00 -6.16
C ASP A 710 -13.20 -7.33 -5.23
N ASP A 711 -12.24 -6.41 -5.14
CA ASP A 711 -11.07 -6.56 -4.28
C ASP A 711 -10.29 -7.83 -4.59
N ASP A 712 -10.16 -8.14 -5.89
CA ASP A 712 -9.41 -9.31 -6.31
C ASP A 712 -8.99 -9.14 -7.76
N ILE A 713 -7.95 -9.87 -8.14
CA ILE A 713 -7.48 -9.89 -9.53
C ILE A 713 -8.20 -11.03 -10.23
N VAL A 714 -9.22 -10.68 -11.01
CA VAL A 714 -10.03 -11.71 -11.67
C VAL A 714 -9.49 -12.09 -13.04
N GLY A 715 -8.66 -11.26 -13.65
CA GLY A 715 -8.15 -11.55 -14.98
C GLY A 715 -6.97 -10.68 -15.31
N VAL A 716 -6.18 -11.15 -16.28
CA VAL A 716 -4.98 -10.46 -16.73
C VAL A 716 -4.99 -10.41 -18.25
N ILE A 717 -4.96 -9.20 -18.80
CA ILE A 717 -4.72 -9.00 -20.22
C ILE A 717 -3.21 -8.98 -20.44
N SER A 718 -2.71 -9.91 -21.24
CA SER A 718 -1.28 -10.08 -21.42
C SER A 718 -0.97 -10.39 -22.87
N SER A 719 0.25 -10.06 -23.28
CA SER A 719 0.76 -10.43 -24.59
C SER A 719 1.39 -11.82 -24.61
N LEU A 720 1.55 -12.44 -23.45
CA LEU A 720 2.17 -13.75 -23.38
C LEU A 720 1.15 -14.85 -23.69
N SER A 721 1.68 -16.03 -24.02
CA SER A 721 0.81 -17.14 -24.40
C SER A 721 0.11 -17.78 -23.21
N SER A 722 0.78 -17.84 -22.05
CA SER A 722 0.21 -18.52 -20.90
C SER A 722 0.72 -17.87 -19.62
N SER A 723 0.01 -18.12 -18.53
CA SER A 723 0.36 -17.59 -17.22
C SER A 723 -0.23 -18.51 -16.16
N THR A 724 -0.25 -18.06 -14.92
CA THR A 724 -0.73 -18.87 -13.80
C THR A 724 -2.23 -18.65 -13.57
N PHE A 725 -3.00 -19.02 -14.60
CA PHE A 725 -4.46 -18.99 -14.51
C PHE A 725 -5.01 -20.23 -15.21
N ASN A 726 -6.19 -20.65 -14.78
CA ASN A 726 -6.71 -21.94 -15.24
C ASN A 726 -7.07 -21.89 -16.73
N SER A 727 -7.58 -20.76 -17.21
CA SER A 727 -8.04 -20.64 -18.59
C SER A 727 -7.39 -19.44 -19.26
N THR A 728 -7.17 -19.57 -20.57
CA THR A 728 -6.63 -18.52 -21.41
C THR A 728 -7.46 -18.40 -22.67
N ARG A 729 -7.88 -17.19 -23.00
CA ARG A 729 -8.70 -16.92 -24.18
C ARG A 729 -7.94 -15.99 -25.11
N GLU A 730 -7.92 -16.34 -26.40
CA GLU A 730 -7.17 -15.58 -27.40
C GLU A 730 -8.09 -14.53 -27.99
N LEU A 731 -8.05 -13.34 -27.40
CA LEU A 731 -8.76 -12.20 -27.97
C LEU A 731 -8.05 -11.76 -29.24
N PRO A 732 -8.77 -11.07 -30.15
CA PRO A 732 -8.13 -10.65 -31.41
C PRO A 732 -6.91 -9.78 -31.23
N GLY A 733 -6.83 -9.03 -30.14
CA GLY A 733 -5.70 -8.14 -29.93
C GLY A 733 -4.71 -8.58 -28.88
N PHE A 734 -5.08 -9.54 -28.04
CA PHE A 734 -4.23 -9.93 -26.93
C PHE A 734 -4.73 -11.24 -26.33
N PHE A 735 -4.02 -11.71 -25.32
CA PHE A 735 -4.43 -12.86 -24.54
C PHE A 735 -5.11 -12.40 -23.26
N TYR A 736 -6.07 -13.18 -22.78
CA TYR A 736 -6.74 -12.90 -21.52
C TYR A 736 -6.72 -14.16 -20.66
N HIS A 737 -6.00 -14.12 -19.54
CA HIS A 737 -5.88 -15.26 -18.65
C HIS A 737 -6.74 -15.02 -17.42
N SER A 738 -7.60 -15.98 -17.10
CA SER A 738 -8.51 -15.83 -15.98
C SER A 738 -8.84 -17.22 -15.43
N ASN A 739 -9.63 -17.23 -14.37
CA ASN A 739 -10.09 -18.46 -13.74
C ASN A 739 -11.52 -18.81 -14.12
N ASP A 740 -12.07 -18.15 -15.14
CA ASP A 740 -13.44 -18.40 -15.57
C ASP A 740 -13.50 -18.23 -17.08
N GLY A 741 -13.59 -19.35 -17.80
CA GLY A 741 -13.65 -19.33 -19.24
C GLY A 741 -15.02 -19.16 -19.84
N SER A 742 -16.05 -19.00 -19.00
CA SER A 742 -17.41 -18.84 -19.50
C SER A 742 -17.61 -17.44 -20.07
N ASN A 743 -18.74 -17.26 -20.74
CA ASN A 743 -19.08 -15.96 -21.32
C ASN A 743 -19.40 -14.97 -20.21
N CYS A 744 -19.06 -13.71 -20.44
CA CYS A 744 -19.37 -12.62 -19.51
C CYS A 744 -20.59 -11.87 -20.03
N THR A 745 -21.77 -12.32 -19.63
CA THR A 745 -23.01 -11.69 -20.06
C THR A 745 -23.37 -10.46 -19.25
N GLU A 746 -22.74 -10.27 -18.09
CA GLU A 746 -23.03 -9.15 -17.19
C GLU A 746 -21.73 -8.43 -16.86
N PRO A 747 -21.21 -7.64 -17.80
CA PRO A 747 -19.91 -7.00 -17.56
C PRO A 747 -19.94 -6.01 -16.41
N VAL A 748 -19.26 -6.35 -15.32
CA VAL A 748 -19.16 -5.43 -14.20
C VAL A 748 -18.28 -4.25 -14.56
N LEU A 749 -17.17 -4.51 -15.24
CA LEU A 749 -16.22 -3.45 -15.61
C LEU A 749 -16.02 -3.49 -17.13
N VAL A 750 -16.39 -2.40 -17.78
CA VAL A 750 -16.30 -2.29 -19.24
C VAL A 750 -15.09 -1.45 -19.59
N TYR A 751 -14.38 -1.86 -20.65
CA TYR A 751 -13.17 -1.15 -21.06
C TYR A 751 -12.96 -1.40 -22.54
N SER A 752 -12.79 -0.32 -23.30
CA SER A 752 -12.58 -0.40 -24.74
C SER A 752 -13.67 -1.22 -25.41
N ASN A 753 -13.29 -2.33 -26.03
CA ASN A 753 -14.21 -3.19 -26.76
C ASN A 753 -14.68 -4.39 -25.95
N ILE A 754 -14.29 -4.50 -24.68
CA ILE A 754 -14.54 -5.70 -23.91
C ILE A 754 -15.16 -5.34 -22.56
N GLY A 755 -15.59 -6.36 -21.85
CA GLY A 755 -16.08 -6.19 -20.50
C GLY A 755 -15.80 -7.45 -19.70
N VAL A 756 -15.62 -7.26 -18.39
CA VAL A 756 -15.29 -8.34 -17.48
C VAL A 756 -16.34 -8.40 -16.38
N CYS A 757 -16.82 -9.60 -16.09
CA CYS A 757 -17.77 -9.82 -15.03
C CYS A 757 -17.06 -9.90 -13.68
N LYS A 758 -17.85 -9.96 -12.61
CA LYS A 758 -17.29 -10.10 -11.28
C LYS A 758 -16.63 -11.46 -11.08
N SER A 759 -16.99 -12.46 -11.89
CA SER A 759 -16.44 -13.80 -11.76
C SER A 759 -15.17 -14.00 -12.58
N GLY A 760 -14.69 -12.97 -13.27
CA GLY A 760 -13.51 -13.07 -14.10
C GLY A 760 -13.76 -13.39 -15.55
N SER A 761 -15.01 -13.70 -15.93
CA SER A 761 -15.32 -13.95 -17.32
C SER A 761 -15.17 -12.67 -18.14
N ILE A 762 -14.83 -12.85 -19.41
CA ILE A 762 -14.64 -11.73 -20.33
C ILE A 762 -15.57 -11.92 -21.52
N GLY A 763 -16.03 -10.82 -22.09
CA GLY A 763 -16.87 -10.90 -23.26
C GLY A 763 -17.15 -9.55 -23.87
N TYR A 764 -17.57 -9.56 -25.12
CA TYR A 764 -18.02 -8.34 -25.76
C TYR A 764 -19.34 -7.89 -25.17
N VAL A 765 -19.48 -6.60 -24.96
CA VAL A 765 -20.72 -6.05 -24.39
C VAL A 765 -21.80 -6.13 -25.45
N PRO A 766 -22.90 -6.82 -25.19
CA PRO A 766 -23.98 -6.88 -26.18
C PRO A 766 -24.66 -5.53 -26.34
N SER A 767 -24.97 -5.19 -27.59
CA SER A 767 -25.61 -3.91 -27.89
C SER A 767 -27.04 -3.94 -27.37
N GLN A 768 -27.30 -3.18 -26.31
CA GLN A 768 -28.64 -3.14 -25.73
C GLN A 768 -29.60 -2.45 -26.69
N SER A 769 -30.76 -3.08 -26.91
CA SER A 769 -31.76 -2.50 -27.79
C SER A 769 -32.45 -1.34 -27.12
N GLY A 770 -32.50 -0.19 -27.80
CA GLY A 770 -33.16 0.97 -27.26
C GLY A 770 -34.67 0.83 -27.29
N GLN A 771 -35.32 1.75 -26.58
CA GLN A 771 -36.78 1.75 -26.54
C GLN A 771 -37.32 2.14 -27.91
N VAL A 772 -38.31 1.39 -28.39
CA VAL A 772 -38.84 1.62 -29.73
C VAL A 772 -39.71 2.87 -29.75
N LYS A 773 -39.50 3.71 -30.76
CA LYS A 773 -40.30 4.91 -30.98
C LYS A 773 -41.05 4.77 -32.29
N ILE A 774 -42.35 5.03 -32.27
CA ILE A 774 -43.19 4.84 -33.44
C ILE A 774 -43.04 6.04 -34.36
N ALA A 775 -42.59 5.80 -35.59
CA ALA A 775 -42.47 6.87 -36.57
C ALA A 775 -43.86 7.28 -37.04
N PRO A 776 -44.21 8.57 -36.99
CA PRO A 776 -45.55 8.98 -37.42
C PRO A 776 -45.76 8.74 -38.91
N THR A 777 -47.00 8.42 -39.26
CA THR A 777 -47.38 8.19 -40.64
C THR A 777 -48.87 8.47 -40.79
N VAL A 778 -49.32 8.53 -42.04
CA VAL A 778 -50.68 8.93 -42.34
C VAL A 778 -51.61 7.77 -42.68
N THR A 779 -51.07 6.61 -43.02
CA THR A 779 -51.90 5.47 -43.40
C THR A 779 -51.20 4.18 -43.01
N GLY A 780 -51.88 3.07 -43.23
CA GLY A 780 -51.36 1.77 -42.87
C GLY A 780 -51.52 1.48 -41.39
N ASN A 781 -50.75 0.51 -40.92
CA ASN A 781 -50.79 0.15 -39.52
C ASN A 781 -49.98 1.14 -38.69
N ILE A 782 -50.49 1.45 -37.51
CA ILE A 782 -49.74 2.21 -36.51
C ILE A 782 -49.93 1.55 -35.16
N SER A 783 -48.84 1.42 -34.42
CA SER A 783 -48.87 0.94 -33.05
C SER A 783 -48.85 2.12 -32.10
N ILE A 784 -49.86 2.23 -31.26
CA ILE A 784 -49.96 3.26 -30.24
C ILE A 784 -49.53 2.67 -28.92
N PRO A 785 -48.59 3.28 -28.19
CA PRO A 785 -48.16 2.73 -26.91
C PRO A 785 -49.27 2.79 -25.86
N THR A 786 -49.20 1.85 -24.92
CA THR A 786 -50.15 1.78 -23.81
C THR A 786 -49.55 0.88 -22.74
N ASN A 787 -50.29 0.74 -21.63
CA ASN A 787 -49.81 0.04 -20.44
C ASN A 787 -48.53 0.69 -19.92
N PHE A 788 -48.53 2.02 -19.85
CA PHE A 788 -47.33 2.75 -19.50
C PHE A 788 -46.88 2.41 -18.09
N SER A 789 -45.59 2.15 -17.95
CA SER A 789 -44.95 1.92 -16.66
C SER A 789 -44.01 3.07 -16.37
N MET A 790 -44.08 3.60 -15.15
CA MET A 790 -43.40 4.83 -14.80
C MET A 790 -42.06 4.49 -14.14
N SER A 791 -40.98 4.58 -14.91
CA SER A 791 -39.64 4.28 -14.42
C SER A 791 -38.90 5.56 -14.09
N ILE A 792 -37.73 5.41 -13.46
CA ILE A 792 -36.89 6.53 -13.09
C ILE A 792 -35.45 6.24 -13.50
N ARG A 793 -34.80 7.23 -14.10
CA ARG A 793 -33.41 7.12 -14.51
C ARG A 793 -32.60 8.24 -13.85
N THR A 794 -31.42 7.89 -13.35
CA THR A 794 -30.61 8.78 -12.53
C THR A 794 -29.46 9.36 -13.33
N GLU A 795 -29.07 10.57 -12.98
CA GLU A 795 -27.93 11.22 -13.63
C GLU A 795 -27.34 12.26 -12.69
N TYR A 796 -26.03 12.17 -12.44
CA TYR A 796 -25.34 13.11 -11.57
C TYR A 796 -24.65 14.18 -12.40
N LEU A 797 -24.73 15.42 -11.93
CA LEU A 797 -24.08 16.55 -12.61
C LEU A 797 -23.36 17.38 -11.56
N GLN A 798 -22.05 17.52 -11.72
CA GLN A 798 -21.26 18.33 -10.81
C GLN A 798 -21.49 19.80 -11.08
N LEU A 799 -21.52 20.61 -10.02
CA LEU A 799 -21.81 22.02 -10.13
C LEU A 799 -20.64 22.94 -9.81
N TYR A 800 -19.74 22.53 -8.91
CA TYR A 800 -18.66 23.41 -8.50
C TYR A 800 -17.48 22.59 -8.01
N ASN A 801 -16.34 23.26 -7.89
CA ASN A 801 -15.13 22.68 -7.32
C ASN A 801 -14.68 23.51 -6.13
N THR A 802 -13.94 22.89 -5.23
CA THR A 802 -13.46 23.60 -4.05
C THR A 802 -12.38 24.59 -4.47
N PRO A 803 -12.57 25.89 -4.21
CA PRO A 803 -11.53 26.87 -4.57
C PRO A 803 -10.26 26.63 -3.78
N VAL A 804 -9.13 26.80 -4.46
CA VAL A 804 -7.82 26.63 -3.84
C VAL A 804 -6.97 27.86 -4.18
N SER A 805 -6.37 28.46 -3.15
CA SER A 805 -5.44 29.56 -3.33
C SER A 805 -4.04 29.07 -3.05
N VAL A 806 -3.10 29.46 -3.90
CA VAL A 806 -1.71 29.05 -3.77
C VAL A 806 -0.88 30.29 -3.48
N ASP A 807 -0.28 30.34 -2.29
CA ASP A 807 0.65 31.42 -1.97
C ASP A 807 1.94 31.13 -2.72
N CYS A 808 1.95 31.55 -3.99
CA CYS A 808 3.03 31.26 -4.92
C CYS A 808 4.40 31.61 -4.35
N ALA A 809 4.53 32.81 -3.77
CA ALA A 809 5.83 33.26 -3.29
C ALA A 809 6.38 32.33 -2.21
N THR A 810 5.56 32.05 -1.18
CA THR A 810 6.03 31.18 -0.12
C THR A 810 6.09 29.73 -0.56
N TYR A 811 5.28 29.34 -1.54
CA TYR A 811 5.35 27.98 -2.05
C TYR A 811 6.69 27.72 -2.72
N VAL A 812 7.16 28.66 -3.52
CA VAL A 812 8.42 28.46 -4.24
C VAL A 812 9.61 28.73 -3.33
N CYS A 813 9.60 29.88 -2.65
CA CYS A 813 10.78 30.33 -1.93
C CYS A 813 10.84 29.87 -0.48
N ASN A 814 9.77 29.27 0.04
CA ASN A 814 9.73 28.80 1.43
C ASN A 814 10.06 29.92 2.41
N GLY A 815 9.69 31.15 2.07
CA GLY A 815 9.90 32.28 2.95
C GLY A 815 11.30 32.84 2.96
N ASN A 816 12.20 32.35 2.10
CA ASN A 816 13.56 32.86 2.04
C ASN A 816 13.58 34.15 1.23
N SER A 817 14.08 35.23 1.85
CA SER A 817 14.08 36.53 1.18
C SER A 817 14.96 36.52 -0.06
N ARG A 818 16.12 35.89 0.03
CA ARG A 818 17.02 35.84 -1.13
C ARG A 818 16.38 35.06 -2.28
N CYS A 819 15.71 33.95 -1.97
CA CYS A 819 15.01 33.22 -3.02
C CYS A 819 13.87 34.04 -3.60
N LYS A 820 13.22 34.87 -2.79
CA LYS A 820 12.19 35.76 -3.33
C LYS A 820 12.79 36.78 -4.28
N GLN A 821 13.94 37.35 -3.93
CA GLN A 821 14.60 38.28 -4.82
C GLN A 821 14.98 37.60 -6.14
N LEU A 822 15.47 36.37 -6.08
CA LEU A 822 15.76 35.64 -7.30
C LEU A 822 14.50 35.35 -8.10
N LEU A 823 13.40 35.03 -7.41
CA LEU A 823 12.14 34.76 -8.09
C LEU A 823 11.60 36.00 -8.79
N THR A 824 11.91 37.18 -8.27
CA THR A 824 11.46 38.41 -8.92
C THR A 824 11.96 38.50 -10.36
N GLN A 825 13.07 37.83 -10.67
CA GLN A 825 13.58 37.82 -12.04
C GLN A 825 12.68 37.07 -12.99
N TYR A 826 11.79 36.22 -12.49
CA TYR A 826 10.89 35.46 -13.34
C TYR A 826 9.64 36.24 -13.72
N THR A 827 9.52 37.48 -13.26
CA THR A 827 8.52 38.44 -13.70
C THR A 827 7.12 37.90 -13.39
N ALA A 828 6.25 37.72 -14.39
CA ALA A 828 4.81 37.64 -14.14
C ALA A 828 4.23 36.24 -14.23
N ALA A 829 5.06 35.19 -14.31
CA ALA A 829 4.50 33.84 -14.34
C ALA A 829 3.74 33.55 -13.05
N CYS A 830 4.35 33.88 -11.92
CA CYS A 830 3.71 33.70 -10.61
C CYS A 830 2.43 34.52 -10.51
N LYS A 831 2.49 35.78 -10.95
CA LYS A 831 1.32 36.65 -10.90
C LYS A 831 0.19 36.11 -11.77
N THR A 832 0.52 35.62 -12.96
CA THR A 832 -0.50 35.06 -13.84
C THR A 832 -1.12 33.81 -13.24
N ILE A 833 -0.30 32.97 -12.60
CA ILE A 833 -0.83 31.77 -11.95
C ILE A 833 -1.85 32.16 -10.89
N GLU A 834 -1.48 33.08 -10.00
CA GLU A 834 -2.39 33.48 -8.93
C GLU A 834 -3.66 34.12 -9.49
N SER A 835 -3.49 35.00 -10.49
CA SER A 835 -4.65 35.69 -11.07
C SER A 835 -5.59 34.70 -11.74
N ALA A 836 -5.06 33.73 -12.48
CA ALA A 836 -5.91 32.75 -13.13
C ALA A 836 -6.67 31.92 -12.11
N LEU A 837 -5.99 31.49 -11.04
CA LEU A 837 -6.68 30.70 -10.01
C LEU A 837 -7.80 31.50 -9.38
N GLN A 838 -7.53 32.73 -8.98
CA GLN A 838 -8.55 33.51 -8.30
C GLN A 838 -9.70 33.89 -9.24
N LEU A 839 -9.39 34.16 -10.52
CA LEU A 839 -10.45 34.49 -11.48
C LEU A 839 -11.35 33.28 -11.72
N SER A 840 -10.77 32.10 -11.87
CA SER A 840 -11.59 30.91 -12.04
C SER A 840 -12.47 30.66 -10.82
N ALA A 841 -11.89 30.81 -9.63
CA ALA A 841 -12.67 30.60 -8.41
C ALA A 841 -13.83 31.60 -8.32
N ARG A 842 -13.56 32.87 -8.60
CA ARG A 842 -14.61 33.88 -8.49
C ARG A 842 -15.70 33.66 -9.54
N LEU A 843 -15.31 33.30 -10.76
CA LEU A 843 -16.30 33.05 -11.80
C LEU A 843 -17.20 31.88 -11.43
N GLU A 844 -16.59 30.79 -10.96
CA GLU A 844 -17.38 29.64 -10.54
C GLU A 844 -18.32 30.01 -9.40
N SER A 845 -17.82 30.78 -8.42
CA SER A 845 -18.63 31.16 -7.28
C SER A 845 -19.83 31.99 -7.71
N VAL A 846 -19.61 33.00 -8.55
CA VAL A 846 -20.70 33.87 -8.95
C VAL A 846 -21.71 33.11 -9.80
N GLU A 847 -21.23 32.21 -10.67
CA GLU A 847 -22.14 31.42 -11.48
C GLU A 847 -23.05 30.55 -10.62
N VAL A 848 -22.46 29.79 -9.70
CA VAL A 848 -23.28 28.88 -8.90
C VAL A 848 -24.17 29.66 -7.94
N ASN A 849 -23.73 30.84 -7.49
CA ASN A 849 -24.58 31.64 -6.62
C ASN A 849 -25.78 32.20 -7.36
N SER A 850 -25.57 32.68 -8.59
CA SER A 850 -26.69 33.15 -9.38
C SER A 850 -27.60 32.01 -9.82
N MET A 851 -27.07 30.79 -9.91
CA MET A 851 -27.90 29.65 -10.30
C MET A 851 -28.95 29.34 -9.24
N LEU A 852 -28.55 29.29 -7.97
CA LEU A 852 -29.40 28.78 -6.90
C LEU A 852 -30.42 29.85 -6.50
N THR A 853 -31.66 29.63 -6.88
CA THR A 853 -32.79 30.44 -6.44
C THR A 853 -33.72 29.58 -5.61
N ILE A 854 -34.01 30.02 -4.39
CA ILE A 854 -34.80 29.25 -3.43
C ILE A 854 -36.04 30.05 -3.07
N SER A 855 -37.20 29.41 -3.18
CA SER A 855 -38.48 30.02 -2.84
C SER A 855 -38.98 29.47 -1.51
N GLU A 856 -39.34 30.36 -0.59
CA GLU A 856 -39.78 29.93 0.73
C GLU A 856 -41.16 29.25 0.68
N GLU A 857 -42.04 29.71 -0.21
CA GLU A 857 -43.34 29.06 -0.34
C GLU A 857 -43.20 27.61 -0.79
N ALA A 858 -42.30 27.37 -1.74
CA ALA A 858 -42.03 26.00 -2.15
C ALA A 858 -41.41 25.20 -1.01
N LEU A 859 -40.52 25.83 -0.23
CA LEU A 859 -39.95 25.16 0.93
C LEU A 859 -41.01 24.75 1.94
N GLN A 860 -42.08 25.55 2.05
CA GLN A 860 -43.16 25.20 2.97
C GLN A 860 -43.82 23.89 2.59
N LEU A 861 -43.91 23.59 1.30
CA LEU A 861 -44.54 22.37 0.83
C LEU A 861 -43.55 21.23 0.65
N ALA A 862 -42.29 21.41 1.05
CA ALA A 862 -41.23 20.46 0.76
C ALA A 862 -41.00 19.46 1.89
N THR A 863 -41.82 19.48 2.93
CA THR A 863 -41.65 18.57 4.05
C THR A 863 -42.75 17.51 4.02
N ILE A 864 -42.49 16.41 4.74
CA ILE A 864 -43.40 15.28 4.71
C ILE A 864 -44.77 15.66 5.23
N SER A 865 -44.82 16.42 6.32
CA SER A 865 -46.10 16.80 6.91
C SER A 865 -46.93 17.64 5.94
N SER A 866 -46.29 18.60 5.27
CA SER A 866 -47.03 19.44 4.33
C SER A 866 -47.36 18.71 3.04
N PHE A 867 -46.43 17.89 2.55
CA PHE A 867 -46.64 17.20 1.29
C PHE A 867 -47.72 16.13 1.43
N ASN A 868 -48.51 15.97 0.36
CA ASN A 868 -49.55 14.93 0.31
C ASN A 868 -49.35 14.16 -1.00
N GLY A 869 -48.46 13.18 -0.96
CA GLY A 869 -48.23 12.34 -2.11
C GLY A 869 -49.13 11.13 -2.15
N ASP A 870 -50.40 11.33 -2.47
CA ASP A 870 -51.36 10.24 -2.49
C ASP A 870 -50.95 9.21 -3.54
N GLY A 871 -50.54 8.02 -3.08
CA GLY A 871 -50.07 6.98 -3.95
C GLY A 871 -48.60 7.06 -4.32
N TYR A 872 -47.94 8.19 -4.04
CA TYR A 872 -46.55 8.41 -4.40
C TYR A 872 -45.73 8.48 -3.12
N ASN A 873 -44.67 7.68 -3.03
CA ASN A 873 -44.02 7.39 -1.77
C ASN A 873 -42.72 8.19 -1.73
N PHE A 874 -42.83 9.45 -1.30
CA PHE A 874 -41.71 10.39 -1.31
C PHE A 874 -40.93 10.43 0.00
N THR A 875 -41.17 9.48 0.90
CA THR A 875 -40.49 9.53 2.19
C THR A 875 -38.98 9.39 2.02
N ASN A 876 -38.55 8.64 1.00
CA ASN A 876 -37.12 8.52 0.72
C ASN A 876 -36.55 9.78 0.10
N VAL A 877 -37.39 10.62 -0.50
CA VAL A 877 -36.90 11.79 -1.24
C VAL A 877 -36.98 13.07 -0.43
N LEU A 878 -37.93 13.19 0.49
CA LEU A 878 -38.11 14.40 1.29
C LEU A 878 -37.35 14.26 2.61
N GLY A 879 -36.73 15.35 3.04
CA GLY A 879 -35.97 15.38 4.27
C GLY A 879 -36.80 15.94 5.41
N VAL A 880 -36.59 15.41 6.61
CA VAL A 880 -37.33 15.85 7.77
C VAL A 880 -36.79 17.20 8.24
N SER A 881 -37.68 18.00 8.83
CA SER A 881 -37.32 19.30 9.38
C SER A 881 -37.74 19.35 10.83
N VAL A 882 -36.79 19.59 11.73
CA VAL A 882 -37.04 19.64 13.16
C VAL A 882 -36.35 20.87 13.74
N TYR A 883 -36.76 21.25 14.95
CA TYR A 883 -36.14 22.36 15.64
C TYR A 883 -34.71 22.00 16.01
N ASP A 884 -33.77 22.87 15.66
CA ASP A 884 -32.36 22.61 15.91
C ASP A 884 -31.93 23.24 17.23
N PRO A 885 -31.44 22.47 18.19
CA PRO A 885 -30.87 23.10 19.40
C PRO A 885 -29.67 23.98 19.12
N ALA A 886 -29.02 23.81 17.96
CA ALA A 886 -27.87 24.62 17.61
C ALA A 886 -28.29 26.05 17.29
N ARG A 887 -28.20 26.93 18.28
CA ARG A 887 -28.53 28.36 18.14
C ARG A 887 -29.99 28.57 17.74
N GLY A 888 -30.86 27.63 18.09
CA GLY A 888 -32.29 27.85 17.95
C GLY A 888 -32.84 27.73 16.54
N ARG A 889 -32.13 28.29 15.56
CA ARG A 889 -32.63 28.36 14.20
C ARG A 889 -33.01 26.98 13.68
N VAL A 890 -34.22 26.87 13.14
CA VAL A 890 -34.73 25.59 12.68
C VAL A 890 -33.96 25.14 11.44
N VAL A 891 -33.70 23.84 11.36
CA VAL A 891 -32.97 23.25 10.24
C VAL A 891 -33.77 22.07 9.71
N GLN A 892 -33.58 21.77 8.43
CA GLN A 892 -34.23 20.64 7.77
C GLN A 892 -33.16 19.59 7.46
N LYS A 893 -33.27 18.42 8.08
CA LYS A 893 -32.33 17.35 7.83
C LYS A 893 -32.47 16.86 6.38
N ARG A 894 -31.34 16.47 5.80
CA ARG A 894 -31.35 16.02 4.42
C ARG A 894 -32.07 14.69 4.30
N SER A 895 -32.48 14.36 3.08
CA SER A 895 -33.33 13.20 2.84
C SER A 895 -32.55 11.90 3.04
N PHE A 896 -33.30 10.80 3.10
CA PHE A 896 -32.69 9.49 3.27
C PHE A 896 -31.80 9.14 2.08
N ILE A 897 -32.26 9.45 0.86
CA ILE A 897 -31.43 9.22 -0.31
C ILE A 897 -30.16 10.05 -0.22
N GLU A 898 -30.29 11.31 0.21
CA GLU A 898 -29.11 12.16 0.39
C GLU A 898 -28.20 11.61 1.48
N ASP A 899 -28.78 11.09 2.57
CA ASP A 899 -27.99 10.43 3.60
C ASP A 899 -27.17 9.29 3.02
N LEU A 900 -27.82 8.42 2.24
CA LEU A 900 -27.11 7.28 1.66
C LEU A 900 -26.03 7.76 0.69
N LEU A 901 -26.32 8.79 -0.09
CA LEU A 901 -25.37 9.26 -1.09
C LEU A 901 -24.16 9.93 -0.45
N PHE A 902 -24.36 10.59 0.69
CA PHE A 902 -23.26 11.33 1.30
C PHE A 902 -22.44 10.44 2.25
N ASN A 903 -23.11 9.72 3.15
CA ASN A 903 -22.41 9.00 4.20
C ASN A 903 -21.51 7.90 3.62
N LYS A 904 -22.05 7.09 2.72
CA LYS A 904 -21.31 5.93 2.23
C LYS A 904 -20.24 6.30 1.22
N VAL A 905 -20.28 7.51 0.67
CA VAL A 905 -19.35 7.92 -0.37
C VAL A 905 -18.26 8.85 0.18
N VAL A 906 -18.66 9.85 0.96
CA VAL A 906 -17.69 10.82 1.46
C VAL A 906 -16.72 10.12 2.42
N THR A 907 -15.42 10.26 2.15
CA THR A 907 -14.42 9.61 2.99
C THR A 907 -14.38 10.22 4.39
N ASN A 908 -14.74 11.49 4.54
CA ASN A 908 -14.79 12.13 5.83
C ASN A 908 -16.17 12.07 6.47
N GLY A 909 -17.13 11.45 5.82
CA GLY A 909 -18.49 11.36 6.36
C GLY A 909 -19.35 12.58 6.20
N LEU A 910 -18.83 13.76 6.56
CA LEU A 910 -19.56 15.01 6.46
C LEU A 910 -18.69 16.07 5.81
N GLY A 911 -19.35 17.07 5.20
CA GLY A 911 -18.63 18.18 4.60
C GLY A 911 -18.07 19.16 5.60
N THR A 912 -18.58 19.15 6.83
CA THR A 912 -18.05 20.03 7.87
C THR A 912 -16.68 19.59 8.37
N VAL A 913 -16.21 18.42 7.97
CA VAL A 913 -14.89 17.95 8.40
C VAL A 913 -13.79 18.81 7.82
N ASP A 914 -14.09 19.62 6.81
CA ASP A 914 -13.12 20.54 6.21
C ASP A 914 -12.45 21.38 7.30
N GLU A 915 -11.14 21.21 7.44
CA GLU A 915 -10.42 21.82 8.53
C GLU A 915 -10.36 23.33 8.38
N ASP A 916 -10.30 24.02 9.52
CA ASP A 916 -10.20 25.47 9.56
C ASP A 916 -8.76 25.87 9.85
N TYR A 917 -8.32 26.94 9.21
CA TYR A 917 -6.97 27.44 9.41
C TYR A 917 -6.86 28.39 10.59
N LYS A 918 -7.95 28.57 11.34
CA LYS A 918 -7.90 29.43 12.52
C LYS A 918 -6.91 28.89 13.55
N ARG A 919 -6.92 27.58 13.76
CA ARG A 919 -6.00 26.93 14.69
C ARG A 919 -4.69 26.55 14.03
N CYS A 920 -4.55 26.73 12.72
CA CYS A 920 -3.39 26.21 12.02
C CYS A 920 -2.13 26.98 12.38
N SER A 921 -2.26 28.28 12.65
CA SER A 921 -1.12 29.11 13.02
C SER A 921 -0.83 29.09 14.52
N ASN A 922 -1.60 28.33 15.30
CA ASN A 922 -1.39 28.28 16.74
C ASN A 922 -0.01 27.72 17.07
N GLY A 923 0.38 26.62 16.44
CA GLY A 923 1.71 26.08 16.59
C GLY A 923 1.97 25.32 17.88
N ARG A 924 0.96 25.13 18.73
CA ARG A 924 1.16 24.40 19.97
C ARG A 924 1.06 22.89 19.79
N SER A 925 0.59 22.43 18.63
CA SER A 925 0.45 21.01 18.35
C SER A 925 1.14 20.68 17.03
N VAL A 926 1.50 19.40 16.89
CA VAL A 926 2.15 18.95 15.67
C VAL A 926 1.18 19.08 14.51
N ALA A 927 1.65 19.68 13.41
CA ALA A 927 0.79 19.97 12.28
C ALA A 927 0.32 18.69 11.62
N ASP A 928 -0.95 18.68 11.21
CA ASP A 928 -1.53 17.57 10.47
C ASP A 928 -1.30 17.81 8.97
N LEU A 929 -1.96 17.01 8.13
CA LEU A 929 -1.78 17.15 6.69
C LEU A 929 -2.25 18.51 6.20
N VAL A 930 -3.40 18.98 6.70
CA VAL A 930 -3.93 20.26 6.27
C VAL A 930 -2.97 21.39 6.59
N CYS A 931 -2.47 21.41 7.83
CA CYS A 931 -1.48 22.43 8.18
C CYS A 931 -0.15 22.18 7.47
N ALA A 932 0.18 20.92 7.19
CA ALA A 932 1.40 20.64 6.43
C ALA A 932 1.37 21.28 5.06
N GLN A 933 0.23 21.19 4.37
CA GLN A 933 0.12 21.83 3.07
C GLN A 933 -0.09 23.34 3.19
N TYR A 934 -0.69 23.80 4.30
CA TYR A 934 -0.85 25.23 4.49
C TYR A 934 0.50 25.93 4.72
N TYR A 935 1.42 25.26 5.41
CA TYR A 935 2.76 25.80 5.59
C TYR A 935 3.51 25.95 4.27
N SER A 936 3.06 25.27 3.22
CA SER A 936 3.62 25.42 1.89
C SER A 936 2.89 26.46 1.07
N GLY A 937 1.94 27.18 1.67
CA GLY A 937 1.24 28.23 0.96
C GLY A 937 0.01 27.80 0.20
N VAL A 938 -0.56 26.65 0.51
CA VAL A 938 -1.76 26.16 -0.15
C VAL A 938 -2.92 26.25 0.84
N MET A 939 -3.94 27.03 0.49
CA MET A 939 -5.11 27.23 1.34
C MET A 939 -6.33 26.76 0.57
N VAL A 940 -7.06 25.80 1.14
CA VAL A 940 -8.26 25.26 0.52
C VAL A 940 -9.46 26.02 1.08
N LEU A 941 -9.98 26.95 0.31
CA LEU A 941 -11.16 27.68 0.74
C LEU A 941 -12.36 26.75 0.81
N PRO A 942 -13.32 27.05 1.68
CA PRO A 942 -14.51 26.19 1.79
C PRO A 942 -15.31 26.20 0.49
N GLY A 943 -16.09 25.13 0.30
CA GLY A 943 -16.91 25.03 -0.89
C GLY A 943 -17.86 26.21 -1.02
N VAL A 944 -18.19 26.55 -2.26
CA VAL A 944 -18.97 27.75 -2.52
C VAL A 944 -20.33 27.67 -1.84
N VAL A 945 -21.00 26.54 -1.98
CA VAL A 945 -22.29 26.31 -1.33
C VAL A 945 -22.21 25.02 -0.54
N ASP A 946 -22.66 25.06 0.71
CA ASP A 946 -22.63 23.89 1.55
C ASP A 946 -23.76 22.93 1.16
N ALA A 947 -23.66 21.70 1.65
CA ALA A 947 -24.68 20.70 1.36
C ALA A 947 -26.04 21.11 1.91
N GLU A 948 -26.07 21.91 2.97
CA GLU A 948 -27.34 22.36 3.53
C GLU A 948 -28.11 23.21 2.53
N LYS A 949 -27.45 24.22 1.95
CA LYS A 949 -28.13 25.07 0.98
C LYS A 949 -28.50 24.30 -0.27
N LEU A 950 -27.66 23.35 -0.67
CA LEU A 950 -27.96 22.54 -1.85
C LEU A 950 -29.20 21.68 -1.63
N HIS A 951 -29.29 21.05 -0.47
CA HIS A 951 -30.48 20.27 -0.13
C HIS A 951 -31.70 21.17 -0.02
N MET A 952 -31.52 22.38 0.51
CA MET A 952 -32.62 23.33 0.56
C MET A 952 -33.11 23.67 -0.84
N TYR A 953 -32.19 23.85 -1.78
CA TYR A 953 -32.57 24.13 -3.16
C TYR A 953 -33.32 22.95 -3.78
N SER A 954 -32.84 21.73 -3.54
CA SER A 954 -33.54 20.55 -4.05
C SER A 954 -34.95 20.45 -3.49
N ALA A 955 -35.09 20.68 -2.19
CA ALA A 955 -36.41 20.66 -1.57
C ALA A 955 -37.29 21.77 -2.13
N SER A 956 -36.69 22.94 -2.41
CA SER A 956 -37.45 24.03 -3.02
C SER A 956 -37.98 23.63 -4.38
N LEU A 957 -37.15 22.95 -5.19
CA LEU A 957 -37.61 22.49 -6.49
C LEU A 957 -38.74 21.48 -6.36
N ILE A 958 -38.60 20.54 -5.42
CA ILE A 958 -39.63 19.52 -5.22
C ILE A 958 -40.94 20.17 -4.79
N GLY A 959 -40.87 21.14 -3.88
CA GLY A 959 -42.08 21.86 -3.49
C GLY A 959 -42.65 22.69 -4.62
N GLY A 960 -41.79 23.27 -5.46
CA GLY A 960 -42.26 24.09 -6.55
C GLY A 960 -42.99 23.30 -7.61
N MET A 961 -42.56 22.07 -7.88
CA MET A 961 -43.26 21.31 -8.91
C MET A 961 -44.67 20.91 -8.50
N VAL A 962 -45.04 21.07 -7.23
CA VAL A 962 -46.40 20.82 -6.77
C VAL A 962 -47.09 22.10 -6.31
N LEU A 963 -46.40 23.23 -6.31
CA LEU A 963 -47.01 24.50 -5.92
C LEU A 963 -47.94 24.97 -7.03
N GLY A 964 -49.24 25.04 -6.74
CA GLY A 964 -50.24 25.39 -7.73
C GLY A 964 -50.67 26.84 -7.75
N GLY A 965 -49.94 27.72 -7.07
CA GLY A 965 -50.35 29.12 -7.07
C GLY A 965 -49.31 29.99 -6.41
N PHE A 966 -49.68 31.26 -6.24
CA PHE A 966 -48.80 32.23 -5.62
C PHE A 966 -48.80 32.16 -4.10
N THR A 967 -49.79 31.47 -3.51
CA THR A 967 -49.92 31.37 -2.06
C THR A 967 -49.71 29.93 -1.62
N ALA A 968 -49.36 29.76 -0.34
CA ALA A 968 -49.16 28.44 0.21
C ALA A 968 -50.45 27.64 0.28
N ALA A 969 -51.62 28.30 0.19
CA ALA A 969 -52.89 27.59 0.22
C ALA A 969 -53.16 26.81 -1.05
N ALA A 970 -52.35 26.98 -2.09
CA ALA A 970 -52.55 26.32 -3.37
C ALA A 970 -51.71 25.05 -3.51
N ALA A 971 -51.50 24.33 -2.41
CA ALA A 971 -50.71 23.11 -2.44
C ALA A 971 -51.48 22.00 -3.15
N LEU A 972 -51.27 21.86 -4.45
CA LEU A 972 -51.99 20.85 -5.22
C LEU A 972 -51.51 19.45 -4.83
N PRO A 973 -52.41 18.50 -4.70
CA PRO A 973 -51.98 17.11 -4.49
C PRO A 973 -51.16 16.61 -5.67
N PHE A 974 -50.19 15.74 -5.38
CA PHE A 974 -49.27 15.30 -6.42
C PHE A 974 -49.98 14.54 -7.52
N SER A 975 -51.08 13.86 -7.19
CA SER A 975 -51.84 13.16 -8.22
C SER A 975 -52.40 14.13 -9.24
N TYR A 976 -52.90 15.28 -8.79
CA TYR A 976 -53.43 16.29 -9.70
C TYR A 976 -52.31 16.83 -10.61
N ALA A 977 -51.14 17.08 -10.04
CA ALA A 977 -50.02 17.57 -10.84
C ALA A 977 -49.61 16.54 -11.89
N VAL A 978 -49.53 15.27 -11.50
CA VAL A 978 -49.17 14.22 -12.46
C VAL A 978 -50.23 14.12 -13.55
N GLN A 979 -51.50 14.24 -13.17
CA GLN A 979 -52.57 14.19 -14.17
C GLN A 979 -52.46 15.35 -15.14
N ALA A 980 -52.17 16.55 -14.65
CA ALA A 980 -52.01 17.70 -15.53
C ALA A 980 -50.84 17.51 -16.47
N ARG A 981 -49.70 17.02 -15.96
CA ARG A 981 -48.55 16.81 -16.82
C ARG A 981 -48.80 15.72 -17.85
N LEU A 982 -49.55 14.68 -17.48
CA LEU A 982 -49.94 13.68 -18.47
C LEU A 982 -50.84 14.28 -19.53
N ASN A 983 -51.83 15.07 -19.12
CA ASN A 983 -52.72 15.70 -20.09
C ASN A 983 -51.98 16.64 -21.01
N TYR A 984 -50.86 17.20 -20.56
CA TYR A 984 -50.10 18.12 -21.40
C TYR A 984 -49.61 17.42 -22.67
N LEU A 985 -49.09 16.20 -22.53
CA LEU A 985 -48.54 15.50 -23.69
C LEU A 985 -49.56 14.60 -24.37
N ALA A 986 -50.64 14.23 -23.68
CA ALA A 986 -51.70 13.42 -24.28
C ALA A 986 -52.96 13.60 -23.46
N LEU A 987 -54.01 14.11 -24.10
CA LEU A 987 -55.26 14.38 -23.39
C LEU A 987 -55.88 13.07 -22.91
N GLN A 988 -55.99 12.92 -21.59
CA GLN A 988 -56.62 11.74 -21.03
C GLN A 988 -58.11 11.74 -21.35
N THR A 989 -58.64 10.58 -21.76
CA THR A 989 -60.05 10.45 -22.06
C THR A 989 -60.83 9.72 -20.97
N ASP A 990 -60.16 8.88 -20.17
CA ASP A 990 -60.82 8.16 -19.09
C ASP A 990 -59.82 8.05 -17.94
N VAL A 991 -59.97 8.93 -16.95
CA VAL A 991 -59.06 8.96 -15.79
C VAL A 991 -59.62 7.96 -14.78
N LEU A 992 -59.25 6.69 -14.97
CA LEU A 992 -59.62 5.65 -14.02
C LEU A 992 -58.75 5.73 -12.79
N GLN A 993 -59.35 5.38 -11.64
CA GLN A 993 -58.58 5.35 -10.40
C GLN A 993 -57.47 4.32 -10.46
N ARG A 994 -57.77 3.13 -10.99
CA ARG A 994 -56.75 2.11 -11.16
C ARG A 994 -55.70 2.54 -12.18
N ASN A 995 -56.10 3.35 -13.17
CA ASN A 995 -55.13 3.84 -14.16
C ASN A 995 -54.05 4.67 -13.51
N GLN A 996 -54.43 5.55 -12.57
CA GLN A 996 -53.44 6.32 -11.84
C GLN A 996 -52.73 5.46 -10.80
N GLN A 997 -53.45 4.51 -10.20
CA GLN A 997 -52.86 3.68 -9.15
C GLN A 997 -51.73 2.81 -9.70
N LEU A 998 -51.88 2.32 -10.93
CA LEU A 998 -50.82 1.51 -11.53
C LEU A 998 -49.54 2.31 -11.68
N LEU A 999 -49.65 3.53 -12.20
CA LEU A 999 -48.48 4.39 -12.31
C LEU A 999 -47.90 4.69 -10.94
N ALA A 1000 -48.76 4.94 -9.96
CA ALA A 1000 -48.28 5.25 -8.62
C ALA A 1000 -47.48 4.09 -8.03
N GLU A 1001 -48.00 2.87 -8.16
CA GLU A 1001 -47.32 1.72 -7.57
C GLU A 1001 -46.04 1.39 -8.34
N SER A 1002 -46.04 1.56 -9.66
CA SER A 1002 -44.82 1.37 -10.42
C SER A 1002 -43.76 2.37 -10.00
N PHE A 1003 -44.15 3.63 -9.81
CA PHE A 1003 -43.21 4.64 -9.36
C PHE A 1003 -42.67 4.30 -7.98
N ASN A 1004 -43.55 3.86 -7.07
CA ASN A 1004 -43.10 3.49 -5.73
C ASN A 1004 -42.11 2.33 -5.78
N SER A 1005 -42.39 1.32 -6.61
CA SER A 1005 -41.48 0.19 -6.73
C SER A 1005 -40.13 0.62 -7.28
N ALA A 1006 -40.14 1.49 -8.30
CA ALA A 1006 -38.88 1.96 -8.87
C ALA A 1006 -38.09 2.78 -7.86
N ILE A 1007 -38.78 3.63 -7.08
CA ILE A 1007 -38.10 4.42 -6.05
C ILE A 1007 -37.48 3.51 -5.01
N GLY A 1008 -38.22 2.49 -4.57
CA GLY A 1008 -37.68 1.55 -3.61
C GLY A 1008 -36.47 0.82 -4.15
N ASN A 1009 -36.52 0.41 -5.42
CA ASN A 1009 -35.39 -0.28 -6.04
C ASN A 1009 -34.17 0.64 -6.12
N ILE A 1010 -34.39 1.90 -6.48
CA ILE A 1010 -33.28 2.86 -6.53
C ILE A 1010 -32.67 3.06 -5.15
N THR A 1011 -33.53 3.19 -4.13
CA THR A 1011 -33.03 3.35 -2.77
C THR A 1011 -32.22 2.14 -2.34
N SER A 1012 -32.71 0.94 -2.63
CA SER A 1012 -31.98 -0.27 -2.27
C SER A 1012 -30.65 -0.35 -3.00
N ALA A 1013 -30.63 0.06 -4.27
CA ALA A 1013 -29.37 0.08 -5.02
C ALA A 1013 -28.39 1.06 -4.39
N PHE A 1014 -28.88 2.21 -3.94
CA PHE A 1014 -28.01 3.16 -3.25
C PHE A 1014 -27.53 2.62 -1.91
N GLU A 1015 -28.32 1.77 -1.27
CA GLU A 1015 -27.98 1.31 0.08
C GLU A 1015 -26.68 0.52 0.09
N SER A 1016 -26.49 -0.38 -0.86
CA SER A 1016 -25.31 -1.22 -0.88
C SER A 1016 -25.05 -1.72 -2.29
N VAL A 1017 -23.88 -2.33 -2.47
CA VAL A 1017 -23.43 -2.80 -3.77
C VAL A 1017 -23.87 -4.25 -3.97
N LYS A 1018 -24.51 -4.51 -5.12
CA LYS A 1018 -24.84 -5.85 -5.62
C LYS A 1018 -25.56 -6.72 -4.60
N GLU A 1019 -26.09 -6.14 -3.53
CA GLU A 1019 -26.81 -6.91 -2.52
C GLU A 1019 -28.06 -6.15 -2.11
N ALA A 1020 -29.18 -6.88 -1.99
CA ALA A 1020 -30.50 -6.37 -1.67
C ALA A 1020 -31.06 -5.58 -2.85
N SER A 1021 -30.22 -5.34 -3.86
CA SER A 1021 -30.64 -4.72 -5.11
C SER A 1021 -29.59 -5.11 -6.14
N SER A 1022 -29.92 -6.08 -6.99
CA SER A 1022 -28.94 -6.59 -7.94
C SER A 1022 -28.50 -5.50 -8.90
N GLN A 1023 -27.25 -5.04 -8.75
CA GLN A 1023 -26.67 -4.06 -9.65
C GLN A 1023 -26.13 -4.67 -10.93
N THR A 1024 -26.56 -5.90 -11.24
CA THR A 1024 -26.21 -6.52 -12.51
C THR A 1024 -26.62 -5.63 -13.68
N SER A 1025 -27.79 -5.02 -13.59
CA SER A 1025 -28.18 -3.98 -14.55
C SER A 1025 -27.34 -2.75 -14.27
N ARG A 1026 -26.26 -2.58 -15.03
CA ARG A 1026 -25.29 -1.53 -14.78
C ARG A 1026 -24.93 -0.86 -16.10
N GLY A 1027 -24.46 0.38 -16.00
CA GLY A 1027 -24.03 1.14 -17.15
C GLY A 1027 -24.44 2.59 -17.02
N LEU A 1028 -24.52 3.25 -18.17
CA LEU A 1028 -24.90 4.66 -18.19
C LEU A 1028 -26.34 4.82 -17.72
N ASN A 1029 -26.60 5.98 -17.11
CA ASN A 1029 -27.93 6.40 -16.63
C ASN A 1029 -28.42 5.54 -15.47
N THR A 1030 -27.53 4.84 -14.77
CA THR A 1030 -27.88 4.02 -13.63
C THR A 1030 -27.25 4.60 -12.36
N VAL A 1031 -27.58 3.97 -11.23
CA VAL A 1031 -27.08 4.45 -9.94
C VAL A 1031 -25.59 4.21 -9.82
N ALA A 1032 -25.11 3.06 -10.29
CA ALA A 1032 -23.70 2.72 -10.14
C ALA A 1032 -22.80 3.72 -10.86
N HIS A 1033 -23.18 4.12 -12.08
CA HIS A 1033 -22.41 5.10 -12.81
C HIS A 1033 -22.35 6.43 -12.06
N ALA A 1034 -23.49 6.85 -11.51
CA ALA A 1034 -23.52 8.10 -10.77
C ALA A 1034 -22.62 8.05 -9.56
N LEU A 1035 -22.68 6.95 -8.80
CA LEU A 1035 -21.85 6.88 -7.59
C LEU A 1035 -20.37 6.77 -7.92
N THR A 1036 -20.02 6.08 -9.02
CA THR A 1036 -18.63 6.06 -9.44
C THR A 1036 -18.15 7.45 -9.83
N LYS A 1037 -19.00 8.21 -10.53
CA LYS A 1037 -18.65 9.58 -10.87
C LYS A 1037 -18.45 10.42 -9.61
N VAL A 1038 -19.32 10.25 -8.62
CA VAL A 1038 -19.19 11.01 -7.38
C VAL A 1038 -17.88 10.66 -6.67
N GLN A 1039 -17.55 9.37 -6.62
CA GLN A 1039 -16.29 8.97 -5.98
C GLN A 1039 -15.09 9.56 -6.71
N GLU A 1040 -15.10 9.52 -8.03
CA GLU A 1040 -14.00 10.11 -8.79
C GLU A 1040 -13.90 11.61 -8.53
N VAL A 1041 -15.05 12.28 -8.44
CA VAL A 1041 -15.05 13.72 -8.18
C VAL A 1041 -14.43 14.01 -6.82
N VAL A 1042 -14.83 13.27 -5.79
CA VAL A 1042 -14.33 13.56 -4.46
C VAL A 1042 -12.87 13.15 -4.31
N ASN A 1043 -12.38 12.25 -5.17
CA ASN A 1043 -10.98 11.84 -5.06
C ASN A 1043 -10.05 12.72 -5.89
N SER A 1044 -10.55 13.33 -6.97
CA SER A 1044 -9.67 14.04 -7.89
C SER A 1044 -8.99 15.23 -7.24
N GLN A 1045 -9.74 16.02 -6.46
CA GLN A 1045 -9.16 17.21 -5.85
C GLN A 1045 -8.08 16.84 -4.84
N GLY A 1046 -8.33 15.83 -4.02
CA GLY A 1046 -7.31 15.38 -3.08
C GLY A 1046 -6.08 14.85 -3.79
N ALA A 1047 -6.27 14.09 -4.86
CA ALA A 1047 -5.14 13.58 -5.62
C ALA A 1047 -4.30 14.72 -6.19
N ALA A 1048 -4.96 15.73 -6.76
CA ALA A 1048 -4.23 16.86 -7.33
C ALA A 1048 -3.47 17.62 -6.26
N LEU A 1049 -4.10 17.85 -5.11
CA LEU A 1049 -3.43 18.58 -4.04
C LEU A 1049 -2.22 17.81 -3.51
N THR A 1050 -2.36 16.50 -3.33
CA THR A 1050 -1.22 15.70 -2.87
C THR A 1050 -0.10 15.70 -3.91
N GLN A 1051 -0.46 15.63 -5.18
CA GLN A 1051 0.55 15.67 -6.23
C GLN A 1051 1.30 17.00 -6.23
N LEU A 1052 0.58 18.09 -6.01
CA LEU A 1052 1.25 19.38 -5.89
C LEU A 1052 2.18 19.42 -4.68
N THR A 1053 1.70 18.93 -3.53
CA THR A 1053 2.48 19.05 -2.30
C THR A 1053 3.73 18.18 -2.32
N VAL A 1054 3.68 17.01 -2.95
CA VAL A 1054 4.82 16.11 -2.92
C VAL A 1054 5.99 16.65 -3.75
N GLN A 1055 5.73 17.61 -4.65
CA GLN A 1055 6.79 18.11 -5.52
C GLN A 1055 7.90 18.80 -4.72
N LEU A 1056 7.59 19.31 -3.53
CA LEU A 1056 8.62 19.98 -2.74
C LEU A 1056 9.72 19.02 -2.32
N GLN A 1057 9.39 17.74 -2.14
CA GLN A 1057 10.41 16.76 -1.77
C GLN A 1057 11.44 16.57 -2.88
N HIS A 1058 11.03 16.66 -4.13
CA HIS A 1058 11.93 16.39 -5.25
C HIS A 1058 13.08 17.39 -5.29
N ASN A 1059 14.28 16.87 -5.54
CA ASN A 1059 15.46 17.70 -5.76
C ASN A 1059 15.64 17.84 -7.27
N PHE A 1060 15.25 19.00 -7.81
CA PHE A 1060 15.26 19.19 -9.25
C PHE A 1060 16.68 19.40 -9.77
N GLN A 1061 17.48 18.33 -9.78
CA GLN A 1061 18.85 18.33 -10.29
C GLN A 1061 19.74 19.31 -9.54
N ALA A 1062 19.30 19.79 -8.39
CA ALA A 1062 20.13 20.65 -7.55
C ALA A 1062 20.88 19.80 -6.52
N ILE A 1063 21.62 20.46 -5.65
CA ILE A 1063 22.39 19.74 -4.65
C ILE A 1063 21.51 19.26 -3.49
N SER A 1064 20.38 19.93 -3.24
CA SER A 1064 19.48 19.52 -2.18
C SER A 1064 18.12 20.15 -2.42
N SER A 1065 17.11 19.64 -1.73
CA SER A 1065 15.76 20.16 -1.83
C SER A 1065 15.48 21.29 -0.86
N SER A 1066 16.45 21.67 -0.03
CA SER A 1066 16.29 22.74 0.94
C SER A 1066 17.07 23.97 0.48
N ILE A 1067 16.37 25.09 0.34
CA ILE A 1067 17.00 26.32 -0.12
C ILE A 1067 18.03 26.79 0.90
N ASP A 1068 17.68 26.75 2.19
CA ASP A 1068 18.63 27.18 3.22
C ASP A 1068 19.86 26.29 3.24
N ASP A 1069 19.68 24.98 3.03
CA ASP A 1069 20.82 24.08 2.96
C ASP A 1069 21.75 24.46 1.82
N ILE A 1070 21.19 24.78 0.66
CA ILE A 1070 22.01 25.17 -0.48
C ILE A 1070 22.75 26.46 -0.18
N TYR A 1071 22.05 27.45 0.38
CA TYR A 1071 22.69 28.72 0.68
C TYR A 1071 23.71 28.60 1.80
N SER A 1072 23.64 27.55 2.61
CA SER A 1072 24.64 27.33 3.64
C SER A 1072 25.88 26.64 3.07
N ARG A 1073 25.68 25.52 2.36
CA ARG A 1073 26.82 24.75 1.89
C ARG A 1073 27.52 25.38 0.70
N LEU A 1074 26.86 26.28 -0.01
CA LEU A 1074 27.42 26.85 -1.24
C LEU A 1074 27.66 28.35 -1.09
N ASP A 1075 28.62 28.83 -1.87
CA ASP A 1075 28.89 30.26 -1.96
C ASP A 1075 27.75 30.97 -2.69
N PRO A 1076 27.56 32.27 -2.45
CA PRO A 1076 26.44 33.00 -3.08
C PRO A 1076 26.41 32.87 -4.59
N PRO A 1077 27.57 32.91 -5.30
CA PRO A 1077 27.51 32.76 -6.76
C PRO A 1077 26.88 31.45 -7.22
N SER A 1078 27.44 30.31 -6.78
CA SER A 1078 26.95 29.03 -7.27
C SER A 1078 25.59 28.69 -6.68
N ALA A 1079 25.33 29.15 -5.45
CA ALA A 1079 24.06 28.87 -4.79
C ALA A 1079 22.90 29.45 -5.60
N ASP A 1080 23.08 30.66 -6.12
CA ASP A 1080 22.04 31.27 -6.93
C ASP A 1080 21.75 30.42 -8.17
N VAL A 1081 22.81 29.88 -8.78
CA VAL A 1081 22.62 28.95 -9.89
C VAL A 1081 21.90 27.69 -9.41
N GLN A 1082 22.29 27.17 -8.24
CA GLN A 1082 21.71 25.93 -7.75
C GLN A 1082 20.24 26.10 -7.41
N VAL A 1083 19.90 27.14 -6.63
CA VAL A 1083 18.50 27.35 -6.27
C VAL A 1083 17.66 27.71 -7.48
N ASP A 1084 18.27 28.25 -8.52
CA ASP A 1084 17.53 28.54 -9.74
C ASP A 1084 17.03 27.26 -10.39
N ARG A 1085 17.69 26.13 -10.12
CA ARG A 1085 17.25 24.86 -10.68
C ARG A 1085 15.93 24.43 -10.09
N LEU A 1086 15.79 24.50 -8.77
CA LEU A 1086 14.54 24.08 -8.14
C LEU A 1086 13.44 25.11 -8.34
N ILE A 1087 13.80 26.38 -8.50
CA ILE A 1087 12.78 27.40 -8.76
C ILE A 1087 12.05 27.09 -10.06
N THR A 1088 12.80 26.76 -11.11
CA THR A 1088 12.16 26.33 -12.35
C THR A 1088 11.37 25.05 -12.16
N GLY A 1089 11.91 24.11 -11.39
CA GLY A 1089 11.20 22.86 -11.16
C GLY A 1089 9.91 23.07 -10.41
N ARG A 1090 9.95 23.84 -9.33
CA ARG A 1090 8.73 24.11 -8.57
C ARG A 1090 7.75 24.94 -9.39
N LEU A 1091 8.26 25.94 -10.12
CA LEU A 1091 7.38 26.78 -10.93
C LEU A 1091 6.72 25.96 -12.04
N SER A 1092 7.47 25.08 -12.69
CA SER A 1092 6.89 24.22 -13.71
C SER A 1092 5.86 23.27 -13.12
N ALA A 1093 6.15 22.70 -11.96
CA ALA A 1093 5.20 21.82 -11.31
C ALA A 1093 3.95 22.59 -10.91
N LEU A 1094 4.11 23.82 -10.42
CA LEU A 1094 2.95 24.64 -10.07
C LEU A 1094 2.11 24.95 -11.29
N ASN A 1095 2.75 25.25 -12.43
CA ASN A 1095 2.01 25.53 -13.65
C ASN A 1095 1.22 24.31 -14.11
N ALA A 1096 1.80 23.12 -13.97
CA ALA A 1096 1.10 21.90 -14.35
C ALA A 1096 -0.18 21.73 -13.55
N PHE A 1097 -0.12 22.01 -12.25
CA PHE A 1097 -1.32 21.92 -11.43
C PHE A 1097 -2.38 22.92 -11.88
N VAL A 1098 -1.97 24.14 -12.20
CA VAL A 1098 -2.93 25.16 -12.62
C VAL A 1098 -3.59 24.74 -13.93
N ALA A 1099 -2.81 24.21 -14.87
CA ALA A 1099 -3.36 23.82 -16.16
C ALA A 1099 -4.42 22.74 -16.01
N GLN A 1100 -4.16 21.75 -15.14
CA GLN A 1100 -5.13 20.66 -15.00
C GLN A 1100 -6.37 21.13 -14.25
N THR A 1101 -6.23 22.08 -13.33
CA THR A 1101 -7.40 22.61 -12.64
C THR A 1101 -8.27 23.43 -13.58
N LEU A 1102 -7.65 24.19 -14.48
CA LEU A 1102 -8.42 24.93 -15.47
C LEU A 1102 -9.19 23.98 -16.39
N THR A 1103 -8.57 22.85 -16.73
CA THR A 1103 -9.30 21.81 -17.46
C THR A 1103 -10.48 21.31 -16.65
N LYS A 1104 -10.27 21.08 -15.35
CA LYS A 1104 -11.37 20.68 -14.48
C LYS A 1104 -12.43 21.78 -14.38
N TYR A 1105 -11.99 23.03 -14.25
CA TYR A 1105 -12.94 24.14 -14.16
C TYR A 1105 -13.72 24.30 -15.46
N THR A 1106 -13.04 24.17 -16.61
CA THR A 1106 -13.73 24.26 -17.88
C THR A 1106 -14.75 23.14 -18.04
N GLU A 1107 -14.36 21.92 -17.66
CA GLU A 1107 -15.26 20.78 -17.80
C GLU A 1107 -16.48 20.93 -16.90
N VAL A 1108 -16.28 21.32 -15.64
CA VAL A 1108 -17.40 21.44 -14.73
C VAL A 1108 -18.28 22.62 -15.13
N GLN A 1109 -17.72 23.64 -15.79
CA GLN A 1109 -18.53 24.76 -16.23
C GLN A 1109 -19.58 24.31 -17.24
N ALA A 1110 -19.17 23.48 -18.20
CA ALA A 1110 -20.14 22.93 -19.13
C ALA A 1110 -21.15 22.04 -18.42
N SER A 1111 -20.73 21.37 -17.36
CA SER A 1111 -21.64 20.51 -16.59
C SER A 1111 -22.75 21.33 -15.94
N ARG A 1112 -22.40 22.46 -15.32
CA ARG A 1112 -23.42 23.26 -14.66
C ARG A 1112 -24.30 23.99 -15.67
N LYS A 1113 -23.75 24.34 -16.84
CA LYS A 1113 -24.58 24.90 -17.90
C LYS A 1113 -25.62 23.88 -18.36
N LEU A 1114 -25.21 22.62 -18.49
CA LEU A 1114 -26.17 21.56 -18.79
C LEU A 1114 -27.16 21.39 -17.65
N ALA A 1115 -26.68 21.44 -16.41
CA ALA A 1115 -27.58 21.29 -15.26
C ALA A 1115 -28.60 22.42 -15.21
N GLN A 1116 -28.16 23.66 -15.45
CA GLN A 1116 -29.10 24.77 -15.47
C GLN A 1116 -30.14 24.60 -16.57
N GLN A 1117 -29.70 24.17 -17.75
CA GLN A 1117 -30.65 23.85 -18.81
C GLN A 1117 -31.52 22.66 -18.41
N LYS A 1118 -30.92 21.67 -17.75
CA LYS A 1118 -31.68 20.50 -17.35
C LYS A 1118 -32.78 20.85 -16.35
N VAL A 1119 -32.44 21.64 -15.32
CA VAL A 1119 -33.41 21.94 -14.27
C VAL A 1119 -34.54 22.81 -14.81
N ASN A 1120 -34.23 23.76 -15.70
CA ASN A 1120 -35.27 24.63 -16.23
C ASN A 1120 -36.19 23.88 -17.18
N GLU A 1121 -35.63 23.06 -18.06
CA GLU A 1121 -36.41 22.42 -19.11
C GLU A 1121 -36.96 21.05 -18.73
N CYS A 1122 -36.53 20.48 -17.61
CA CYS A 1122 -37.04 19.18 -17.20
C CYS A 1122 -37.74 19.21 -15.85
N VAL A 1123 -37.17 19.85 -14.84
CA VAL A 1123 -37.74 19.82 -13.50
C VAL A 1123 -38.91 20.79 -13.39
N LYS A 1124 -38.65 22.08 -13.63
CA LYS A 1124 -39.69 23.09 -13.49
C LYS A 1124 -40.78 22.98 -14.53
N SER A 1125 -40.55 22.23 -15.61
CA SER A 1125 -41.57 22.01 -16.63
C SER A 1125 -41.17 20.80 -17.46
N GLN A 1126 -42.18 20.06 -17.91
CA GLN A 1126 -41.94 18.92 -18.80
C GLN A 1126 -41.42 19.42 -20.14
N SER A 1127 -40.61 18.58 -20.79
CA SER A 1127 -39.92 18.95 -22.01
C SER A 1127 -40.51 18.22 -23.20
N GLN A 1128 -40.73 18.96 -24.29
CA GLN A 1128 -41.12 18.34 -25.54
C GLN A 1128 -39.93 17.79 -26.31
N ARG A 1129 -38.71 18.16 -25.92
CA ARG A 1129 -37.51 17.64 -26.56
C ARG A 1129 -37.36 16.16 -26.21
N TYR A 1130 -37.62 15.29 -27.18
CA TYR A 1130 -37.57 13.86 -26.93
C TYR A 1130 -36.15 13.43 -26.55
N GLY A 1131 -36.05 12.68 -25.47
CA GLY A 1131 -34.78 12.12 -25.06
C GLY A 1131 -33.87 13.07 -24.30
N PHE A 1132 -34.28 14.32 -24.10
CA PHE A 1132 -33.41 15.26 -23.39
C PHE A 1132 -33.36 14.94 -21.91
N CYS A 1133 -34.51 14.68 -21.28
CA CYS A 1133 -34.58 14.45 -19.84
C CYS A 1133 -34.54 12.94 -19.58
N GLY A 1134 -33.38 12.49 -19.10
CA GLY A 1134 -33.23 11.10 -18.71
C GLY A 1134 -33.36 10.11 -19.84
N GLY A 1135 -32.74 10.41 -20.97
CA GLY A 1135 -32.75 9.48 -22.08
C GLY A 1135 -34.11 9.38 -22.76
N ASP A 1136 -34.25 8.30 -23.54
CA ASP A 1136 -35.43 8.10 -24.36
C ASP A 1136 -36.67 7.86 -23.51
N GLY A 1137 -37.82 7.85 -24.17
CA GLY A 1137 -39.11 7.67 -23.52
C GLY A 1137 -39.81 8.99 -23.28
N GLU A 1138 -41.05 8.89 -22.82
CA GLU A 1138 -41.88 10.05 -22.56
C GLU A 1138 -41.61 10.56 -21.15
N HIS A 1139 -41.04 11.74 -21.05
CA HIS A 1139 -40.66 12.31 -19.75
C HIS A 1139 -41.87 12.97 -19.10
N ILE A 1140 -42.19 12.54 -17.89
CA ILE A 1140 -43.35 13.07 -17.17
C ILE A 1140 -42.95 14.16 -16.18
N PHE A 1141 -41.86 13.96 -15.45
CA PHE A 1141 -41.29 15.00 -14.58
C PHE A 1141 -39.89 14.55 -14.18
N SER A 1142 -39.28 15.30 -13.27
CA SER A 1142 -37.96 14.96 -12.77
C SER A 1142 -37.74 15.69 -11.46
N LEU A 1143 -37.06 15.04 -10.52
CA LEU A 1143 -36.83 15.61 -9.20
C LEU A 1143 -35.35 15.58 -8.86
N VAL A 1144 -34.90 16.62 -8.17
CA VAL A 1144 -33.49 16.86 -7.90
C VAL A 1144 -33.18 16.48 -6.46
N GLN A 1145 -32.01 15.91 -6.23
CA GLN A 1145 -31.49 15.68 -4.89
C GLN A 1145 -30.09 16.23 -4.79
N ALA A 1146 -29.67 16.57 -3.58
CA ALA A 1146 -28.31 17.04 -3.38
C ALA A 1146 -27.32 15.90 -3.55
N ALA A 1147 -26.07 16.27 -3.83
CA ALA A 1147 -24.99 15.30 -3.96
C ALA A 1147 -23.68 16.03 -3.75
N PRO A 1148 -22.61 15.32 -3.36
CA PRO A 1148 -21.32 16.01 -3.16
C PRO A 1148 -20.92 16.85 -4.34
N GLN A 1149 -20.95 18.18 -4.13
CA GLN A 1149 -20.59 19.15 -5.15
C GLN A 1149 -21.41 18.97 -6.43
N GLY A 1150 -22.70 18.68 -6.29
CA GLY A 1150 -23.51 18.54 -7.49
C GLY A 1150 -24.93 18.15 -7.18
N LEU A 1151 -25.68 17.92 -8.26
CA LEU A 1151 -27.08 17.56 -8.19
C LEU A 1151 -27.31 16.20 -8.85
N LEU A 1152 -28.11 15.36 -8.19
CA LEU A 1152 -28.52 14.09 -8.74
C LEU A 1152 -29.95 14.24 -9.25
N PHE A 1153 -30.11 14.25 -10.56
CA PHE A 1153 -31.42 14.30 -11.17
C PHE A 1153 -32.00 12.91 -11.29
N LEU A 1154 -33.25 12.75 -10.88
CA LEU A 1154 -34.01 11.53 -11.10
C LEU A 1154 -35.10 11.89 -12.08
N HIS A 1155 -34.89 11.57 -13.35
CA HIS A 1155 -35.85 11.84 -14.40
C HIS A 1155 -36.85 10.69 -14.44
N THR A 1156 -38.11 11.00 -14.17
CA THR A 1156 -39.16 10.01 -14.23
C THR A 1156 -39.72 9.97 -15.65
N VAL A 1157 -39.73 8.80 -16.25
CA VAL A 1157 -40.04 8.64 -17.67
C VAL A 1157 -41.01 7.48 -17.84
N LEU A 1158 -41.96 7.64 -18.74
CA LEU A 1158 -42.92 6.59 -19.05
C LEU A 1158 -42.35 5.66 -20.11
N VAL A 1159 -42.57 4.36 -19.92
CA VAL A 1159 -42.11 3.33 -20.83
C VAL A 1159 -43.33 2.50 -21.25
N PRO A 1160 -43.61 2.36 -22.54
CA PRO A 1160 -44.75 1.53 -22.95
C PRO A 1160 -44.51 0.06 -22.62
N SER A 1161 -45.60 -0.65 -22.33
CA SER A 1161 -45.55 -2.09 -22.14
C SER A 1161 -46.37 -2.86 -23.14
N ASP A 1162 -47.30 -2.21 -23.84
CA ASP A 1162 -48.07 -2.86 -24.88
C ASP A 1162 -48.28 -1.88 -26.02
N PHE A 1163 -48.60 -2.42 -27.19
CA PHE A 1163 -48.84 -1.61 -28.37
C PHE A 1163 -50.16 -2.01 -29.00
N VAL A 1164 -51.01 -1.02 -29.28
CA VAL A 1164 -52.30 -1.23 -29.93
C VAL A 1164 -52.12 -0.98 -31.41
N ASP A 1165 -52.41 -1.99 -32.23
CA ASP A 1165 -52.26 -1.90 -33.67
C ASP A 1165 -53.58 -1.45 -34.28
N VAL A 1166 -53.55 -0.32 -35.00
CA VAL A 1166 -54.75 0.26 -35.59
C VAL A 1166 -54.46 0.63 -37.03
N ILE A 1167 -55.54 0.78 -37.80
CA ILE A 1167 -55.47 1.16 -39.20
C ILE A 1167 -55.72 2.66 -39.28
N ALA A 1168 -54.69 3.42 -39.63
CA ALA A 1168 -54.82 4.87 -39.70
C ALA A 1168 -55.71 5.28 -40.86
N ILE A 1169 -56.55 6.29 -40.62
CA ILE A 1169 -57.39 6.87 -41.65
C ILE A 1169 -56.74 8.18 -42.09
N ALA A 1170 -56.27 8.23 -43.33
CA ALA A 1170 -55.60 9.44 -43.82
C ALA A 1170 -56.55 10.62 -43.84
N GLY A 1171 -57.84 10.37 -44.07
CA GLY A 1171 -58.82 11.44 -44.11
C GLY A 1171 -60.11 10.92 -44.70
N LEU A 1172 -61.06 11.85 -44.84
CA LEU A 1172 -62.39 11.54 -45.32
C LEU A 1172 -62.66 12.28 -46.62
N CYS A 1173 -63.21 11.58 -47.61
CA CYS A 1173 -63.71 12.22 -48.82
C CYS A 1173 -65.21 11.87 -48.87
N VAL A 1174 -66.04 12.82 -48.47
CA VAL A 1174 -67.48 12.60 -48.34
C VAL A 1174 -68.16 13.17 -49.57
N ASN A 1175 -69.07 12.37 -50.14
CA ASN A 1175 -69.77 12.65 -51.39
C ASN A 1175 -68.80 12.94 -52.53
N ASP A 1176 -67.55 12.50 -52.37
CA ASP A 1176 -66.47 12.74 -53.34
C ASP A 1176 -66.31 14.23 -53.65
N GLU A 1177 -66.81 15.08 -52.76
CA GLU A 1177 -66.76 16.51 -53.00
C GLU A 1177 -66.17 17.29 -51.83
N ILE A 1178 -66.38 16.85 -50.59
CA ILE A 1178 -65.77 17.50 -49.43
C ILE A 1178 -64.64 16.61 -48.91
N ALA A 1179 -63.44 17.16 -48.86
CA ALA A 1179 -62.31 16.50 -48.23
C ALA A 1179 -62.10 17.06 -46.83
N LEU A 1180 -62.11 16.19 -45.83
CA LEU A 1180 -62.03 16.58 -44.43
C LEU A 1180 -60.91 15.80 -43.77
N THR A 1181 -59.98 16.51 -43.13
CA THR A 1181 -58.81 15.91 -42.52
C THR A 1181 -58.68 16.39 -41.07
N LEU A 1182 -57.74 15.79 -40.36
CA LEU A 1182 -57.49 16.18 -38.97
C LEU A 1182 -56.63 17.43 -38.90
N ARG A 1183 -57.05 18.39 -38.09
CA ARG A 1183 -56.29 19.63 -37.94
C ARG A 1183 -54.96 19.38 -37.21
N GLU A 1184 -54.99 18.59 -36.15
CA GLU A 1184 -53.81 18.38 -35.33
C GLU A 1184 -52.87 17.39 -35.98
N PRO A 1185 -51.62 17.76 -36.25
CA PRO A 1185 -50.67 16.78 -36.81
C PRO A 1185 -50.40 15.60 -35.89
N GLY A 1186 -50.46 15.80 -34.58
CA GLY A 1186 -50.14 14.74 -33.65
C GLY A 1186 -51.34 13.90 -33.23
N LEU A 1187 -52.42 14.01 -33.99
CA LEU A 1187 -53.66 13.29 -33.71
C LEU A 1187 -53.94 12.33 -34.86
N VAL A 1188 -54.28 11.09 -34.52
CA VAL A 1188 -54.53 10.06 -35.53
C VAL A 1188 -55.97 9.61 -35.43
N LEU A 1189 -56.58 9.38 -36.59
CA LEU A 1189 -57.94 8.88 -36.70
C LEU A 1189 -57.89 7.45 -37.23
N PHE A 1190 -58.56 6.53 -36.54
CA PHE A 1190 -58.41 5.12 -36.83
C PHE A 1190 -59.69 4.37 -36.48
N THR A 1191 -59.67 3.07 -36.77
CA THR A 1191 -60.72 2.16 -36.37
C THR A 1191 -60.11 1.01 -35.59
N HIS A 1192 -60.66 0.72 -34.41
CA HIS A 1192 -60.10 -0.29 -33.52
C HIS A 1192 -61.26 -1.06 -32.88
N GLU A 1193 -60.90 -1.99 -31.99
CA GLU A 1193 -61.82 -2.82 -31.20
C GLU A 1193 -62.80 -3.59 -32.07
N LEU A 1194 -63.80 -4.22 -31.45
CA LEU A 1194 -64.74 -5.08 -32.15
C LEU A 1194 -65.46 -4.36 -33.28
N GLN A 1195 -65.65 -3.04 -33.16
CA GLN A 1195 -66.38 -2.26 -34.14
C GLN A 1195 -65.46 -1.53 -35.12
N ASN A 1196 -64.22 -2.01 -35.28
CA ASN A 1196 -63.33 -1.44 -36.29
C ASN A 1196 -63.86 -1.70 -37.70
N HIS A 1197 -64.39 -2.90 -37.93
CA HIS A 1197 -64.97 -3.25 -39.22
C HIS A 1197 -66.41 -3.73 -39.14
N THR A 1198 -66.85 -4.30 -38.01
CA THR A 1198 -68.24 -4.73 -37.89
C THR A 1198 -69.18 -3.53 -37.93
N ALA A 1199 -68.83 -2.44 -37.26
CA ALA A 1199 -69.64 -1.24 -37.24
C ALA A 1199 -68.94 -0.04 -37.85
N THR A 1200 -67.64 -0.16 -38.17
CA THR A 1200 -66.88 0.91 -38.82
C THR A 1200 -66.93 2.21 -38.02
N GLU A 1201 -66.69 2.10 -36.72
CA GLU A 1201 -66.66 3.27 -35.85
C GLU A 1201 -65.25 3.83 -35.80
N TYR A 1202 -65.16 5.16 -35.76
CA TYR A 1202 -63.89 5.87 -35.85
C TYR A 1202 -63.57 6.51 -34.51
N PHE A 1203 -62.28 6.55 -34.18
CA PHE A 1203 -61.80 7.21 -32.98
C PHE A 1203 -60.53 7.99 -33.29
N VAL A 1204 -60.40 9.14 -32.64
CA VAL A 1204 -59.21 9.97 -32.74
C VAL A 1204 -58.46 9.88 -31.42
N SER A 1205 -57.13 9.87 -31.51
CA SER A 1205 -56.32 9.75 -30.31
C SER A 1205 -54.93 10.31 -30.57
N SER A 1206 -54.26 10.69 -29.49
CA SER A 1206 -52.89 11.16 -29.59
C SER A 1206 -51.98 10.01 -30.01
N ARG A 1207 -51.00 10.33 -30.85
CA ARG A 1207 -50.03 9.31 -31.24
C ARG A 1207 -49.08 8.95 -30.10
N ARG A 1208 -48.96 9.82 -29.09
CA ARG A 1208 -48.06 9.55 -27.98
C ARG A 1208 -48.65 8.56 -26.98
N MET A 1209 -49.95 8.59 -26.75
CA MET A 1209 -50.60 7.67 -25.83
C MET A 1209 -51.94 7.24 -26.40
N PHE A 1210 -52.30 5.98 -26.17
CA PHE A 1210 -53.56 5.44 -26.67
C PHE A 1210 -54.69 5.92 -25.78
N GLU A 1211 -55.36 6.99 -26.20
CA GLU A 1211 -56.53 7.53 -25.50
C GLU A 1211 -57.64 7.70 -26.52
N PRO A 1212 -58.34 6.62 -26.86
CA PRO A 1212 -59.39 6.72 -27.88
C PRO A 1212 -60.48 7.69 -27.47
N ARG A 1213 -60.99 8.43 -28.45
CA ARG A 1213 -61.99 9.47 -28.21
C ARG A 1213 -62.82 9.64 -29.47
N LYS A 1214 -64.08 9.98 -29.28
CA LYS A 1214 -64.95 10.26 -30.41
C LYS A 1214 -64.48 11.53 -31.12
N PRO A 1215 -64.48 11.55 -32.45
CA PRO A 1215 -64.02 12.74 -33.17
C PRO A 1215 -64.96 13.91 -32.98
N THR A 1216 -64.40 15.10 -33.14
CA THR A 1216 -65.13 16.35 -32.94
C THR A 1216 -65.01 17.20 -34.19
N VAL A 1217 -66.06 17.98 -34.47
CA VAL A 1217 -66.06 18.83 -35.66
C VAL A 1217 -64.92 19.84 -35.60
N SER A 1218 -64.57 20.29 -34.40
CA SER A 1218 -63.48 21.25 -34.26
C SER A 1218 -62.12 20.65 -34.60
N ASP A 1219 -61.99 19.33 -34.57
CA ASP A 1219 -60.73 18.67 -34.88
C ASP A 1219 -60.54 18.44 -36.36
N PHE A 1220 -61.48 18.83 -37.20
CA PHE A 1220 -61.41 18.59 -38.63
C PHE A 1220 -61.35 19.92 -39.40
N VAL A 1221 -60.63 19.89 -40.51
CA VAL A 1221 -60.52 21.02 -41.42
C VAL A 1221 -60.78 20.54 -42.83
N GLN A 1222 -61.24 21.45 -43.68
CA GLN A 1222 -61.57 21.13 -45.05
C GLN A 1222 -60.40 21.42 -45.99
N ILE A 1223 -60.20 20.54 -46.96
CA ILE A 1223 -59.13 20.63 -47.93
C ILE A 1223 -59.73 20.78 -49.31
N GLU A 1224 -59.09 21.60 -50.14
CA GLU A 1224 -59.65 21.95 -51.44
C GLU A 1224 -59.80 20.75 -52.37
N SER A 1225 -59.04 19.68 -52.15
CA SER A 1225 -59.08 18.51 -53.04
C SER A 1225 -58.94 17.23 -52.26
N CYS A 1226 -59.71 16.22 -52.65
CA CYS A 1226 -59.57 14.89 -52.08
C CYS A 1226 -58.33 14.20 -52.64
N VAL A 1227 -57.94 13.11 -51.99
CA VAL A 1227 -56.87 12.23 -52.46
C VAL A 1227 -57.36 10.80 -52.37
N VAL A 1228 -56.69 9.92 -53.12
CA VAL A 1228 -57.15 8.54 -53.23
C VAL A 1228 -57.04 7.81 -51.89
N THR A 1229 -56.13 8.25 -51.02
CA THR A 1229 -55.91 7.57 -49.75
C THR A 1229 -57.03 7.81 -48.73
N TYR A 1230 -57.95 8.72 -49.00
CA TYR A 1230 -58.97 9.06 -48.03
C TYR A 1230 -60.15 8.08 -48.11
N VAL A 1231 -60.83 7.91 -46.99
CA VAL A 1231 -61.92 6.94 -46.91
C VAL A 1231 -63.15 7.50 -47.61
N ASN A 1232 -63.82 6.65 -48.40
CA ASN A 1232 -65.01 7.05 -49.12
C ASN A 1232 -66.12 7.33 -48.10
N LEU A 1233 -66.95 8.34 -48.36
CA LEU A 1233 -68.03 8.60 -47.43
C LEU A 1233 -69.18 9.28 -48.16
N THR A 1234 -70.36 9.22 -47.53
CA THR A 1234 -71.57 9.88 -48.01
C THR A 1234 -72.09 10.81 -46.92
N ARG A 1235 -72.91 11.78 -47.36
CA ARG A 1235 -73.40 12.80 -46.43
C ARG A 1235 -74.23 12.19 -45.30
N ASP A 1236 -75.08 11.22 -45.60
CA ASP A 1236 -75.89 10.61 -44.56
C ASP A 1236 -75.05 9.79 -43.59
N GLN A 1237 -73.99 9.16 -44.08
CA GLN A 1237 -73.15 8.33 -43.23
C GLN A 1237 -72.24 9.15 -42.32
N LEU A 1238 -71.94 10.39 -42.71
CA LEU A 1238 -70.97 11.18 -41.95
C LEU A 1238 -71.40 11.43 -40.50
N PRO A 1239 -72.65 11.78 -40.19
CA PRO A 1239 -73.00 11.97 -38.76
C PRO A 1239 -72.76 10.75 -37.91
N ASP A 1240 -72.82 9.54 -38.48
CA ASP A 1240 -72.42 8.36 -37.74
C ASP A 1240 -70.96 8.43 -37.36
N VAL A 1241 -70.11 8.85 -38.30
CA VAL A 1241 -68.68 9.01 -37.99
C VAL A 1241 -68.46 10.19 -37.06
N ILE A 1242 -69.13 11.30 -37.32
CA ILE A 1242 -68.97 12.53 -36.54
C ILE A 1242 -70.30 12.82 -35.85
N PRO A 1243 -70.45 12.42 -34.59
CA PRO A 1243 -71.70 12.69 -33.88
C PRO A 1243 -72.01 14.18 -33.74
N ASP A 1244 -70.98 15.02 -33.61
CA ASP A 1244 -71.20 16.45 -33.40
C ASP A 1244 -71.60 17.18 -34.67
N TYR A 1245 -71.56 16.53 -35.83
CA TYR A 1245 -71.94 17.19 -37.07
C TYR A 1245 -73.42 17.53 -37.08
N ILE A 1246 -73.75 18.68 -37.66
CA ILE A 1246 -75.12 19.11 -37.88
C ILE A 1246 -75.33 19.30 -39.37
N ASP A 1247 -76.26 18.55 -39.94
CA ASP A 1247 -76.58 18.67 -41.37
C ASP A 1247 -77.55 19.83 -41.54
N VAL A 1248 -77.01 21.01 -41.85
CA VAL A 1248 -77.82 22.23 -41.88
C VAL A 1248 -78.95 22.10 -42.89
N ASN A 1249 -78.68 21.47 -44.04
CA ASN A 1249 -79.72 21.29 -45.05
C ASN A 1249 -80.87 20.44 -44.51
N LYS A 1250 -80.54 19.37 -43.79
CA LYS A 1250 -81.58 18.48 -43.28
C LYS A 1250 -82.37 19.13 -42.15
N THR A 1251 -81.67 19.79 -41.21
CA THR A 1251 -82.36 20.43 -40.10
C THR A 1251 -83.23 21.60 -40.55
N ARG A 1252 -82.74 22.41 -41.49
CA ARG A 1252 -83.49 23.56 -41.96
C ARG A 1252 -84.70 23.18 -42.81
N ASP A 1253 -84.59 22.09 -43.58
CA ASP A 1253 -85.67 21.62 -44.43
C ASP A 1253 -86.63 20.68 -43.71
N GLU A 1254 -86.66 20.73 -42.38
CA GLU A 1254 -87.56 19.88 -41.61
C GLU A 1254 -88.23 20.69 -40.48
C1 NAG B . -16.52 -8.96 33.49
C2 NAG B . -17.55 -9.83 32.76
C3 NAG B . -18.71 -8.99 32.25
C4 NAG B . -19.29 -8.13 33.36
C5 NAG B . -18.20 -7.30 33.98
C6 NAG B . -18.67 -6.47 35.15
C7 NAG B . -16.38 -9.99 30.59
C8 NAG B . -15.78 -10.92 29.57
N2 NAG B . -16.92 -10.57 31.67
O3 NAG B . -19.71 -9.84 31.71
O4 NAG B . -20.30 -7.26 32.85
O5 NAG B . -17.18 -8.18 34.49
O6 NAG B . -19.72 -7.10 35.86
O7 NAG B . -16.35 -8.77 30.44
C1 NAG B . -21.56 -7.75 33.31
C2 NAG B . -22.54 -6.57 33.43
C3 NAG B . -23.92 -7.05 33.85
C4 NAG B . -24.40 -8.15 32.91
C5 NAG B . -23.36 -9.27 32.82
C6 NAG B . -23.72 -10.34 31.83
C7 NAG B . -22.36 -4.29 34.31
C8 NAG B . -21.75 -3.42 35.38
N2 NAG B . -22.04 -5.58 34.38
O3 NAG B . -24.84 -5.97 33.84
O4 NAG B . -25.63 -8.69 33.38
O5 NAG B . -22.11 -8.72 32.41
O6 NAG B . -22.56 -10.94 31.26
O7 NAG B . -23.11 -3.84 33.46
C1 BMA B . -26.68 -8.30 32.47
C2 BMA B . -27.80 -9.37 32.56
C3 BMA B . -29.03 -8.92 31.74
C4 BMA B . -29.43 -7.49 32.10
C5 BMA B . -28.23 -6.54 31.92
C6 BMA B . -28.54 -5.10 32.26
O2 BMA B . -28.24 -9.54 33.89
O3 BMA B . -30.13 -9.80 31.93
O4 BMA B . -30.50 -7.06 31.28
O5 BMA B . -27.18 -7.00 32.78
O6 BMA B . -28.78 -5.02 33.66
C1 FUC B . -19.22 -7.51 37.15
C2 FUC B . -20.43 -7.59 38.09
C3 FUC B . -21.36 -8.72 37.65
C4 FUC B . -20.58 -10.04 37.62
C5 FUC B . -19.36 -9.90 36.70
C6 FUC B . -18.45 -11.11 36.75
O2 FUC B . -21.12 -6.37 38.17
O3 FUC B . -22.44 -8.86 38.57
O4 FUC B . -20.16 -10.38 38.94
O5 FUC B . -18.55 -8.75 37.05
C1 NAG C . 19.09 1.92 8.40
C2 NAG C . 18.31 1.01 7.48
C3 NAG C . 19.00 -0.36 7.37
C4 NAG C . 20.47 -0.20 7.02
C5 NAG C . 21.14 0.77 7.98
C6 NAG C . 22.57 1.09 7.64
C7 NAG C . 15.91 0.73 7.09
C8 NAG C . 14.56 0.58 7.73
N2 NAG C . 16.94 0.87 7.92
O3 NAG C . 18.33 -1.12 6.37
O4 NAG C . 21.14 -1.46 7.12
O5 NAG C . 20.43 2.03 7.96
O6 NAG C . 23.16 0.06 6.84
O7 NAG C . 16.04 0.73 5.87
C1 NAG C . 21.18 -2.13 5.85
C2 NAG C . 22.44 -2.98 5.77
C3 NAG C . 22.46 -3.79 4.47
C4 NAG C . 21.18 -4.59 4.32
C5 NAG C . 19.97 -3.68 4.47
C6 NAG C . 18.65 -4.42 4.45
C7 NAG C . 24.84 -2.60 6.16
C8 NAG C . 25.94 -1.59 6.21
N2 NAG C . 23.63 -2.13 5.86
O3 NAG C . 23.59 -4.66 4.47
O4 NAG C . 21.14 -5.20 3.03
O5 NAG C . 20.03 -2.98 5.72
O6 NAG C . 17.56 -3.54 4.70
O7 NAG C . 25.05 -3.79 6.36
C1 BMA C . 21.16 -6.65 3.14
C2 BMA C . 19.88 -7.15 2.43
C3 BMA C . 19.95 -8.66 2.09
C4 BMA C . 21.31 -9.05 1.55
C5 BMA C . 22.39 -8.60 2.52
C6 BMA C . 23.78 -9.02 2.11
O2 BMA C . 19.66 -6.47 1.21
O3 BMA C . 18.94 -9.05 1.18
O4 BMA C . 21.39 -10.46 1.38
O5 BMA C . 22.35 -7.17 2.57
O6 BMA C . 24.21 -8.17 1.07
C1 MAN C . 17.76 -9.43 1.90
C2 MAN C . 17.48 -10.94 1.63
C3 MAN C . 16.90 -11.15 0.23
C4 MAN C . 15.77 -10.15 -0.08
C5 MAN C . 16.28 -8.73 0.15
C6 MAN C . 15.22 -7.66 -0.11
O2 MAN C . 16.50 -11.46 2.53
O3 MAN C . 16.42 -12.48 0.05
O4 MAN C . 15.34 -10.28 -1.42
O5 MAN C . 16.68 -8.60 1.53
O6 MAN C . 15.89 -6.42 -0.28
C1 MAN C . 24.62 -8.96 -0.06
C2 MAN C . 25.82 -8.24 -0.74
C3 MAN C . 25.32 -7.00 -1.48
C4 MAN C . 24.15 -7.34 -2.40
C5 MAN C . 23.02 -7.98 -1.59
C6 MAN C . 21.83 -8.40 -2.44
O2 MAN C . 26.43 -9.06 -1.74
O3 MAN C . 26.37 -6.37 -2.22
O4 MAN C . 23.65 -6.16 -3.02
O5 MAN C . 23.55 -9.17 -0.95
O6 MAN C . 22.24 -9.47 -3.27
C1 NAG D . 25.08 -21.88 10.38
C2 NAG D . 25.75 -23.11 10.99
C3 NAG D . 26.27 -24.02 9.88
C4 NAG D . 25.16 -24.36 8.90
C5 NAG D . 24.49 -23.08 8.39
C6 NAG D . 23.28 -23.36 7.53
C7 NAG D . 26.78 -22.96 13.20
C8 NAG D . 27.98 -22.51 13.99
N2 NAG D . 26.83 -22.73 11.88
O3 NAG D . 26.78 -25.22 10.47
O4 NAG D . 25.69 -25.10 7.80
O5 NAG D . 24.05 -22.29 9.50
O6 NAG D . 22.52 -24.44 8.07
O7 NAG D . 25.83 -23.51 13.74
C1 FUC D . 21.21 -23.96 8.46
C2 FUC D . 20.80 -24.75 9.73
C3 FUC D . 20.02 -23.86 10.72
C4 FUC D . 19.10 -22.90 9.98
C5 FUC D . 19.94 -21.97 9.07
C6 FUC D . 19.23 -21.56 7.79
O2 FUC D . 21.92 -25.35 10.38
O3 FUC D . 19.20 -24.67 11.57
O4 FUC D . 18.13 -23.60 9.21
O5 FUC D . 21.20 -22.56 8.68
C1 NAG E . 3.42 -0.69 32.64
C2 NAG E . 3.95 0.75 32.58
C3 NAG E . 2.86 1.70 32.09
C4 NAG E . 1.56 1.47 32.85
C5 NAG E . 1.16 0.00 32.81
C6 NAG E . -0.17 -0.25 32.15
C7 NAG E . 5.69 1.66 34.06
C8 NAG E . 6.05 2.05 35.46
N2 NAG E . 4.46 1.17 33.88
O3 NAG E . 2.65 1.50 30.70
O4 NAG E . 1.76 1.87 34.21
O5 NAG E . 2.14 -0.74 32.06
O6 NAG E . -0.31 -1.60 31.75
O7 NAG E . 6.47 1.77 33.12
C1 NAG E . 0.50 2.14 34.86
C2 NAG E . 0.83 2.38 36.33
C3 NAG E . -0.44 2.68 37.10
C4 NAG E . -1.18 3.85 36.47
C5 NAG E . -1.40 3.58 34.98
C6 NAG E . -2.00 4.77 34.25
C7 NAG E . 2.69 1.38 37.57
C8 NAG E . 3.24 2.77 37.69
N2 NAG E . 1.54 1.26 36.91
O3 NAG E . -0.10 2.97 38.44
O4 NAG E . -2.45 4.04 37.08
O5 NAG E . -0.17 3.28 34.32
O6 NAG E . -1.01 5.72 33.90
O7 NAG E . 3.27 0.40 38.05
C1 BMA E . -2.42 4.94 38.21
C2 BMA E . -3.32 4.26 39.29
C3 BMA E . -3.00 4.72 40.71
C4 BMA E . -1.50 4.78 40.94
C5 BMA E . -0.93 5.78 39.95
C6 BMA E . 0.54 6.06 40.18
O2 BMA E . -3.15 2.85 39.27
O3 BMA E . -3.61 3.89 41.69
O4 BMA E . -1.22 5.20 42.27
O5 BMA E . -1.08 5.21 38.65
O6 BMA E . 0.75 6.30 41.56
C1 NAG F . 32.97 -13.09 23.87
C2 NAG F . 34.12 -13.60 24.72
C3 NAG F . 34.24 -15.11 24.60
C4 NAG F . 32.91 -15.77 24.93
C5 NAG F . 31.80 -15.18 24.06
C6 NAG F . 30.43 -15.71 24.41
C7 NAG F . 35.79 -11.80 24.89
C8 NAG F . 37.10 -11.28 24.38
N2 NAG F . 35.37 -12.96 24.34
O3 NAG F . 35.24 -15.58 25.50
O4 NAG F . 32.99 -17.18 24.71
O5 NAG F . 31.76 -13.76 24.24
O6 NAG F . 29.65 -15.92 23.24
O7 NAG F . 35.13 -11.21 25.72
C1 NAG F . 32.86 -17.84 25.98
C2 NAG F . 32.11 -19.15 25.77
C3 NAG F . 32.01 -19.92 27.09
C4 NAG F . 33.39 -20.09 27.72
C5 NAG F . 34.08 -18.73 27.85
C6 NAG F . 35.50 -18.85 28.35
C7 NAG F . 30.24 -19.71 24.29
C8 NAG F . 28.87 -19.31 23.83
N2 NAG F . 30.79 -18.91 25.21
O3 NAG F . 31.41 -21.18 26.86
O4 NAG F . 33.26 -20.67 29.01
O5 NAG F . 34.15 -18.11 26.56
O6 NAG F . 35.55 -18.70 29.77
O7 NAG F . 30.81 -20.69 23.85
C1 NAG G . 24.43 9.59 39.47
C2 NAG G . 25.07 11.00 39.59
C3 NAG G . 25.63 11.22 40.97
C4 NAG G . 24.55 11.02 42.01
C5 NAG G . 24.05 9.59 41.89
C6 NAG G . 22.96 9.26 42.90
C7 NAG G . 26.22 12.33 37.88
C8 NAG G . 27.34 12.37 36.89
N2 NAG G . 26.10 11.20 38.58
O3 NAG G . 26.15 12.54 41.07
O4 NAG G . 25.10 11.28 43.31
O5 NAG G . 23.50 9.37 40.58
O6 NAG G . 23.46 8.47 43.97
O7 NAG G . 25.45 13.28 38.03
C1 FUC G . 23.69 9.34 45.11
C2 FUC G . 23.53 8.52 46.41
C3 FUC G . 24.61 7.45 46.53
C4 FUC G . 26.00 8.10 46.43
C5 FUC G . 26.10 8.95 45.15
C6 FUC G . 27.35 9.81 45.13
O2 FUC G . 22.22 7.96 46.55
O3 FUC G . 24.53 6.83 47.80
O4 FUC G . 26.25 8.91 47.56
O5 FUC G . 24.99 9.89 45.04
C1 NAG H . 22.26 -10.92 34.64
C2 NAG H . 23.73 -11.31 34.83
C3 NAG H . 24.03 -11.55 36.31
C4 NAG H . 23.56 -10.38 37.16
C5 NAG H . 22.10 -10.04 36.85
C6 NAG H . 21.61 -8.81 37.57
C7 NAG H . 24.66 -12.41 32.86
C8 NAG H . 24.93 -13.73 32.19
N2 NAG H . 24.05 -12.48 34.05
O3 NAG H . 25.43 -11.74 36.47
O4 NAG H . 23.67 -10.74 38.54
O5 NAG H . 21.95 -9.79 35.44
O6 NAG H . 21.93 -7.62 36.85
O7 NAG H . 24.97 -11.34 32.34
C1 NAG H . 24.59 -9.87 39.21
C2 NAG H . 24.26 -9.94 40.69
C3 NAG H . 25.19 -9.04 41.49
C4 NAG H . 26.64 -9.39 41.19
C5 NAG H . 26.89 -9.37 39.68
C6 NAG H . 28.28 -9.85 39.31
C7 NAG H . 22.00 -10.42 41.52
C8 NAG H . 20.61 -9.90 41.70
N2 NAG H . 22.87 -9.59 40.94
O3 NAG H . 24.91 -9.19 42.87
O4 NAG H . 27.50 -8.44 41.82
O5 NAG H . 25.96 -10.24 39.02
O6 NAG H . 28.83 -10.69 40.32
O7 NAG H . 22.33 -11.54 41.90
C1 BMA H . 28.01 -8.98 43.05
C2 BMA H . 29.31 -8.23 43.41
C3 BMA H . 29.79 -8.64 44.80
C4 BMA H . 28.66 -8.59 45.84
C5 BMA H . 27.46 -9.41 45.35
C6 BMA H . 26.28 -9.38 46.31
O2 BMA H . 29.08 -6.83 43.47
O3 BMA H . 30.90 -7.85 45.24
O4 BMA H . 29.12 -9.11 47.08
O5 BMA H . 27.04 -8.87 44.09
O6 BMA H . 25.30 -10.31 45.85
C1 NAG I . 63.10 -10.37 -41.62
C2 NAG I . 63.12 -11.86 -41.26
C3 NAG I . 62.39 -12.68 -42.32
C4 NAG I . 61.01 -12.09 -42.61
C5 NAG I . 61.12 -10.60 -42.91
C6 NAG I . 59.78 -9.93 -43.11
C7 NAG I . 65.41 -12.36 -42.04
C8 NAG I . 66.74 -12.92 -41.64
N2 NAG I . 64.48 -12.34 -41.07
O3 NAG I . 62.28 -14.02 -41.88
O4 NAG I . 60.46 -12.75 -43.76
O5 NAG I . 61.76 -9.94 -41.81
O6 NAG I . 58.71 -10.77 -42.72
O7 NAG I . 65.19 -11.95 -43.17
C1 NAG I . 59.49 -13.74 -43.33
C2 NAG I . 58.47 -13.91 -44.44
C3 NAG I . 57.44 -14.98 -44.05
C4 NAG I . 58.15 -16.28 -43.67
C5 NAG I . 59.19 -16.01 -42.59
C6 NAG I . 60.01 -17.22 -42.23
C7 NAG I . 58.26 -11.79 -45.65
C8 NAG I . 57.45 -10.54 -45.84
N2 NAG I . 57.81 -12.65 -44.74
O3 NAG I . 56.57 -15.21 -45.15
O4 NAG I . 57.20 -17.22 -43.18
O5 NAG I . 60.12 -15.00 -43.04
O6 NAG I . 59.83 -18.26 -43.19
O7 NAG I . 59.28 -12.00 -46.30
C1 NAG J . -10.56 -22.63 -12.75
C2 NAG J . -10.15 -24.09 -12.66
C3 NAG J . -10.94 -24.78 -11.57
C4 NAG J . -10.84 -24.01 -10.25
C5 NAG J . -10.91 -22.48 -10.39
C6 NAG J . -10.28 -21.76 -9.22
C7 NAG J . -11.23 -25.09 -14.73
C8 NAG J . -12.59 -24.61 -14.30
N2 NAG J . -10.18 -24.80 -13.94
O3 NAG J . -10.45 -26.11 -11.40
O4 NAG J . -11.87 -24.53 -9.39
O5 NAG J . -10.22 -21.99 -11.56
O6 NAG J . -9.73 -22.66 -8.27
O7 NAG J . -11.09 -25.72 -15.77
C1 NAG J . -12.88 -23.68 -8.82
C2 NAG J . -14.28 -23.90 -9.43
C3 NAG J . -15.36 -23.17 -8.63
C4 NAG J . -15.26 -23.49 -7.15
C5 NAG J . -13.85 -23.18 -6.66
C6 NAG J . -13.63 -23.51 -5.21
C7 NAG J . -14.18 -22.23 -11.26
C8 NAG J . -14.27 -22.02 -12.73
N2 NAG J . -14.31 -23.50 -10.83
O3 NAG J . -16.64 -23.54 -9.12
O4 NAG J . -16.18 -22.69 -6.42
O5 NAG J . -12.91 -23.97 -7.42
O6 NAG J . -13.79 -24.91 -4.97
O7 NAG J . -13.98 -21.29 -10.47
C1 NAG K . 28.65 -15.58 -34.96
C2 NAG K . 28.62 -16.44 -33.69
C3 NAG K . 29.92 -17.23 -33.54
C4 NAG K . 30.24 -17.98 -34.83
C5 NAG K . 30.16 -17.06 -36.04
C6 NAG K . 30.29 -17.80 -37.35
C7 NAG K . 28.93 -14.69 -31.89
C8 NAG K . 30.20 -14.20 -32.52
N2 NAG K . 28.27 -15.71 -32.48
O3 NAG K . 29.79 -18.15 -32.46
O4 NAG K . 31.57 -18.49 -34.77
O5 NAG K . 28.89 -16.40 -36.08
O6 NAG K . 29.68 -19.07 -37.29
O7 NAG K . 28.51 -14.18 -30.84
C1 NAG K . 31.59 -19.89 -34.41
C2 NAG K . 32.38 -20.68 -35.46
C3 NAG K . 32.47 -22.14 -35.06
C4 NAG K . 33.07 -22.26 -33.65
C5 NAG K . 32.24 -21.43 -32.67
C6 NAG K . 32.83 -21.40 -31.28
C7 NAG K . 32.49 -20.32 -37.89
C8 NAG K . 33.97 -20.17 -37.70
N2 NAG K . 31.77 -20.55 -36.78
O3 NAG K . 33.27 -22.84 -36.00
O4 NAG K . 33.10 -23.61 -33.22
O5 NAG K . 32.18 -20.07 -33.12
O6 NAG K . 34.16 -20.92 -31.28
O7 NAG K . 31.96 -20.22 -38.99
C1 BMA K . 34.35 -24.25 -33.55
C2 BMA K . 35.55 -23.36 -33.11
C3 BMA K . 36.86 -24.07 -33.44
C4 BMA K . 36.88 -25.51 -32.88
C5 BMA K . 35.62 -26.28 -33.33
C6 BMA K . 35.53 -27.67 -32.74
O2 BMA K . 35.54 -23.17 -31.70
O3 BMA K . 37.98 -23.35 -32.98
O4 BMA K . 38.04 -26.19 -33.32
O5 BMA K . 34.45 -25.54 -32.93
O6 BMA K . 35.45 -27.54 -31.32
C1 NAG L . -19.00 -16.52 -25.79
C2 NAG L . -20.05 -16.17 -26.83
C3 NAG L . -19.65 -16.71 -28.20
C4 NAG L . -18.21 -16.34 -28.55
C5 NAG L . -17.27 -16.62 -27.38
C6 NAG L . -15.87 -16.09 -27.61
C7 NAG L . -21.68 -17.94 -26.26
C8 NAG L . -23.10 -18.21 -25.86
N2 NAG L . -21.37 -16.65 -26.45
O3 NAG L . -20.55 -16.12 -29.15
O4 NAG L . -17.69 -17.08 -29.65
O5 NAG L . -17.76 -16.01 -26.18
O6 NAG L . -15.90 -14.87 -28.34
O7 NAG L . -20.86 -18.84 -26.40
C1 NAG L . -18.62 -17.81 -30.49
C2 NAG L . -18.46 -17.29 -31.91
C3 NAG L . -19.39 -18.03 -32.86
C4 NAG L . -19.17 -19.54 -32.73
C5 NAG L . -19.30 -19.97 -31.27
C6 NAG L . -18.99 -21.43 -31.05
C7 NAG L . -17.78 -14.93 -31.69
C8 NAG L . -18.22 -13.50 -31.82
N2 NAG L . -18.71 -15.85 -31.98
O3 NAG L . -19.14 -17.62 -34.20
O4 NAG L . -20.14 -20.23 -33.50
O5 NAG L . -18.39 -19.22 -30.46
O6 NAG L . -18.15 -21.94 -32.07
O7 NAG L . -16.64 -15.23 -31.36
C1 NAG M . -50.98 -4.52 -41.12
C2 NAG M . -52.38 -5.01 -40.75
C3 NAG M . -52.73 -6.28 -41.52
C4 NAG M . -52.43 -6.14 -43.01
C5 NAG M . -51.04 -5.57 -43.24
C6 NAG M . -50.75 -5.25 -44.68
C7 NAG M . -51.83 -6.08 -38.59
C8 NAG M . -52.15 -6.12 -37.13
N2 NAG M . -52.54 -5.20 -39.31
O3 NAG M . -54.13 -6.52 -41.32
O4 NAG M . -52.49 -7.38 -43.72
O5 NAG M . -50.88 -4.34 -42.51
O6 NAG M . -50.69 -3.84 -44.90
O7 NAG M . -50.99 -6.82 -39.09
C1 NAG M . -52.85 -8.57 -42.99
C2 NAG M . -54.13 -9.11 -43.64
C3 NAG M . -54.54 -10.43 -43.00
C4 NAG M . -53.37 -11.41 -43.03
C5 NAG M . -52.15 -10.79 -42.37
C6 NAG M . -50.92 -11.66 -42.42
C7 NAG M . -55.36 -7.12 -44.39
C8 NAG M . -56.53 -6.22 -44.13
N2 NAG M . -55.21 -8.14 -43.54
O3 NAG M . -55.65 -10.97 -43.69
O4 NAG M . -53.72 -12.62 -42.37
O5 NAG M . -51.82 -9.56 -43.04
O6 NAG M . -50.76 -12.24 -43.71
O7 NAG M . -54.58 -6.92 -45.32
C1 BMA M . -53.74 -13.72 -43.32
C2 BMA M . -55.11 -14.43 -43.23
C3 BMA M . -55.73 -14.66 -44.63
C4 BMA M . -54.71 -15.03 -45.76
C5 BMA M . -53.35 -14.34 -45.57
C6 BMA M . -52.77 -13.79 -46.85
O2 BMA M . -56.03 -13.65 -42.48
O3 BMA M . -56.53 -13.54 -45.04
O4 BMA M . -54.55 -16.44 -45.81
O5 BMA M . -53.51 -13.26 -44.64
O6 BMA M . -53.57 -12.68 -47.26
C1 NAG N . -42.75 4.85 1.84
C2 NAG N . -43.15 3.45 2.27
C3 NAG N . -42.66 3.17 3.70
C4 NAG N . -41.19 3.55 3.87
C5 NAG N . -40.85 4.89 3.20
C6 NAG N . -39.36 5.13 3.09
C7 NAG N . -45.64 3.76 2.69
C8 NAG N . -45.37 4.89 3.65
N2 NAG N . -44.57 3.16 2.11
O3 NAG N . -42.85 1.80 4.01
O4 NAG N . -40.96 3.74 5.26
O5 NAG N . -41.36 4.96 1.86
O6 NAG N . -38.92 6.12 4.01
O7 NAG N . -46.78 3.39 2.45
C1 NAG N . -39.93 2.90 5.79
C2 NAG N . -39.84 3.25 7.28
C3 NAG N . -38.83 2.37 8.01
C4 NAG N . -39.11 0.90 7.72
C5 NAG N . -39.19 0.67 6.22
C6 NAG N . -39.55 -0.76 5.85
C7 NAG N . -38.54 5.43 7.18
C8 NAG N . -37.41 4.75 6.43
N2 NAG N . -39.59 4.68 7.52
O3 NAG N . -38.91 2.61 9.41
O4 NAG N . -38.07 0.09 8.26
O5 NAG N . -40.21 1.50 5.65
O6 NAG N . -38.47 -1.65 6.11
O7 NAG N . -38.49 6.63 7.45
C1 NAG O . -62.67 6.49 -52.68
C2 NAG O . -62.15 5.10 -53.09
C3 NAG O . -60.93 5.25 -54.00
C4 NAG O . -61.29 6.12 -55.20
C5 NAG O . -61.87 7.46 -54.73
C6 NAG O . -62.35 8.33 -55.87
C7 NAG O . -60.88 4.56 -51.03
C8 NAG O . -60.72 3.57 -49.92
N2 NAG O . -61.83 4.26 -51.93
O3 NAG O . -60.52 3.96 -54.43
O4 NAG O . -60.13 6.37 -56.00
O5 NAG O . -62.99 7.24 -53.86
O6 NAG O . -62.76 7.53 -56.97
O7 NAG O . -60.19 5.57 -51.10
C1 NAG O . -60.08 5.45 -57.10
C2 NAG O . -59.15 6.03 -58.18
C3 NAG O . -59.00 5.05 -59.33
C4 NAG O . -58.56 3.68 -58.81
C5 NAG O . -59.51 3.20 -57.73
C6 NAG O . -59.08 1.90 -57.09
C7 NAG O . -58.94 8.44 -58.61
C8 NAG O . -57.56 8.33 -58.03
N2 NAG O . -59.66 7.31 -58.65
O3 NAG O . -58.04 5.55 -60.25
O4 NAG O . -58.53 2.74 -59.88
O5 NAG O . -59.59 4.18 -56.68
O6 NAG O . -58.06 1.27 -57.85
O7 NAG O . -59.39 9.51 -59.02
C1 FUC O . -64.19 7.64 -57.13
C2 FUC O . -64.54 7.17 -58.55
C3 FUC O . -64.27 5.67 -58.70
C4 FUC O . -65.03 4.88 -57.63
C5 FUC O . -64.69 5.44 -56.23
C6 FUC O . -65.54 4.83 -55.12
O2 FUC O . -63.86 7.92 -59.54
O3 FUC O . -64.73 5.21 -59.97
O4 FUC O . -66.43 4.97 -57.85
O5 FUC O . -64.86 6.87 -56.15
C1 NAG P . 5.64 -12.66 70.75
C2 NAG P . 4.39 -11.83 71.03
C3 NAG P . 4.74 -10.66 71.95
C4 NAG P . 5.44 -11.17 73.20
C5 NAG P . 6.64 -12.04 72.84
C6 NAG P . 7.28 -12.69 74.04
C7 NAG P . 2.61 -11.79 69.35
C8 NAG P . 2.14 -11.19 68.06
N2 NAG P . 3.79 -11.35 69.80
O3 NAG P . 3.55 -9.97 72.30
O4 NAG P . 5.88 -10.07 73.99
O5 NAG P . 6.21 -13.11 71.98
O6 NAG P . 6.31 -13.26 74.90
O7 NAG P . 1.96 -12.64 69.94
C1 NAG Q . 45.23 -7.84 18.81
C2 NAG Q . 44.43 -9.13 18.58
C3 NAG Q . 45.23 -10.11 17.73
C4 NAG Q . 45.70 -9.45 16.44
C5 NAG Q . 46.47 -8.17 16.76
C6 NAG Q . 46.87 -7.39 15.53
C7 NAG Q . 42.77 -9.86 20.23
C8 NAG Q . 42.56 -10.51 21.56
N2 NAG Q . 44.04 -9.73 19.84
O3 NAG Q . 44.42 -11.24 17.42
O4 NAG Q . 46.54 -10.34 15.72
O5 NAG Q . 45.64 -7.29 17.54
O6 NAG Q . 47.70 -8.18 14.69
O7 NAG Q . 41.83 -9.46 19.54
C1 NAG R . 74.88 -10.13 -45.61
C2 NAG R . 75.87 -10.01 -46.76
C3 NAG R . 75.31 -9.08 -47.82
C4 NAG R . 73.93 -9.57 -48.25
C5 NAG R . 73.04 -9.76 -47.01
C6 NAG R . 71.66 -10.27 -47.34
C7 NAG R . 77.43 -8.41 -45.66
C8 NAG R . 78.86 -8.17 -45.28
N2 NAG R . 77.18 -9.56 -46.30
O3 NAG R . 76.18 -9.00 -48.93
O4 NAG R . 73.34 -8.67 -49.17
O5 NAG R . 73.64 -10.69 -46.09
O6 NAG R . 71.01 -9.38 -48.25
O7 NAG R . 76.55 -7.59 -45.40
C1 NAG S . 12.30 -19.58 -40.58
C2 NAG S . 11.65 -19.31 -39.20
C3 NAG S . 10.73 -20.46 -38.80
C4 NAG S . 9.75 -20.79 -39.92
C5 NAG S . 10.50 -21.04 -41.22
C6 NAG S . 9.60 -21.30 -42.40
C7 NAG S . 12.42 -18.39 -37.06
C8 NAG S . 13.57 -18.27 -36.10
N2 NAG S . 12.65 -19.09 -38.17
O3 NAG S . 10.02 -20.12 -37.63
O4 NAG S . 9.00 -21.94 -39.59
O5 NAG S . 11.28 -19.88 -41.55
O6 NAG S . 8.83 -22.48 -42.20
O7 NAG S . 11.33 -17.88 -36.82
C1 NAG T . -52.45 -3.85 -21.61
C2 NAG T . -53.63 -3.68 -20.63
C3 NAG T . -54.73 -4.69 -20.94
C4 NAG T . -55.12 -4.63 -22.42
C5 NAG T . -53.88 -4.78 -23.29
C6 NAG T . -54.17 -4.63 -24.76
C7 NAG T . -52.66 -4.90 -18.71
C8 NAG T . -52.30 -4.81 -17.26
N2 NAG T . -53.20 -3.79 -19.25
O3 NAG T . -55.87 -4.43 -20.14
O4 NAG T . -56.03 -5.69 -22.72
O5 NAG T . -52.93 -3.77 -22.95
O6 NAG T . -53.30 -3.68 -25.37
O7 NAG T . -52.49 -5.93 -19.36
C1 NAG U . -38.22 -3.56 -8.29
C2 NAG U . -39.25 -3.61 -7.14
C3 NAG U . -40.13 -4.85 -7.27
C4 NAG U . -40.77 -4.90 -8.66
C5 NAG U . -39.69 -4.82 -9.73
C6 NAG U . -40.25 -4.76 -11.14
C7 NAG U . -39.00 -2.83 -4.83
C8 NAG U . -38.19 -2.95 -3.56
N2 NAG U . -38.59 -3.60 -5.85
O3 NAG U . -41.14 -4.81 -6.27
O4 NAG U . -41.51 -6.09 -8.81
O5 NAG U . -38.90 -3.64 -9.55
O6 NAG U . -40.77 -3.47 -11.43
O7 NAG U . -39.96 -2.09 -4.93
#